data_7UM1
#
_entry.id   7UM1
#
_cell.length_a   1.00
_cell.length_b   1.00
_cell.length_c   1.00
_cell.angle_alpha   90.00
_cell.angle_beta   90.00
_cell.angle_gamma   90.00
#
_symmetry.space_group_name_H-M   'P 1'
#
loop_
_entity.id
_entity.type
_entity.pdbx_description
1 polymer 'DNA-directed RNA polymerase subunit'
2 polymer "DNA-directed RNA polymerase beta' subunit"
3 polymer 'DNA-directed RNA polymerase beta subunit'
4 polymer 'DNA-directed RNA polymerase'
5 polymer 'DNA-directed RNA polymerase'
6 non-polymer 'ZINC ION'
#
loop_
_entity_poly.entity_id
_entity_poly.type
_entity_poly.pdbx_seq_one_letter_code
_entity_poly.pdbx_strand_id
1 'polypeptide(L)'
;MDILENYVSFDEQARDINIAFDKLFGRDDISHMNNFSINKRSYYNCLDQISDDLNLVLNKYNDLAYSLLEIRYNMATKEN
YTHMEFYSDIERLFIKNEKLLNVISDIVEEEYDLDLNQASKGKKINIELQVTDNLNKIYLKSSVLMRILIPILCDFNCDD
DINEVLVYDIFKEVIKSFDDGKKNALNKLYKIIYSRVFETKYSDVVIWTYLKNMSTDLMIIVKDYFKVIIKKIFPKLKHN
SSVISYLDVVIKQKLKYLFTFKYPISYKPLKAETTDDEELSEQERMEINLLRNDQGNSIINECSIKQEIAKIKKKYNVTD
EVMKEFINGRELNSIQIYLVKIYYSNKFKVNSNKNDIFYLLYGMTRELGEMNFSIIPEILSCAIAPNVRKMNNRKKLVDK
IIHSDKYSYLLKSYLPIKNILDKNNVILQLMTIKNAKFMNKENKEVDFSTDHLAEEVLDMLLCI
;
A
2 'polypeptide(L)'
;MGSSHHHHHHSSGENLYFQGHHMGKKLSLIDFNEIYNEENLITRANPIENHEFSDDGIYSERIFGSYNEDDDDKDIDTIG
WINIEPYYIINPILFTIIKKCIPSINKIINYQQSIDQNGENIDLTEEIGEDDYIGLVKFKDNFDDLLEKYTDKKKYQKEY
DFLIENHDKIFINKLPVFSHKLRPATLLTGSKGKVLAFDEINNYYNFVIEYINQINEGVVSDDSIDLLLLPLLYNMQFYA
NNILTRIISEYLRGKKGFLRKNIMGSRINFSARNVITPLIGHPIDEVAMPYKTFAELYKFQLINLISKVKGINYNEALKF
WEKGILGFNQELYNYMEELITKTKGGCTFLLNRNPTISIGSILYLKIGLIKKDYKDLTLGISNNLLSALSGDYDGDVLNI
IPVFDNKMKEHFSLLSPQNFLVDRNNGRFNGDFDLQKDQILGIFILNN
;
d
3 'polypeptide(L)'
;MISNFRKFHGNKNQEKFNENLILNKENESILNYLDPICKTLEIIPEITYLGSSVEPINKVYKFNKEEKTSDIERSELQLI
KMSFLIEKDDKKEEINKFIYFPKLIDSQYFIINGNRYYPIYQLLDSGTYRTNKALTLKTLLMPIVLREKKETFDDINGET
HTMLNVDLDLFKSKVPFLIYFFSKFGFEGTLEYFGLQDLIHVLMKEDLDQLDEDEINDNVIFMITKNISLVVDKNFFSNK
NNQIIIATLLNCFNTRIKIDKIYEKDYWVKKLGGYFTTNNSNKQEKGEGIILSFERILDEWTKKILRTEEKNKEDIYSVV
RWMINNYLALVKQDNMNLANKRIRLYEYLLHPLLIKFSKGTYRVLNNRNSNKFEKIKTIFSNIQEGFLVKKIINNELLRY
DNSVNSISLFTLILRYTQSGPQSPFSSNSTNNKLRGLHPSYLGRLGLTSTSAGDPGASGSLTPFLELPENSYMHFTEEPE
INLNIDDISIDEVIES
;
c
4 'polypeptide(L)'
;MEKTYNLNDILLSNEYEKIKEDIKEEIINDMASKKVKYSNTSEFAKNDFLKDEFIDLVVDGETYEITYGNLITLLIVARP
FNHFKVPMTEDLLFDLSDLKEYQNYYTTLLEHFGYSNEIKSIIKDVISELAIFSGDINVTFGNTVSIKSLIDLGNKVKRF
RELLHYRLPNDEALEFNDIEAIIKKNLDEIMKILSETDNMLRYYIDSGAGINSKQFGQVLSLVGSKPDLFGKIIPYPINT
SFLRGLDVRSFYINALGARKALITNYQQVRNSGYLTRKISMLLMDTKLIDLDDCGSHENNYLSINVENKDVLKRFSKRSY
LNNNGELVEIDINDESLIGQVIKIPSPTTCASNEGVCRKCYGKLFDINKDLNIGMIAVLLLTDPLTQRLLSAKHLLETRS
SKIDWGTNFEENFIVNRNLIYPKVYNGTVIIKEDDFKEDEETEEQVFDTFTLKSGNRFISISSPMRLFLNKDLKKQLDES
FYNIEEMQFEIPLNKLDEGDSFATFIMDNNELSKPLREIKDLIETNKYIKDHNVNEVVNYFIYLLNESGINIQSVHSELI
IREMMKLDDSDRTQFKNDKMPDYEIFRITDANLKGDSLSRSLLFEQVKKQLTTLDYDTFNKTKSSILDKLL
;
D
5 'polypeptide(L)'
;MDDISVIKNEDYEGSHRFLAEELLMPNANKTDGNRSTMFCSHLAQAVTLQKAEPPLVYTNFENQVGKYSTAGYRKANSNY
KVIEKIYKNDYNYVLIVQDQETGEYTLFERAECEFLTEHYGFQWDNDKIDSLKKDDTIEKDTVLYKNTCYDENMNFGYGV
NLNAAYFSYKNETLEDAIVISESAAKKLGTFSVNKVKVSVNTNDILLNLYGDNENYKGFPDIGEHIKNQIIASRRRFDYN
TALYELKNLNEMRDSDTPFFADGKIVDIEIFSNVPEEELKVQKYNEQVLYYINKQKEFSNNVYQKLKKIVEGKDNNVSDK
LLHFYNNCKMRIDENISYTYQNSKFSGFIMEFTILEEEPLNKGSKITGRYGNKGVISKILPDDQMPTVAEGRFKGLKADI
CLNPLGVFNRLNPSQLIEQELNWIAKFIRKDMEEAGSNEEKVSILLDFLNRVNKEETELMEEFINSLNKTELEEFLNDII
ENGIPICQKPFFGNIGLDELWELYNHYDHIDYFKCEGISTPLIIGEIYMVRLKHEPHSKFSARSTSFMNLRGLPAKSKNF
KEHKDLYSKTPVRIGNMEISNLSLTNEMGSIMDMLNSYSNNETNRRELIMQLLTGNPFDTNIDLSDVESGTSKILKSLFT
CLGLSIDDVEEEWENKLNGKVEDEK
;
C
#
loop_
_chem_comp.id
_chem_comp.type
_chem_comp.name
_chem_comp.formula
ZN non-polymer 'ZINC ION' 'Zn 2'
#
# COMPACT_ATOMS: atom_id res chain seq x y z
N ARG A 292 1.93 -17.72 -18.99
CA ARG A 292 2.76 -18.88 -19.28
C ARG A 292 3.70 -18.56 -20.43
N ASN A 293 3.17 -18.63 -21.65
CA ASN A 293 3.92 -18.27 -22.84
C ASN A 293 3.32 -17.03 -23.46
N ASP A 294 4.16 -16.03 -23.64
CA ASP A 294 3.73 -14.74 -24.14
C ASP A 294 3.37 -14.88 -25.62
N GLN A 295 2.41 -14.07 -26.09
CA GLN A 295 2.03 -14.11 -27.50
C GLN A 295 2.97 -13.27 -28.36
N GLY A 296 3.75 -12.39 -27.74
CA GLY A 296 4.55 -11.46 -28.52
C GLY A 296 5.56 -12.14 -29.41
N ASN A 297 6.43 -12.96 -28.82
CA ASN A 297 7.46 -13.60 -29.63
C ASN A 297 6.87 -14.59 -30.62
N SER A 298 5.80 -15.26 -30.25
CA SER A 298 5.16 -16.19 -31.18
C SER A 298 4.60 -15.46 -32.39
N ILE A 299 3.95 -14.31 -32.18
CA ILE A 299 3.40 -13.59 -33.33
C ILE A 299 4.51 -12.95 -34.14
N ILE A 300 5.60 -12.56 -33.48
CA ILE A 300 6.77 -12.07 -34.21
C ILE A 300 7.31 -13.16 -35.13
N ASN A 301 7.40 -14.38 -34.61
CA ASN A 301 7.86 -15.50 -35.42
C ASN A 301 6.91 -15.76 -36.58
N GLU A 302 5.60 -15.65 -36.33
CA GLU A 302 4.62 -15.86 -37.40
C GLU A 302 4.77 -14.81 -38.51
N CYS A 303 4.93 -13.54 -38.13
CA CYS A 303 5.08 -12.51 -39.14
C CYS A 303 6.39 -12.67 -39.90
N SER A 304 7.44 -13.12 -39.20
CA SER A 304 8.68 -13.45 -39.89
C SER A 304 8.45 -14.55 -40.91
N ILE A 305 7.66 -15.56 -40.54
CA ILE A 305 7.32 -16.63 -41.47
C ILE A 305 6.62 -16.06 -42.69
N LYS A 306 5.66 -15.17 -42.48
CA LYS A 306 4.88 -14.64 -43.59
C LYS A 306 5.76 -13.82 -44.53
N GLN A 307 6.64 -12.99 -43.98
CA GLN A 307 7.51 -12.20 -44.85
C GLN A 307 8.51 -13.09 -45.57
N GLU A 308 8.94 -14.18 -44.93
CA GLU A 308 9.83 -15.12 -45.61
C GLU A 308 9.13 -15.77 -46.80
N ILE A 309 7.87 -16.15 -46.61
CA ILE A 309 7.09 -16.70 -47.71
C ILE A 309 6.97 -15.67 -48.83
N ALA A 310 6.74 -14.40 -48.46
CA ALA A 310 6.66 -13.36 -49.47
C ALA A 310 7.95 -13.26 -50.26
N LYS A 311 9.09 -13.33 -49.58
CA LYS A 311 10.37 -13.25 -50.28
C LYS A 311 10.58 -14.45 -51.19
N ILE A 312 10.19 -15.64 -50.74
CA ILE A 312 10.30 -16.83 -51.59
C ILE A 312 9.47 -16.64 -52.85
N LYS A 313 8.25 -16.12 -52.71
CA LYS A 313 7.41 -15.87 -53.87
C LYS A 313 8.05 -14.85 -54.79
N LYS A 314 8.64 -13.80 -54.21
CA LYS A 314 9.19 -12.72 -55.02
C LYS A 314 10.40 -13.20 -55.82
N LYS A 315 11.28 -13.99 -55.20
CA LYS A 315 12.57 -14.28 -55.81
C LYS A 315 12.44 -15.11 -57.08
N TYR A 316 11.65 -16.18 -57.03
CA TYR A 316 11.55 -17.11 -58.15
C TYR A 316 10.21 -17.01 -58.88
N ASN A 317 9.53 -15.86 -58.78
CA ASN A 317 8.25 -15.62 -59.44
C ASN A 317 7.33 -16.84 -59.39
N VAL A 318 7.21 -17.41 -58.21
CA VAL A 318 6.40 -18.61 -58.04
C VAL A 318 4.99 -18.24 -57.61
N THR A 319 4.08 -19.19 -57.75
CA THR A 319 2.70 -19.03 -57.31
C THR A 319 2.17 -20.41 -56.92
N ASP A 320 0.85 -20.53 -56.83
CA ASP A 320 0.25 -21.75 -56.31
C ASP A 320 0.49 -22.96 -57.22
N GLU A 321 0.41 -22.75 -58.54
CA GLU A 321 0.49 -23.88 -59.47
C GLU A 321 1.84 -24.57 -59.43
N VAL A 322 2.93 -23.78 -59.46
CA VAL A 322 4.25 -24.38 -59.36
C VAL A 322 4.43 -25.02 -58.00
N MET A 323 3.73 -24.50 -56.99
CA MET A 323 3.74 -25.14 -55.67
C MET A 323 3.16 -26.54 -55.76
N LYS A 324 2.00 -26.68 -56.41
CA LYS A 324 1.42 -28.00 -56.57
C LYS A 324 2.35 -28.91 -57.36
N GLU A 325 3.04 -28.36 -58.36
CA GLU A 325 4.01 -29.16 -59.10
C GLU A 325 5.11 -29.66 -58.19
N PHE A 326 5.60 -28.80 -57.29
CA PHE A 326 6.73 -29.17 -56.45
C PHE A 326 6.32 -30.18 -55.38
N ILE A 327 5.14 -30.02 -54.79
CA ILE A 327 4.69 -31.01 -53.82
C ILE A 327 4.42 -32.34 -54.51
N ASN A 328 3.81 -32.30 -55.70
CA ASN A 328 3.40 -33.49 -56.46
C ASN A 328 2.85 -34.58 -55.54
N GLY A 329 1.95 -34.19 -54.65
CA GLY A 329 1.27 -35.15 -53.80
C GLY A 329 2.11 -35.75 -52.69
N ARG A 330 3.19 -35.08 -52.29
CA ARG A 330 4.03 -35.61 -51.23
C ARG A 330 3.53 -35.14 -49.87
N GLU A 331 4.09 -35.73 -48.82
CA GLU A 331 3.73 -35.43 -47.45
C GLU A 331 4.98 -35.23 -46.61
N LEU A 332 4.78 -34.82 -45.36
CA LEU A 332 5.87 -34.35 -44.51
C LEU A 332 6.85 -35.47 -44.17
N ASN A 333 8.13 -35.17 -44.22
CA ASN A 333 9.19 -36.08 -43.82
C ASN A 333 9.90 -35.49 -42.61
N SER A 334 10.08 -36.31 -41.57
CA SER A 334 10.57 -35.80 -40.30
C SER A 334 11.98 -35.21 -40.44
N ILE A 335 12.90 -35.99 -41.00
CA ILE A 335 14.26 -35.49 -41.17
C ILE A 335 14.28 -34.32 -42.13
N GLN A 336 13.30 -34.26 -43.03
CA GLN A 336 13.22 -33.16 -43.98
C GLN A 336 12.86 -31.86 -43.28
N ILE A 337 11.82 -31.90 -42.43
CA ILE A 337 11.49 -30.70 -41.68
C ILE A 337 12.61 -30.36 -40.71
N TYR A 338 13.36 -31.37 -40.26
CA TYR A 338 14.50 -31.08 -39.40
C TYR A 338 15.57 -30.30 -40.16
N LEU A 339 15.84 -30.70 -41.40
CA LEU A 339 16.76 -29.94 -42.25
C LEU A 339 16.24 -28.52 -42.47
N VAL A 340 14.93 -28.38 -42.69
CA VAL A 340 14.35 -27.05 -42.86
C VAL A 340 14.62 -26.19 -41.63
N LYS A 341 14.41 -26.78 -40.45
CA LYS A 341 14.67 -26.05 -39.21
C LYS A 341 16.13 -25.66 -39.10
N ILE A 342 17.03 -26.56 -39.48
CA ILE A 342 18.47 -26.24 -39.44
C ILE A 342 18.76 -25.04 -40.33
N TYR A 343 18.23 -25.05 -41.55
CA TYR A 343 18.64 -24.04 -42.53
C TYR A 343 18.16 -22.65 -42.13
N TYR A 344 16.99 -22.57 -41.49
CA TYR A 344 16.39 -21.31 -41.07
C TYR A 344 16.50 -21.07 -39.58
N SER A 345 17.40 -21.77 -38.89
CA SER A 345 17.53 -21.59 -37.45
C SER A 345 17.87 -20.15 -37.11
N ASN A 346 18.83 -19.58 -37.85
CA ASN A 346 19.23 -18.20 -37.57
C ASN A 346 18.09 -17.24 -37.88
N LYS A 347 17.33 -17.50 -38.94
CA LYS A 347 16.27 -16.57 -39.32
C LYS A 347 15.10 -16.63 -38.35
N PHE A 348 14.65 -17.82 -37.97
CA PHE A 348 13.46 -17.97 -37.15
C PHE A 348 13.30 -19.38 -36.58
N LYS A 349 12.12 -19.67 -36.04
CA LYS A 349 11.74 -21.01 -35.63
C LYS A 349 10.55 -21.45 -36.47
N VAL A 350 10.56 -22.70 -36.91
CA VAL A 350 9.53 -23.18 -37.82
C VAL A 350 8.25 -23.47 -37.07
N ASN A 351 7.14 -22.93 -37.57
CA ASN A 351 5.81 -23.12 -36.98
C ASN A 351 5.21 -24.48 -37.27
N SER A 352 5.68 -25.18 -38.30
CA SER A 352 5.28 -26.51 -38.74
C SER A 352 3.92 -26.55 -39.46
N ASN A 353 3.39 -25.41 -39.90
CA ASN A 353 2.20 -25.44 -40.74
C ASN A 353 2.53 -26.07 -42.09
N LYS A 354 1.63 -26.92 -42.59
CA LYS A 354 1.94 -27.77 -43.73
C LYS A 354 2.35 -26.97 -44.96
N ASN A 355 1.42 -26.20 -45.53
CA ASN A 355 1.69 -25.48 -46.76
C ASN A 355 2.87 -24.53 -46.60
N ASP A 356 3.00 -23.93 -45.41
CA ASP A 356 4.15 -23.09 -45.14
C ASP A 356 5.43 -23.88 -45.24
N ILE A 357 5.44 -25.11 -44.71
CA ILE A 357 6.63 -25.95 -44.83
C ILE A 357 6.94 -26.24 -46.28
N PHE A 358 5.93 -26.59 -47.08
CA PHE A 358 6.21 -26.92 -48.46
C PHE A 358 6.77 -25.74 -49.24
N TYR A 359 6.20 -24.54 -49.04
CA TYR A 359 6.77 -23.36 -49.67
C TYR A 359 8.21 -23.13 -49.20
N LEU A 360 8.43 -23.37 -47.90
CA LEU A 360 9.75 -23.20 -47.34
C LEU A 360 10.75 -24.13 -48.00
N LEU A 361 10.35 -25.38 -48.23
CA LEU A 361 11.25 -26.30 -48.92
C LEU A 361 11.45 -25.92 -50.37
N TYR A 362 10.42 -25.38 -51.01
CA TYR A 362 10.61 -24.92 -52.38
C TYR A 362 11.74 -23.92 -52.43
N GLY A 363 11.62 -22.85 -51.63
CA GLY A 363 12.67 -21.84 -51.61
C GLY A 363 14.02 -22.41 -51.20
N MET A 364 14.00 -23.28 -50.20
CA MET A 364 15.21 -23.88 -49.63
C MET A 364 15.94 -24.73 -50.67
N THR A 365 15.18 -25.62 -51.34
CA THR A 365 15.74 -26.49 -52.36
C THR A 365 16.33 -25.70 -53.50
N ARG A 366 15.60 -24.71 -54.01
CA ARG A 366 16.15 -23.90 -55.11
C ARG A 366 17.39 -23.14 -54.65
N GLU A 367 17.34 -22.66 -53.41
CA GLU A 367 18.42 -21.84 -52.86
C GLU A 367 19.73 -22.60 -52.94
N LEU A 368 19.76 -23.82 -52.40
CA LEU A 368 20.92 -24.69 -52.63
C LEU A 368 21.04 -25.15 -54.07
N GLY A 369 19.96 -25.09 -54.84
CA GLY A 369 20.05 -25.45 -56.24
C GLY A 369 21.00 -24.55 -57.00
N GLU A 370 21.17 -23.31 -56.55
CA GLU A 370 22.05 -22.39 -57.26
C GLU A 370 23.52 -22.81 -57.16
N MET A 371 24.03 -23.06 -55.94
CA MET A 371 25.45 -23.40 -55.81
C MET A 371 25.67 -24.91 -55.82
N ASN A 372 26.86 -25.33 -55.40
CA ASN A 372 27.42 -26.64 -55.75
C ASN A 372 26.54 -27.79 -55.28
N PHE A 373 25.65 -27.54 -54.33
CA PHE A 373 24.68 -28.55 -53.89
C PHE A 373 24.03 -29.21 -55.11
N SER A 374 24.27 -30.51 -55.26
CA SER A 374 23.81 -31.22 -56.44
C SER A 374 22.85 -32.35 -56.12
N ILE A 375 23.16 -33.14 -55.08
CA ILE A 375 22.40 -34.35 -54.83
C ILE A 375 21.42 -34.15 -53.68
N ILE A 376 21.82 -33.37 -52.68
CA ILE A 376 20.92 -33.09 -51.55
C ILE A 376 19.59 -32.52 -52.01
N PRO A 377 19.54 -31.51 -52.89
CA PRO A 377 18.23 -31.06 -53.39
C PRO A 377 17.45 -32.18 -54.07
N GLU A 378 18.13 -33.10 -54.75
CA GLU A 378 17.44 -34.24 -55.32
C GLU A 378 16.77 -35.08 -54.24
N ILE A 379 17.48 -35.31 -53.13
CA ILE A 379 16.88 -36.07 -52.03
C ILE A 379 15.68 -35.33 -51.46
N LEU A 380 15.81 -34.02 -51.25
CA LEU A 380 14.67 -33.26 -50.73
C LEU A 380 13.50 -33.27 -51.71
N SER A 381 13.78 -33.49 -52.99
CA SER A 381 12.70 -33.63 -53.96
C SER A 381 11.95 -34.94 -53.75
N CYS A 382 12.66 -36.00 -53.37
CA CYS A 382 12.04 -37.31 -53.26
C CYS A 382 11.04 -37.37 -52.12
N ALA A 383 10.09 -38.29 -52.21
CA ALA A 383 9.25 -38.65 -51.07
C ALA A 383 9.92 -39.76 -50.29
N ILE A 384 9.47 -40.00 -49.07
CA ILE A 384 10.11 -40.98 -48.20
C ILE A 384 9.69 -42.39 -48.59
N ALA A 385 10.68 -43.23 -48.85
CA ALA A 385 10.44 -44.65 -49.07
C ALA A 385 10.12 -45.33 -47.74
N PRO A 386 9.47 -46.51 -47.76
CA PRO A 386 9.09 -47.14 -46.50
C PRO A 386 10.17 -48.02 -45.88
N ASN A 387 11.44 -47.85 -46.25
CA ASN A 387 12.56 -48.55 -45.65
C ASN A 387 13.23 -47.75 -44.56
N VAL A 388 12.47 -46.93 -43.82
CA VAL A 388 13.05 -45.96 -42.90
C VAL A 388 13.83 -46.67 -41.79
N ARG A 389 15.15 -46.48 -41.80
CA ARG A 389 16.07 -47.13 -40.88
C ARG A 389 17.25 -46.21 -40.62
N LYS A 390 18.35 -46.76 -40.09
CA LYS A 390 19.57 -46.01 -39.83
C LYS A 390 20.76 -46.82 -40.31
N MET A 391 21.23 -46.55 -41.53
CA MET A 391 22.41 -47.23 -42.04
C MET A 391 23.66 -46.72 -41.34
N ASN A 392 24.75 -47.48 -41.50
CA ASN A 392 26.00 -47.16 -40.84
C ASN A 392 26.70 -45.98 -41.53
N ASN A 393 27.81 -45.55 -40.94
CA ASN A 393 28.56 -44.41 -41.42
C ASN A 393 29.96 -44.82 -41.85
N ARG A 394 30.42 -44.22 -42.94
CA ARG A 394 31.80 -44.38 -43.39
C ARG A 394 32.68 -43.58 -42.45
N LYS A 395 33.41 -44.28 -41.58
CA LYS A 395 34.19 -43.59 -40.55
C LYS A 395 35.30 -42.75 -41.16
N LYS A 396 35.80 -43.14 -42.34
CA LYS A 396 36.84 -42.35 -42.99
C LYS A 396 36.33 -40.96 -43.37
N LEU A 397 35.11 -40.91 -43.90
CA LEU A 397 34.55 -39.61 -44.28
C LEU A 397 34.29 -38.76 -43.05
N VAL A 398 33.81 -39.37 -41.96
CA VAL A 398 33.58 -38.60 -40.74
C VAL A 398 34.89 -38.09 -40.17
N ASP A 399 35.96 -38.89 -40.28
CA ASP A 399 37.27 -38.42 -39.86
C ASP A 399 37.72 -37.24 -40.71
N LYS A 400 37.46 -37.29 -42.02
CA LYS A 400 37.71 -36.14 -42.87
C LYS A 400 36.91 -34.92 -42.41
N ILE A 401 35.68 -35.15 -41.97
CA ILE A 401 34.86 -34.06 -41.43
C ILE A 401 35.55 -33.42 -40.23
N ILE A 402 36.04 -34.26 -39.32
CA ILE A 402 36.78 -33.76 -38.17
C ILE A 402 38.00 -32.97 -38.64
N HIS A 403 38.59 -33.40 -39.77
CA HIS A 403 39.78 -32.73 -40.27
C HIS A 403 39.48 -31.32 -40.79
N SER A 404 38.21 -31.02 -41.02
CA SER A 404 37.84 -29.71 -41.54
C SER A 404 38.07 -28.64 -40.48
N ASP A 405 38.97 -27.70 -40.79
CA ASP A 405 39.23 -26.60 -39.88
C ASP A 405 37.99 -25.74 -39.69
N LYS A 406 37.11 -25.69 -40.70
CA LYS A 406 35.83 -25.05 -40.53
C LYS A 406 35.07 -25.71 -39.38
N TYR A 407 34.76 -26.99 -39.54
CA TYR A 407 34.11 -27.76 -38.48
C TYR A 407 34.92 -27.74 -37.21
N SER A 408 36.23 -27.59 -37.32
CA SER A 408 37.07 -27.46 -36.13
C SER A 408 36.70 -26.21 -35.34
N TYR A 409 36.49 -25.08 -36.02
CA TYR A 409 36.15 -23.88 -35.25
C TYR A 409 34.71 -23.95 -34.77
N LEU A 410 33.83 -24.66 -35.49
CA LEU A 410 32.53 -24.94 -34.89
C LEU A 410 32.69 -25.69 -33.58
N LEU A 411 33.45 -26.78 -33.57
CA LEU A 411 33.73 -27.47 -32.31
C LEU A 411 34.30 -26.52 -31.28
N LYS A 412 35.14 -25.58 -31.71
CA LYS A 412 35.66 -24.59 -30.78
C LYS A 412 34.54 -23.77 -30.18
N SER A 413 33.55 -23.39 -31.00
CA SER A 413 32.39 -22.69 -30.47
C SER A 413 31.45 -23.65 -29.74
N TYR A 414 31.64 -24.96 -29.91
CA TYR A 414 30.88 -25.95 -29.16
C TYR A 414 31.78 -26.72 -28.19
N LEU A 415 33.00 -26.24 -28.01
CA LEU A 415 33.97 -26.90 -27.15
C LEU A 415 33.43 -27.21 -25.76
N PRO A 416 32.77 -26.28 -25.05
CA PRO A 416 32.19 -26.65 -23.76
C PRO A 416 31.21 -27.81 -23.87
N ILE A 417 30.41 -27.83 -24.93
CA ILE A 417 29.54 -28.97 -25.17
C ILE A 417 30.36 -30.16 -25.66
N LYS A 418 31.38 -29.87 -26.47
CA LYS A 418 32.16 -30.93 -27.09
C LYS A 418 32.84 -31.81 -26.05
N ASN A 419 33.24 -31.20 -24.93
CA ASN A 419 34.10 -31.91 -23.98
C ASN A 419 33.40 -33.10 -23.34
N ILE A 420 32.08 -33.05 -23.15
CA ILE A 420 31.40 -34.20 -22.57
C ILE A 420 30.27 -34.69 -23.47
N LEU A 421 29.35 -33.80 -23.84
CA LEU A 421 28.08 -34.23 -24.39
C LEU A 421 28.27 -35.04 -25.65
N ASP A 422 29.22 -34.62 -26.50
CA ASP A 422 29.53 -35.39 -27.69
C ASP A 422 30.18 -36.72 -27.34
N LYS A 423 31.01 -36.74 -26.30
CA LYS A 423 31.78 -37.95 -25.98
C LYS A 423 30.84 -39.11 -25.67
N ASN A 424 29.80 -38.86 -24.88
CA ASN A 424 28.80 -39.90 -24.66
C ASN A 424 28.03 -40.20 -25.95
N ASN A 425 27.62 -39.15 -26.66
CA ASN A 425 26.89 -39.31 -27.91
C ASN A 425 26.93 -37.98 -28.65
N VAL A 426 27.62 -37.95 -29.79
CA VAL A 426 27.67 -36.72 -30.57
C VAL A 426 26.34 -36.56 -31.27
N ILE A 427 25.53 -35.60 -30.80
CA ILE A 427 24.30 -35.25 -31.48
C ILE A 427 24.62 -34.68 -32.86
N LEU A 428 25.80 -34.07 -33.01
CA LEU A 428 26.09 -33.31 -34.21
C LEU A 428 26.11 -34.21 -35.44
N GLN A 429 26.77 -35.38 -35.35
CA GLN A 429 26.80 -36.32 -36.47
C GLN A 429 25.82 -37.46 -36.26
N LEU A 430 25.07 -37.46 -35.16
CA LEU A 430 24.11 -38.53 -34.91
C LEU A 430 23.15 -38.68 -36.07
N MET A 431 22.83 -37.57 -36.73
CA MET A 431 21.94 -37.65 -37.89
C MET A 431 22.59 -38.39 -39.04
N THR A 432 23.93 -38.47 -39.06
CA THR A 432 24.60 -39.26 -40.10
C THR A 432 24.24 -40.74 -39.97
N ILE A 433 24.12 -41.23 -38.73
CA ILE A 433 23.57 -42.57 -38.53
C ILE A 433 22.15 -42.64 -39.05
N LYS A 434 21.33 -41.65 -38.71
CA LYS A 434 19.93 -41.60 -39.12
C LYS A 434 19.88 -41.24 -40.60
N ASN A 435 20.09 -42.25 -41.43
CA ASN A 435 19.95 -42.13 -42.88
C ASN A 435 18.84 -43.10 -43.31
N ALA A 436 17.86 -42.58 -44.03
CA ALA A 436 16.74 -43.39 -44.48
C ALA A 436 16.76 -43.54 -45.99
N LYS A 437 15.71 -44.16 -46.53
CA LYS A 437 15.54 -44.35 -47.96
C LYS A 437 14.38 -43.50 -48.46
N PHE A 438 14.52 -43.00 -49.68
CA PHE A 438 13.56 -42.05 -50.24
C PHE A 438 12.99 -42.63 -51.53
N MET A 439 11.73 -42.30 -51.81
CA MET A 439 11.03 -42.76 -53.01
C MET A 439 10.65 -41.53 -53.83
N ASN A 440 11.45 -41.22 -54.85
CA ASN A 440 11.26 -40.01 -55.62
C ASN A 440 9.96 -40.07 -56.41
N LYS A 441 9.38 -38.89 -56.66
CA LYS A 441 8.17 -38.82 -57.47
C LYS A 441 8.43 -39.24 -58.91
N GLU A 442 9.63 -38.99 -59.42
CA GLU A 442 9.97 -39.39 -60.78
C GLU A 442 10.45 -40.84 -60.83
N ASN A 443 9.72 -41.73 -60.16
CA ASN A 443 10.02 -43.16 -60.14
C ASN A 443 11.50 -43.42 -59.88
N LYS A 444 12.03 -42.79 -58.83
CA LYS A 444 13.46 -42.88 -58.53
C LYS A 444 13.70 -43.08 -57.03
N GLU A 445 14.86 -43.59 -56.68
CA GLU A 445 15.23 -43.78 -55.28
C GLU A 445 16.63 -43.23 -55.09
N VAL A 446 16.98 -42.99 -53.82
CA VAL A 446 18.28 -42.39 -53.52
C VAL A 446 19.35 -43.47 -53.46
N ASP A 447 20.41 -43.30 -54.25
CA ASP A 447 21.54 -44.21 -54.25
C ASP A 447 22.82 -43.46 -54.58
N PHE A 448 23.53 -42.98 -53.56
CA PHE A 448 24.73 -42.18 -53.76
C PHE A 448 25.70 -42.41 -52.61
N SER A 449 26.94 -41.97 -52.82
CA SER A 449 27.93 -42.01 -51.77
C SER A 449 27.64 -40.95 -50.71
N THR A 450 28.08 -41.22 -49.48
CA THR A 450 27.82 -40.30 -48.39
C THR A 450 28.77 -39.11 -48.36
N ASP A 451 29.78 -39.09 -49.24
CA ASP A 451 30.66 -37.93 -49.30
C ASP A 451 29.89 -36.67 -49.66
N HIS A 452 28.82 -36.83 -50.44
CA HIS A 452 28.08 -35.66 -50.90
C HIS A 452 27.45 -34.91 -49.73
N LEU A 453 26.75 -35.63 -48.84
CA LEU A 453 26.26 -34.93 -47.66
C LEU A 453 27.40 -34.56 -46.74
N ALA A 454 28.42 -35.42 -46.61
CA ALA A 454 29.56 -35.10 -45.75
C ALA A 454 30.12 -33.72 -46.07
N GLU A 455 30.19 -33.36 -47.35
CA GLU A 455 30.71 -32.06 -47.77
C GLU A 455 29.64 -30.98 -47.74
N GLU A 456 28.51 -31.19 -48.42
CA GLU A 456 27.53 -30.11 -48.57
C GLU A 456 26.85 -29.79 -47.25
N VAL A 457 26.48 -30.79 -46.46
CA VAL A 457 25.91 -30.49 -45.16
C VAL A 457 26.94 -29.82 -44.26
N LEU A 458 28.22 -30.19 -44.40
CA LEU A 458 29.25 -29.40 -43.72
C LEU A 458 29.12 -27.93 -44.06
N ASP A 459 29.03 -27.63 -45.36
CA ASP A 459 28.81 -26.24 -45.76
C ASP A 459 27.53 -25.69 -45.12
N MET A 460 26.54 -26.56 -44.95
CA MET A 460 25.27 -26.12 -44.39
C MET A 460 25.43 -25.71 -42.93
N LEU A 461 26.22 -26.48 -42.17
CA LEU A 461 26.57 -26.01 -40.82
C LEU A 461 27.42 -24.75 -40.88
N LEU A 462 28.23 -24.59 -41.92
CA LEU A 462 28.92 -23.31 -42.08
C LEU A 462 27.91 -22.18 -42.25
N CYS A 463 26.74 -22.50 -42.80
CA CYS A 463 25.68 -21.51 -42.88
C CYS A 463 24.95 -21.35 -41.56
N ILE A 464 25.18 -22.26 -40.62
CA ILE A 464 24.57 -22.15 -39.30
C ILE A 464 25.19 -21.00 -38.53
N MET B 23 -32.52 -5.66 -22.40
CA MET B 23 -32.17 -6.97 -22.93
C MET B 23 -31.22 -7.71 -22.01
N GLY B 24 -30.04 -8.05 -22.53
CA GLY B 24 -29.03 -8.72 -21.73
C GLY B 24 -29.30 -10.21 -21.56
N LYS B 25 -28.43 -10.83 -20.77
CA LYS B 25 -28.51 -12.27 -20.55
C LYS B 25 -29.63 -12.58 -19.56
N LYS B 26 -30.66 -13.27 -20.05
CA LYS B 26 -31.92 -13.38 -19.33
C LYS B 26 -31.96 -14.66 -18.52
N LEU B 27 -32.51 -14.57 -17.31
CA LEU B 27 -32.74 -15.74 -16.47
C LEU B 27 -33.82 -16.62 -17.09
N SER B 28 -33.53 -17.92 -17.15
CA SER B 28 -34.53 -18.92 -17.48
C SER B 28 -33.93 -20.29 -17.16
N LEU B 29 -34.66 -21.07 -16.37
CA LEU B 29 -34.19 -22.40 -15.99
C LEU B 29 -34.53 -23.41 -17.09
N ILE B 30 -34.03 -23.12 -18.30
CA ILE B 30 -34.41 -23.89 -19.48
C ILE B 30 -34.13 -25.37 -19.25
N ASP B 31 -34.96 -26.22 -19.85
CA ASP B 31 -34.90 -27.65 -19.61
C ASP B 31 -33.55 -28.21 -20.05
N PHE B 32 -32.93 -28.98 -19.16
CA PHE B 32 -31.57 -29.44 -19.43
C PHE B 32 -31.55 -30.55 -20.45
N ASN B 33 -32.64 -31.31 -20.57
CA ASN B 33 -32.64 -32.50 -21.41
C ASN B 33 -32.39 -32.15 -22.86
N GLU B 34 -33.07 -31.15 -23.40
CA GLU B 34 -32.79 -30.69 -24.75
C GLU B 34 -31.47 -29.97 -24.85
N ILE B 35 -30.98 -29.46 -23.70
CA ILE B 35 -29.67 -28.83 -23.68
C ILE B 35 -28.58 -29.86 -23.61
N TYR B 36 -28.81 -30.91 -22.83
CA TYR B 36 -27.67 -31.70 -22.43
C TYR B 36 -27.15 -32.51 -23.62
N ASN B 37 -25.89 -32.86 -23.56
CA ASN B 37 -25.17 -33.60 -24.59
C ASN B 37 -24.52 -34.83 -23.98
N GLU B 38 -24.52 -35.92 -24.75
CA GLU B 38 -24.05 -37.19 -24.21
C GLU B 38 -22.56 -37.15 -23.90
N GLU B 39 -21.80 -36.33 -24.62
CA GLU B 39 -20.36 -36.31 -24.44
C GLU B 39 -19.95 -35.72 -23.10
N ASN B 40 -20.79 -34.88 -22.51
CA ASN B 40 -20.42 -34.17 -21.30
C ASN B 40 -20.95 -34.83 -20.03
N LEU B 41 -21.64 -35.97 -20.12
CA LEU B 41 -22.14 -36.65 -18.93
C LEU B 41 -20.97 -37.40 -18.30
N ILE B 42 -20.62 -36.98 -17.07
CA ILE B 42 -19.48 -37.58 -16.40
C ILE B 42 -19.92 -38.83 -15.66
N THR B 43 -19.05 -39.83 -15.61
CA THR B 43 -19.31 -41.03 -14.85
C THR B 43 -18.50 -41.01 -13.55
N ARG B 44 -18.88 -41.88 -12.62
CA ARG B 44 -18.24 -41.90 -11.32
C ARG B 44 -16.84 -42.45 -11.39
N ALA B 45 -15.87 -41.63 -10.98
CA ALA B 45 -14.47 -42.03 -10.90
C ALA B 45 -13.74 -41.04 -10.00
N ASN B 46 -12.71 -41.53 -9.33
CA ASN B 46 -11.90 -40.66 -8.49
C ASN B 46 -11.14 -39.67 -9.37
N PRO B 47 -10.96 -38.42 -8.91
CA PRO B 47 -10.26 -37.44 -9.75
C PRO B 47 -8.86 -37.87 -10.17
N ILE B 48 -8.15 -38.57 -9.29
CA ILE B 48 -6.80 -39.03 -9.60
C ILE B 48 -6.85 -40.53 -9.82
N GLU B 49 -5.86 -41.04 -10.58
CA GLU B 49 -5.79 -42.46 -10.89
C GLU B 49 -4.35 -42.82 -11.22
N ASN B 50 -3.70 -43.59 -10.35
CA ASN B 50 -2.33 -44.04 -10.55
C ASN B 50 -1.40 -42.87 -10.85
N HIS B 51 -1.47 -41.86 -9.99
CA HIS B 51 -0.70 -40.62 -10.13
C HIS B 51 -0.96 -39.92 -11.46
N GLU B 52 -2.20 -39.92 -11.91
CA GLU B 52 -2.59 -39.23 -13.15
C GLU B 52 -4.09 -38.95 -13.06
N PHE B 53 -4.50 -37.77 -13.54
CA PHE B 53 -5.91 -37.41 -13.52
C PHE B 53 -6.73 -38.40 -14.34
N SER B 54 -7.81 -38.89 -13.74
CA SER B 54 -8.69 -39.81 -14.45
C SER B 54 -9.41 -39.08 -15.57
N ASP B 55 -9.63 -39.79 -16.67
CA ASP B 55 -10.30 -39.17 -17.81
C ASP B 55 -11.82 -39.26 -17.67
N ASP B 56 -12.30 -39.90 -16.61
CA ASP B 56 -13.74 -40.04 -16.41
C ASP B 56 -14.26 -39.21 -15.25
N GLY B 57 -13.39 -38.77 -14.35
CA GLY B 57 -13.82 -37.96 -13.24
C GLY B 57 -13.95 -36.49 -13.60
N ILE B 58 -14.06 -35.66 -12.57
CA ILE B 58 -14.16 -34.21 -12.79
C ILE B 58 -12.89 -33.67 -13.41
N TYR B 59 -11.75 -34.30 -13.15
CA TYR B 59 -10.48 -33.88 -13.72
C TYR B 59 -10.17 -34.66 -15.01
N SER B 60 -11.13 -34.61 -15.93
CA SER B 60 -11.01 -35.31 -17.21
C SER B 60 -10.29 -34.39 -18.20
N GLU B 61 -9.37 -34.95 -18.97
CA GLU B 61 -8.80 -34.21 -20.08
C GLU B 61 -9.52 -34.49 -21.39
N ARG B 62 -10.38 -35.51 -21.43
CA ARG B 62 -11.06 -35.88 -22.67
C ARG B 62 -11.94 -34.76 -23.17
N ILE B 63 -12.67 -34.12 -22.26
CA ILE B 63 -13.69 -33.15 -22.59
C ILE B 63 -13.29 -31.75 -22.18
N PHE B 64 -12.47 -31.67 -21.13
CA PHE B 64 -12.63 -30.65 -20.11
C PHE B 64 -11.42 -29.72 -20.01
N GLY B 65 -10.49 -29.79 -20.96
CA GLY B 65 -9.31 -28.93 -21.02
C GLY B 65 -8.09 -29.56 -20.36
N SER B 66 -6.96 -28.84 -20.50
CA SER B 66 -5.71 -29.23 -19.86
C SER B 66 -5.16 -28.05 -19.07
N TYR B 67 -4.78 -28.31 -17.82
CA TYR B 67 -4.45 -27.23 -16.90
C TYR B 67 -3.16 -26.53 -17.29
N ASN B 68 -2.10 -27.29 -17.54
CA ASN B 68 -0.81 -26.67 -17.85
C ASN B 68 -0.74 -26.21 -19.30
N GLU B 69 -1.39 -26.93 -20.19
CA GLU B 69 -1.30 -26.62 -21.62
C GLU B 69 -2.50 -25.82 -22.09
N ASP B 70 -2.23 -24.75 -22.84
CA ASP B 70 -3.30 -23.94 -23.42
C ASP B 70 -3.55 -24.23 -24.90
N ASP B 71 -2.97 -25.30 -25.44
CA ASP B 71 -3.16 -25.61 -26.85
C ASP B 71 -4.47 -26.34 -27.10
N ASP B 72 -5.21 -26.68 -26.04
CA ASP B 72 -6.47 -27.38 -26.20
C ASP B 72 -7.42 -26.61 -27.11
N ASP B 73 -7.71 -27.19 -28.27
CA ASP B 73 -8.55 -26.54 -29.27
C ASP B 73 -9.92 -26.19 -28.70
N LYS B 74 -10.54 -27.15 -28.02
CA LYS B 74 -11.77 -26.88 -27.29
C LYS B 74 -11.55 -25.86 -26.19
N ASP B 75 -12.56 -25.00 -25.99
CA ASP B 75 -12.42 -23.82 -25.16
C ASP B 75 -12.59 -24.15 -23.68
N ILE B 76 -12.27 -23.18 -22.84
CA ILE B 76 -12.46 -23.28 -21.40
C ILE B 76 -13.94 -23.32 -21.03
N ASP B 77 -14.83 -22.93 -21.94
CA ASP B 77 -16.23 -22.80 -21.57
C ASP B 77 -17.02 -24.08 -21.78
N THR B 78 -16.33 -25.21 -21.98
CA THR B 78 -17.00 -26.50 -21.97
C THR B 78 -17.64 -26.75 -20.62
N ILE B 79 -18.80 -27.39 -20.62
CA ILE B 79 -19.62 -27.56 -19.44
C ILE B 79 -19.79 -29.05 -19.18
N GLY B 80 -19.50 -29.48 -17.95
CA GLY B 80 -19.66 -30.88 -17.58
C GLY B 80 -21.03 -31.11 -16.98
N TRP B 81 -21.39 -32.40 -16.84
CA TRP B 81 -22.79 -32.80 -16.79
C TRP B 81 -22.95 -34.15 -16.13
N ILE B 82 -23.98 -34.23 -15.29
CA ILE B 82 -24.26 -35.36 -14.42
C ILE B 82 -25.72 -35.78 -14.54
N ASN B 83 -25.92 -37.07 -14.74
CA ASN B 83 -27.25 -37.65 -14.93
C ASN B 83 -27.92 -37.91 -13.58
N ILE B 84 -29.15 -37.43 -13.43
CA ILE B 84 -30.05 -37.87 -12.37
C ILE B 84 -31.44 -38.17 -12.94
N GLU B 85 -31.51 -38.56 -14.21
CA GLU B 85 -32.80 -38.91 -14.83
C GLU B 85 -33.62 -39.92 -14.02
N PRO B 86 -33.05 -40.97 -13.42
CA PRO B 86 -33.90 -41.94 -12.69
C PRO B 86 -34.94 -41.34 -11.76
N TYR B 87 -34.55 -40.42 -10.88
CA TYR B 87 -35.49 -39.73 -10.02
C TYR B 87 -35.27 -38.23 -10.18
N TYR B 88 -36.30 -37.53 -10.65
CA TYR B 88 -36.20 -36.10 -10.86
C TYR B 88 -36.11 -35.39 -9.52
N ILE B 89 -35.37 -34.29 -9.48
CA ILE B 89 -35.11 -33.57 -8.24
C ILE B 89 -35.49 -32.12 -8.43
N ILE B 90 -36.18 -31.56 -7.44
CA ILE B 90 -36.43 -30.12 -7.41
C ILE B 90 -35.12 -29.37 -7.62
N ASN B 91 -35.20 -28.23 -8.30
CA ASN B 91 -34.00 -27.45 -8.56
C ASN B 91 -33.66 -26.59 -7.33
N PRO B 92 -32.39 -26.43 -6.99
CA PRO B 92 -32.05 -25.59 -5.83
C PRO B 92 -32.41 -24.12 -6.02
N ILE B 93 -32.33 -23.60 -7.24
CA ILE B 93 -32.53 -22.17 -7.47
C ILE B 93 -33.95 -21.77 -7.05
N LEU B 94 -34.94 -22.57 -7.43
CA LEU B 94 -36.31 -22.29 -7.01
C LEU B 94 -36.60 -22.76 -5.59
N PHE B 95 -35.72 -23.58 -5.00
CA PHE B 95 -35.99 -24.14 -3.68
C PHE B 95 -36.27 -23.08 -2.62
N THR B 96 -35.44 -22.04 -2.55
CA THR B 96 -35.71 -20.99 -1.58
C THR B 96 -37.09 -20.41 -1.81
N ILE B 97 -37.44 -20.16 -3.06
CA ILE B 97 -38.79 -19.72 -3.40
C ILE B 97 -39.81 -20.75 -2.91
N ILE B 98 -39.51 -22.03 -3.13
CA ILE B 98 -40.38 -23.09 -2.64
C ILE B 98 -40.58 -22.95 -1.13
N LYS B 99 -39.49 -22.77 -0.39
CA LYS B 99 -39.60 -22.62 1.05
C LYS B 99 -40.49 -21.44 1.40
N LYS B 100 -40.49 -20.42 0.55
CA LYS B 100 -41.41 -19.30 0.74
C LYS B 100 -42.86 -19.74 0.54
N CYS B 101 -43.14 -20.42 -0.57
CA CYS B 101 -44.52 -20.85 -0.84
C CYS B 101 -44.98 -21.88 0.19
N ILE B 102 -44.13 -22.86 0.49
CA ILE B 102 -44.46 -23.85 1.51
C ILE B 102 -43.39 -23.80 2.59
N PRO B 103 -43.70 -23.26 3.77
CA PRO B 103 -42.70 -23.18 4.83
C PRO B 103 -42.21 -24.56 5.25
N SER B 104 -40.92 -24.63 5.57
CA SER B 104 -40.29 -25.82 6.15
C SER B 104 -40.43 -27.05 5.25
N ILE B 105 -40.44 -26.87 3.93
CA ILE B 105 -40.38 -28.01 3.02
C ILE B 105 -39.11 -28.82 3.23
N ASN B 106 -38.09 -28.22 3.84
CA ASN B 106 -36.90 -28.99 4.20
C ASN B 106 -37.26 -30.11 5.17
N LYS B 107 -38.27 -29.89 6.01
CA LYS B 107 -38.72 -30.94 6.91
C LYS B 107 -39.56 -31.97 6.18
N ILE B 108 -40.39 -31.54 5.23
CA ILE B 108 -41.20 -32.48 4.46
C ILE B 108 -40.31 -33.43 3.69
N ILE B 109 -39.27 -32.90 3.03
CA ILE B 109 -38.32 -33.76 2.32
C ILE B 109 -37.39 -34.50 3.27
N ASN B 110 -37.31 -34.09 4.53
CA ASN B 110 -36.46 -34.74 5.51
C ASN B 110 -37.17 -35.99 6.02
N TYR B 111 -36.59 -37.15 5.70
CA TYR B 111 -37.25 -38.41 5.98
C TYR B 111 -36.76 -39.02 7.29
N GLN B 112 -37.44 -38.70 8.38
CA GLN B 112 -37.15 -39.34 9.66
C GLN B 112 -38.08 -40.50 9.97
N GLN B 113 -39.13 -40.69 9.18
CA GLN B 113 -40.07 -41.78 9.41
C GLN B 113 -39.44 -43.10 8.95
N SER B 114 -38.54 -43.61 9.78
CA SER B 114 -37.78 -44.81 9.48
C SER B 114 -37.10 -45.31 10.75
N ILE B 115 -37.27 -46.61 11.03
CA ILE B 115 -36.61 -47.22 12.18
C ILE B 115 -35.63 -48.33 11.79
N ASP B 116 -35.67 -48.85 10.56
CA ASP B 116 -34.79 -49.95 10.18
C ASP B 116 -33.33 -49.52 10.24
N GLN B 117 -33.00 -48.34 9.72
CA GLN B 117 -31.65 -47.83 9.74
C GLN B 117 -31.53 -46.48 10.41
N ASN B 118 -32.54 -45.62 10.28
CA ASN B 118 -32.51 -44.33 10.95
C ASN B 118 -32.65 -44.51 12.46
N GLY B 119 -33.46 -45.47 12.89
CA GLY B 119 -33.64 -45.76 14.29
C GLY B 119 -34.80 -45.00 14.91
N GLU B 120 -35.16 -45.40 16.12
CA GLU B 120 -36.27 -44.76 16.83
C GLU B 120 -35.94 -43.29 17.09
N ASN B 121 -34.73 -43.01 17.57
CA ASN B 121 -34.22 -41.64 17.77
C ASN B 121 -35.19 -40.89 18.69
N ILE B 122 -35.76 -39.77 18.25
CA ILE B 122 -36.56 -38.93 19.14
C ILE B 122 -37.84 -39.66 19.54
N ASP B 123 -38.44 -40.40 18.61
CA ASP B 123 -39.68 -41.14 18.79
C ASP B 123 -40.89 -40.21 18.95
N LEU B 124 -40.67 -38.90 19.02
CA LEU B 124 -41.77 -37.94 19.08
C LEU B 124 -41.50 -36.86 18.05
N THR B 125 -42.44 -36.70 17.11
CA THR B 125 -42.24 -35.80 15.98
C THR B 125 -43.56 -35.12 15.62
N GLU B 126 -43.45 -34.03 14.86
CA GLU B 126 -44.62 -33.27 14.40
C GLU B 126 -45.13 -33.92 13.12
N GLU B 127 -46.24 -34.66 13.23
CA GLU B 127 -46.79 -35.32 12.05
C GLU B 127 -47.28 -34.32 11.03
N ILE B 128 -48.00 -33.29 11.48
CA ILE B 128 -48.54 -32.24 10.61
C ILE B 128 -49.33 -32.87 9.48
N GLY B 129 -50.35 -33.65 9.83
CA GLY B 129 -51.18 -34.29 8.83
C GLY B 129 -50.47 -35.29 7.96
N GLU B 130 -49.36 -35.86 8.44
CA GLU B 130 -48.52 -36.81 7.71
C GLU B 130 -47.89 -36.21 6.47
N ASP B 131 -47.84 -34.88 6.37
CA ASP B 131 -47.13 -34.24 5.27
C ASP B 131 -45.62 -34.38 5.43
N ASP B 132 -45.14 -34.29 6.66
CA ASP B 132 -43.71 -34.33 6.95
C ASP B 132 -43.18 -35.76 6.86
N TYR B 133 -41.86 -35.86 6.77
CA TYR B 133 -41.13 -37.13 6.72
C TYR B 133 -41.67 -38.05 5.64
N ILE B 134 -41.96 -37.51 4.46
CA ILE B 134 -42.34 -38.31 3.30
C ILE B 134 -41.25 -38.37 2.25
N GLY B 135 -40.17 -37.61 2.41
CA GLY B 135 -39.07 -37.66 1.48
C GLY B 135 -39.34 -36.87 0.22
N LEU B 136 -38.38 -36.93 -0.70
CA LEU B 136 -38.45 -36.12 -1.91
C LEU B 136 -39.43 -36.71 -2.91
N VAL B 137 -39.46 -38.03 -3.05
CA VAL B 137 -40.26 -38.65 -4.11
C VAL B 137 -41.75 -38.42 -3.85
N LYS B 138 -42.19 -38.67 -2.62
CA LYS B 138 -43.60 -38.47 -2.29
C LYS B 138 -43.98 -37.00 -2.43
N PHE B 139 -43.09 -36.10 -1.98
CA PHE B 139 -43.35 -34.68 -2.07
C PHE B 139 -43.50 -34.23 -3.52
N LYS B 140 -42.65 -34.77 -4.40
CA LYS B 140 -42.80 -34.54 -5.82
C LYS B 140 -44.14 -35.08 -6.33
N ASP B 141 -44.53 -36.27 -5.86
CA ASP B 141 -45.77 -36.86 -6.31
C ASP B 141 -46.97 -35.99 -5.94
N ASN B 142 -46.98 -35.47 -4.71
CA ASN B 142 -48.07 -34.63 -4.22
C ASN B 142 -47.67 -33.17 -4.14
N PHE B 143 -46.82 -32.70 -5.04
CA PHE B 143 -46.34 -31.32 -4.97
C PHE B 143 -47.49 -30.34 -5.12
N ASP B 144 -48.39 -30.60 -6.06
CA ASP B 144 -49.52 -29.72 -6.28
C ASP B 144 -50.42 -29.68 -5.06
N ASP B 145 -50.68 -30.84 -4.46
CA ASP B 145 -51.53 -30.88 -3.27
C ASP B 145 -50.89 -30.13 -2.10
N LEU B 146 -49.59 -30.29 -1.92
CA LEU B 146 -48.90 -29.58 -0.85
C LEU B 146 -48.92 -28.08 -1.08
N LEU B 147 -48.76 -27.66 -2.35
CA LEU B 147 -48.84 -26.24 -2.66
C LEU B 147 -50.23 -25.69 -2.38
N GLU B 148 -51.27 -26.45 -2.72
CA GLU B 148 -52.63 -26.04 -2.40
C GLU B 148 -52.82 -25.95 -0.89
N LYS B 149 -52.20 -26.86 -0.14
CA LYS B 149 -52.25 -26.80 1.32
C LYS B 149 -51.56 -25.55 1.86
N TYR B 150 -50.41 -25.17 1.29
CA TYR B 150 -49.66 -24.00 1.72
C TYR B 150 -49.67 -22.96 0.59
N THR B 151 -50.69 -22.12 0.57
CA THR B 151 -50.81 -21.08 -0.45
C THR B 151 -51.51 -19.86 0.18
N ASP B 152 -50.88 -18.70 0.08
CA ASP B 152 -51.45 -17.45 0.56
C ASP B 152 -51.80 -16.60 -0.66
N LYS B 153 -53.10 -16.34 -0.83
CA LYS B 153 -53.52 -15.54 -1.98
C LYS B 153 -53.20 -14.06 -1.78
N LYS B 154 -52.81 -13.68 -0.57
CA LYS B 154 -52.51 -12.29 -0.25
C LYS B 154 -51.01 -11.99 -0.18
N LYS B 155 -50.18 -12.98 0.18
CA LYS B 155 -48.76 -12.74 0.37
C LYS B 155 -47.92 -13.55 -0.62
N TYR B 156 -48.15 -14.86 -0.66
CA TYR B 156 -47.37 -15.76 -1.50
C TYR B 156 -48.02 -16.02 -2.85
N GLN B 157 -49.04 -15.22 -3.22
CA GLN B 157 -49.75 -15.45 -4.47
C GLN B 157 -48.83 -15.26 -5.67
N LYS B 158 -47.98 -14.23 -5.65
CA LYS B 158 -47.09 -13.98 -6.77
C LYS B 158 -46.09 -15.12 -6.94
N GLU B 159 -45.54 -15.60 -5.82
CA GLU B 159 -44.63 -16.74 -5.88
C GLU B 159 -45.34 -17.97 -6.43
N TYR B 160 -46.57 -18.20 -6.02
CA TYR B 160 -47.31 -19.37 -6.49
C TYR B 160 -47.63 -19.24 -7.98
N ASP B 161 -47.91 -18.02 -8.44
CA ASP B 161 -48.11 -17.79 -9.86
C ASP B 161 -46.85 -18.08 -10.66
N PHE B 162 -45.70 -17.61 -10.16
CA PHE B 162 -44.45 -17.85 -10.87
C PHE B 162 -44.09 -19.33 -10.84
N LEU B 163 -44.56 -20.04 -9.82
CA LEU B 163 -44.49 -21.50 -9.86
C LEU B 163 -45.40 -22.05 -10.95
N ILE B 164 -46.57 -21.45 -11.13
CA ILE B 164 -47.51 -21.91 -12.15
C ILE B 164 -46.88 -21.78 -13.54
N GLU B 165 -46.20 -20.68 -13.80
CA GLU B 165 -45.57 -20.58 -15.11
C GLU B 165 -44.35 -21.48 -15.25
N ASN B 166 -44.06 -22.34 -14.26
CA ASN B 166 -42.79 -23.07 -14.23
C ASN B 166 -42.92 -24.52 -13.74
N HIS B 167 -43.88 -25.30 -14.22
CA HIS B 167 -43.82 -26.74 -13.91
C HIS B 167 -42.61 -27.39 -14.58
N ASP B 168 -42.28 -26.99 -15.81
CA ASP B 168 -41.26 -27.71 -16.56
C ASP B 168 -39.90 -27.61 -15.91
N LYS B 169 -39.64 -26.57 -15.13
CA LYS B 169 -38.29 -26.30 -14.64
C LYS B 169 -38.07 -26.66 -13.19
N ILE B 170 -39.11 -27.02 -12.44
CA ILE B 170 -38.95 -27.23 -11.00
C ILE B 170 -38.02 -28.41 -10.73
N PHE B 171 -38.22 -29.52 -11.43
CA PHE B 171 -37.40 -30.70 -11.30
C PHE B 171 -36.32 -30.70 -12.37
N ILE B 172 -35.08 -30.95 -11.97
CA ILE B 172 -33.93 -30.92 -12.88
C ILE B 172 -33.35 -32.32 -13.01
N ASN B 173 -33.03 -32.69 -14.24
CA ASN B 173 -32.54 -34.04 -14.54
C ASN B 173 -31.06 -34.07 -14.89
N LYS B 174 -30.40 -32.91 -14.94
CA LYS B 174 -28.99 -32.83 -15.29
C LYS B 174 -28.31 -31.79 -14.40
N LEU B 175 -27.11 -32.12 -13.92
CA LEU B 175 -26.36 -31.22 -13.04
C LEU B 175 -25.04 -30.80 -13.67
N PRO B 176 -24.77 -29.52 -13.82
CA PRO B 176 -23.55 -29.10 -14.51
C PRO B 176 -22.38 -28.84 -13.57
N VAL B 177 -21.19 -28.84 -14.15
CA VAL B 177 -19.93 -28.61 -13.44
C VAL B 177 -19.02 -27.73 -14.28
N PHE B 178 -18.36 -26.79 -13.59
CA PHE B 178 -17.46 -25.77 -14.12
C PHE B 178 -16.22 -26.38 -14.74
N SER B 179 -15.56 -25.59 -15.60
CA SER B 179 -14.29 -26.04 -16.16
C SER B 179 -13.26 -26.21 -15.07
N HIS B 180 -12.47 -27.29 -15.17
CA HIS B 180 -11.39 -27.47 -14.21
C HIS B 180 -10.30 -26.44 -14.44
N LYS B 181 -10.23 -25.88 -15.65
CA LYS B 181 -9.30 -24.78 -15.87
C LYS B 181 -9.81 -23.51 -15.21
N LEU B 182 -11.12 -23.27 -15.28
CA LEU B 182 -11.69 -22.16 -14.53
C LEU B 182 -11.58 -22.42 -13.03
N ARG B 183 -11.85 -23.65 -12.60
CA ARG B 183 -11.77 -23.95 -11.19
C ARG B 183 -10.32 -23.88 -10.73
N PRO B 184 -10.01 -23.07 -9.72
CA PRO B 184 -8.62 -22.90 -9.30
C PRO B 184 -8.05 -24.12 -8.60
N ALA B 185 -8.85 -25.18 -8.44
CA ALA B 185 -8.41 -26.34 -7.70
C ALA B 185 -7.16 -26.95 -8.32
N THR B 186 -6.18 -27.25 -7.48
CA THR B 186 -4.88 -27.69 -7.96
C THR B 186 -4.44 -28.92 -7.18
N LEU B 187 -3.46 -29.64 -7.72
CA LEU B 187 -2.87 -30.79 -7.04
C LEU B 187 -1.49 -30.37 -6.56
N LEU B 188 -1.43 -29.93 -5.30
CA LEU B 188 -0.15 -29.53 -4.74
C LEU B 188 0.54 -30.75 -4.15
N THR B 189 1.82 -30.60 -3.83
CA THR B 189 2.60 -31.67 -3.20
C THR B 189 2.96 -31.19 -1.81
N GLY B 190 2.05 -31.42 -0.86
CA GLY B 190 2.27 -30.96 0.50
C GLY B 190 3.45 -31.64 1.15
N SER B 191 4.01 -31.00 2.17
CA SER B 191 5.21 -31.54 2.82
C SER B 191 4.94 -32.91 3.41
N LYS B 192 3.76 -33.12 3.99
CA LYS B 192 3.37 -34.46 4.41
C LYS B 192 3.23 -35.39 3.22
N GLY B 193 2.63 -34.91 2.13
CA GLY B 193 2.47 -35.70 0.92
C GLY B 193 1.67 -34.93 -0.11
N LYS B 194 1.52 -35.56 -1.27
CA LYS B 194 0.75 -34.93 -2.35
C LYS B 194 -0.69 -34.67 -1.91
N VAL B 195 -1.04 -33.41 -1.80
CA VAL B 195 -2.35 -32.98 -1.34
C VAL B 195 -3.12 -32.41 -2.52
N LEU B 196 -4.29 -32.98 -2.79
CA LEU B 196 -5.18 -32.43 -3.80
C LEU B 196 -5.86 -31.22 -3.19
N ALA B 197 -5.25 -30.05 -3.35
CA ALA B 197 -5.80 -28.83 -2.77
C ALA B 197 -6.87 -28.25 -3.70
N PHE B 198 -8.09 -28.75 -3.52
CA PHE B 198 -9.18 -28.22 -4.30
C PHE B 198 -9.88 -27.10 -3.56
N ASP B 199 -10.41 -26.14 -4.32
CA ASP B 199 -11.41 -25.26 -3.75
C ASP B 199 -12.61 -26.10 -3.37
N GLU B 200 -13.44 -25.57 -2.49
CA GLU B 200 -14.48 -26.38 -1.87
C GLU B 200 -15.49 -26.89 -2.89
N ILE B 201 -15.57 -26.26 -4.06
CA ILE B 201 -16.65 -26.54 -5.01
C ILE B 201 -16.73 -28.03 -5.30
N ASN B 202 -15.70 -28.55 -5.98
CA ASN B 202 -15.72 -29.93 -6.39
C ASN B 202 -15.85 -30.84 -5.19
N ASN B 203 -15.40 -30.37 -4.02
CA ASN B 203 -15.57 -31.13 -2.80
C ASN B 203 -17.01 -31.62 -2.68
N TYR B 204 -17.96 -30.70 -2.58
CA TYR B 204 -19.35 -31.13 -2.54
C TYR B 204 -19.71 -31.89 -3.80
N TYR B 205 -19.23 -31.39 -4.95
CA TYR B 205 -19.50 -32.10 -6.21
C TYR B 205 -19.06 -33.54 -6.08
N ASN B 206 -17.85 -33.77 -5.56
CA ASN B 206 -17.38 -35.13 -5.36
C ASN B 206 -18.38 -35.91 -4.52
N PHE B 207 -18.75 -35.36 -3.35
CA PHE B 207 -19.76 -36.00 -2.54
C PHE B 207 -20.99 -36.31 -3.38
N VAL B 208 -21.48 -35.29 -4.10
CA VAL B 208 -22.65 -35.48 -4.95
C VAL B 208 -22.46 -36.70 -5.83
N ILE B 209 -21.40 -36.73 -6.63
CA ILE B 209 -21.25 -37.84 -7.55
C ILE B 209 -21.06 -39.13 -6.78
N GLU B 210 -20.25 -39.08 -5.71
CA GLU B 210 -20.10 -40.27 -4.88
C GLU B 210 -21.47 -40.71 -4.37
N TYR B 211 -22.27 -39.75 -3.92
CA TYR B 211 -23.61 -40.07 -3.45
C TYR B 211 -24.44 -40.68 -4.57
N ILE B 212 -24.39 -40.10 -5.77
CA ILE B 212 -25.18 -40.66 -6.86
C ILE B 212 -24.67 -42.05 -7.20
N ASN B 213 -23.39 -42.31 -6.91
CA ASN B 213 -22.85 -43.63 -7.11
C ASN B 213 -23.72 -44.65 -6.40
N GLN B 214 -24.10 -44.38 -5.15
CA GLN B 214 -24.91 -45.31 -4.39
C GLN B 214 -26.19 -45.67 -5.14
N ILE B 215 -26.84 -44.68 -5.74
CA ILE B 215 -28.08 -44.96 -6.48
C ILE B 215 -27.80 -45.86 -7.66
N ASN B 216 -26.74 -45.57 -8.42
CA ASN B 216 -26.40 -46.49 -9.49
C ASN B 216 -25.72 -47.73 -8.93
N GLU B 217 -25.28 -47.67 -7.67
CA GLU B 217 -24.84 -48.88 -6.98
C GLU B 217 -26.03 -49.71 -6.55
N GLY B 218 -27.10 -49.06 -6.08
CA GLY B 218 -28.26 -49.78 -5.58
C GLY B 218 -29.10 -50.42 -6.66
N VAL B 219 -28.48 -51.26 -7.49
CA VAL B 219 -29.21 -51.92 -8.58
C VAL B 219 -30.27 -52.86 -8.03
N VAL B 220 -29.93 -53.62 -6.99
CA VAL B 220 -30.88 -54.56 -6.40
C VAL B 220 -32.04 -53.79 -5.77
N SER B 221 -33.25 -54.34 -5.89
CA SER B 221 -34.46 -53.68 -5.43
C SER B 221 -34.93 -54.32 -4.13
N ASP B 222 -35.15 -53.49 -3.12
CA ASP B 222 -35.68 -53.94 -1.83
C ASP B 222 -36.14 -52.71 -1.07
N ASP B 223 -37.16 -52.88 -0.22
CA ASP B 223 -37.76 -51.74 0.46
C ASP B 223 -36.76 -51.03 1.36
N SER B 224 -35.99 -51.79 2.13
CA SER B 224 -35.04 -51.18 3.06
C SER B 224 -34.02 -50.32 2.32
N ILE B 225 -33.70 -50.69 1.08
CA ILE B 225 -32.82 -49.86 0.26
C ILE B 225 -33.48 -48.51 -0.02
N ASP B 226 -34.76 -48.54 -0.41
CA ASP B 226 -35.48 -47.28 -0.61
C ASP B 226 -35.62 -46.52 0.70
N LEU B 227 -35.76 -47.26 1.81
CA LEU B 227 -35.76 -46.63 3.12
C LEU B 227 -34.46 -45.88 3.38
N LEU B 228 -33.36 -46.31 2.77
CA LEU B 228 -32.12 -45.57 2.80
C LEU B 228 -31.96 -44.66 1.59
N LEU B 229 -32.55 -45.03 0.46
CA LEU B 229 -32.41 -44.24 -0.75
C LEU B 229 -33.04 -42.86 -0.60
N LEU B 230 -34.21 -42.79 0.03
CA LEU B 230 -34.88 -41.51 0.18
C LEU B 230 -34.08 -40.49 0.99
N PRO B 231 -33.49 -40.85 2.15
CA PRO B 231 -32.58 -39.89 2.80
C PRO B 231 -31.40 -39.50 1.93
N LEU B 232 -30.96 -40.39 1.05
CA LEU B 232 -29.92 -40.03 0.10
C LEU B 232 -30.39 -38.92 -0.82
N LEU B 233 -31.66 -38.98 -1.25
CA LEU B 233 -32.21 -37.89 -2.05
C LEU B 233 -32.32 -36.61 -1.23
N TYR B 234 -32.64 -36.74 0.06
CA TYR B 234 -32.65 -35.57 0.93
C TYR B 234 -31.30 -34.88 0.94
N ASN B 235 -30.23 -35.67 1.13
CA ASN B 235 -28.89 -35.09 1.09
C ASN B 235 -28.54 -34.60 -0.31
N MET B 236 -29.09 -35.22 -1.36
CA MET B 236 -28.91 -34.68 -2.70
C MET B 236 -29.38 -33.24 -2.79
N GLN B 237 -30.62 -32.98 -2.37
CA GLN B 237 -31.12 -31.62 -2.46
C GLN B 237 -30.38 -30.69 -1.52
N PHE B 238 -30.03 -31.18 -0.33
CA PHE B 238 -29.28 -30.35 0.60
C PHE B 238 -27.96 -29.91 -0.03
N TYR B 239 -27.26 -30.83 -0.67
CA TYR B 239 -25.99 -30.50 -1.31
C TYR B 239 -26.20 -29.62 -2.53
N ALA B 240 -27.32 -29.76 -3.23
CA ALA B 240 -27.58 -28.88 -4.37
C ALA B 240 -27.72 -27.44 -3.90
N ASN B 241 -28.49 -27.23 -2.83
CA ASN B 241 -28.59 -25.90 -2.27
C ASN B 241 -27.24 -25.41 -1.78
N ASN B 242 -26.45 -26.32 -1.19
CA ASN B 242 -25.09 -25.99 -0.80
C ASN B 242 -24.29 -25.48 -2.00
N ILE B 243 -24.42 -26.15 -3.14
CA ILE B 243 -23.67 -25.76 -4.32
C ILE B 243 -24.04 -24.37 -4.77
N LEU B 244 -25.34 -24.10 -4.91
CA LEU B 244 -25.73 -22.79 -5.40
C LEU B 244 -25.27 -21.68 -4.44
N THR B 245 -25.53 -21.87 -3.15
CA THR B 245 -25.14 -20.83 -2.20
C THR B 245 -23.63 -20.63 -2.20
N ARG B 246 -22.86 -21.71 -2.26
CA ARG B 246 -21.41 -21.58 -2.17
C ARG B 246 -20.84 -20.92 -3.42
N ILE B 247 -21.25 -21.36 -4.61
CA ILE B 247 -20.66 -20.80 -5.83
C ILE B 247 -21.23 -19.42 -6.12
N ILE B 248 -22.22 -18.97 -5.34
CA ILE B 248 -22.59 -17.57 -5.41
C ILE B 248 -21.98 -16.76 -4.27
N SER B 249 -21.47 -17.43 -3.24
CA SER B 249 -20.86 -16.71 -2.12
C SER B 249 -19.68 -15.87 -2.56
N GLU B 250 -18.80 -16.43 -3.39
CA GLU B 250 -17.55 -15.75 -3.72
C GLU B 250 -17.31 -15.53 -5.20
N TYR B 251 -17.79 -16.40 -6.08
CA TYR B 251 -17.48 -16.25 -7.50
C TYR B 251 -18.14 -15.01 -8.08
N LEU B 252 -19.34 -14.67 -7.60
CA LEU B 252 -20.11 -13.57 -8.17
C LEU B 252 -20.72 -12.74 -7.04
N ARG B 253 -19.93 -12.47 -6.00
CA ARG B 253 -20.39 -11.62 -4.91
C ARG B 253 -19.24 -10.75 -4.41
N GLY B 254 -19.53 -9.48 -4.15
CA GLY B 254 -18.53 -8.56 -3.64
C GLY B 254 -17.59 -8.09 -4.73
N LYS B 255 -16.63 -7.27 -4.32
CA LYS B 255 -15.65 -6.77 -5.28
C LYS B 255 -14.61 -7.83 -5.62
N LYS B 256 -14.43 -8.82 -4.74
CA LYS B 256 -13.64 -9.98 -5.11
C LYS B 256 -14.35 -10.78 -6.19
N GLY B 257 -15.67 -10.63 -6.27
CA GLY B 257 -16.44 -11.44 -7.19
C GLY B 257 -16.13 -11.12 -8.64
N PHE B 258 -16.54 -12.03 -9.53
CA PHE B 258 -16.16 -11.93 -10.92
C PHE B 258 -16.98 -10.85 -11.61
N LEU B 259 -18.17 -10.55 -11.09
CA LEU B 259 -19.06 -9.64 -11.80
C LEU B 259 -18.57 -8.20 -11.73
N ARG B 260 -17.74 -7.88 -10.74
CA ARG B 260 -17.23 -6.52 -10.61
C ARG B 260 -15.74 -6.42 -10.84
N LYS B 261 -14.99 -7.50 -10.60
CA LYS B 261 -13.54 -7.42 -10.72
C LYS B 261 -13.11 -7.32 -12.17
N ASN B 262 -13.81 -8.00 -13.08
CA ASN B 262 -13.43 -8.07 -14.48
C ASN B 262 -14.48 -7.49 -15.42
N ILE B 263 -15.74 -7.87 -15.27
CA ILE B 263 -16.73 -7.63 -16.31
C ILE B 263 -16.83 -6.15 -16.64
N MET B 264 -16.92 -5.31 -15.62
CA MET B 264 -16.98 -3.87 -15.90
C MET B 264 -15.61 -3.34 -16.30
N GLY B 265 -14.62 -3.49 -15.42
CA GLY B 265 -13.26 -3.10 -15.75
C GLY B 265 -12.33 -4.26 -15.49
N SER B 266 -11.23 -4.30 -16.24
CA SER B 266 -10.31 -5.43 -16.19
C SER B 266 -8.88 -4.94 -16.25
N ARG B 267 -7.98 -5.87 -16.55
CA ARG B 267 -6.57 -5.53 -16.73
C ARG B 267 -6.32 -4.97 -18.13
N ILE B 268 -5.22 -4.25 -18.28
CA ILE B 268 -4.81 -3.66 -19.54
C ILE B 268 -3.40 -4.11 -19.84
N ASN B 269 -3.14 -4.51 -21.08
CA ASN B 269 -1.83 -5.06 -21.40
C ASN B 269 -0.86 -3.99 -21.89
N PHE B 270 -1.36 -2.86 -22.38
CA PHE B 270 -0.53 -1.77 -22.88
C PHE B 270 -0.68 -0.60 -21.91
N SER B 271 0.10 -0.60 -20.84
CA SER B 271 -0.08 0.43 -19.82
C SER B 271 1.22 0.68 -19.10
N ALA B 272 1.28 1.84 -18.44
CA ALA B 272 2.44 2.14 -17.61
C ALA B 272 2.00 3.12 -16.53
N ARG B 273 2.88 3.36 -15.58
CA ARG B 273 2.61 4.35 -14.55
C ARG B 273 3.91 4.97 -14.06
N ASN B 274 3.84 6.22 -13.65
CA ASN B 274 5.03 6.99 -13.34
C ASN B 274 4.70 8.11 -12.36
N VAL B 275 5.75 8.79 -11.91
CA VAL B 275 5.62 9.89 -10.95
C VAL B 275 5.91 11.21 -11.67
N ILE B 276 5.14 12.25 -11.34
CA ILE B 276 5.11 13.48 -12.12
C ILE B 276 6.03 14.52 -11.51
N THR B 277 6.63 15.35 -12.36
CA THR B 277 7.50 16.45 -11.96
C THR B 277 7.22 17.64 -12.87
N PRO B 278 7.45 18.85 -12.38
CA PRO B 278 7.14 20.04 -13.19
C PRO B 278 8.07 20.21 -14.36
N LEU B 279 7.66 21.09 -15.28
CA LEU B 279 8.32 21.29 -16.56
C LEU B 279 7.88 22.63 -17.11
N ILE B 280 8.77 23.30 -17.84
CA ILE B 280 8.49 24.62 -18.37
C ILE B 280 9.04 24.73 -19.79
N GLY B 281 8.73 25.87 -20.42
CA GLY B 281 9.17 26.11 -21.78
C GLY B 281 8.29 25.49 -22.84
N HIS B 282 7.16 24.92 -22.47
CA HIS B 282 6.28 24.24 -23.39
C HIS B 282 4.85 24.67 -23.12
N PRO B 283 3.97 24.56 -24.09
CA PRO B 283 2.55 24.82 -23.83
C PRO B 283 1.98 23.76 -22.89
N ILE B 284 0.79 24.06 -22.35
CA ILE B 284 0.23 23.22 -21.30
C ILE B 284 0.00 21.80 -21.79
N ASP B 285 -0.38 21.65 -23.06
CA ASP B 285 -0.77 20.34 -23.55
C ASP B 285 0.41 19.39 -23.69
N GLU B 286 1.56 19.89 -24.13
CA GLU B 286 2.70 19.02 -24.38
C GLU B 286 3.22 18.45 -23.06
N VAL B 287 3.57 17.17 -23.07
CA VAL B 287 4.23 16.53 -21.94
C VAL B 287 5.35 15.66 -22.47
N ALA B 288 6.31 15.37 -21.60
CA ALA B 288 7.49 14.59 -21.94
C ALA B 288 7.49 13.30 -21.13
N MET B 289 7.97 12.22 -21.71
CA MET B 289 8.02 10.96 -21.00
C MET B 289 9.45 10.47 -20.90
N PRO B 290 9.78 9.72 -19.86
CA PRO B 290 11.13 9.15 -19.76
C PRO B 290 11.40 8.19 -20.89
N TYR B 291 12.67 8.09 -21.28
CA TYR B 291 13.02 7.33 -22.47
C TYR B 291 12.68 5.86 -22.31
N LYS B 292 12.90 5.30 -21.13
CA LYS B 292 12.68 3.87 -20.95
C LYS B 292 11.20 3.52 -21.11
N THR B 293 10.32 4.28 -20.47
CA THR B 293 8.91 3.92 -20.52
C THR B 293 8.34 4.13 -21.92
N PHE B 294 8.79 5.16 -22.63
CA PHE B 294 8.35 5.32 -24.01
C PHE B 294 8.85 4.18 -24.87
N ALA B 295 10.07 3.71 -24.61
CA ALA B 295 10.59 2.58 -25.37
C ALA B 295 9.75 1.35 -25.15
N GLU B 296 9.30 1.13 -23.92
CA GLU B 296 8.51 -0.06 -23.63
C GLU B 296 7.09 0.05 -24.16
N LEU B 297 6.49 1.24 -24.08
CA LEU B 297 5.08 1.37 -24.45
C LEU B 297 4.85 1.15 -25.94
N TYR B 298 5.60 1.84 -26.79
CA TYR B 298 5.40 1.77 -28.23
C TYR B 298 6.32 0.74 -28.86
N LYS B 299 6.58 -0.35 -28.15
CA LYS B 299 7.60 -1.31 -28.58
C LYS B 299 7.39 -1.75 -30.02
N PHE B 300 6.13 -1.94 -30.42
CA PHE B 300 5.88 -2.52 -31.72
C PHE B 300 5.94 -1.48 -32.84
N GLN B 301 5.63 -0.22 -32.53
CA GLN B 301 5.86 0.82 -33.53
C GLN B 301 7.33 0.87 -33.90
N LEU B 302 8.20 0.92 -32.90
CA LEU B 302 9.63 0.96 -33.16
C LEU B 302 10.08 -0.31 -33.86
N ILE B 303 9.53 -1.46 -33.48
CA ILE B 303 9.95 -2.69 -34.13
C ILE B 303 9.55 -2.66 -35.60
N ASN B 304 8.40 -2.06 -35.91
CA ASN B 304 7.98 -1.92 -37.30
C ASN B 304 8.94 -1.04 -38.08
N LEU B 305 9.24 0.14 -37.53
CA LEU B 305 10.11 1.07 -38.25
C LEU B 305 11.49 0.47 -38.45
N ILE B 306 12.01 -0.20 -37.42
CA ILE B 306 13.34 -0.79 -37.50
C ILE B 306 13.36 -1.94 -38.51
N SER B 307 12.27 -2.71 -38.59
CA SER B 307 12.19 -3.74 -39.61
C SER B 307 12.22 -3.13 -41.01
N LYS B 308 11.47 -2.04 -41.20
CA LYS B 308 11.44 -1.42 -42.51
C LYS B 308 12.80 -0.88 -42.91
N VAL B 309 13.50 -0.24 -41.98
CA VAL B 309 14.71 0.50 -42.36
C VAL B 309 15.91 -0.43 -42.41
N LYS B 310 16.08 -1.28 -41.39
CA LYS B 310 17.11 -2.31 -41.48
C LYS B 310 16.82 -3.28 -42.63
N GLY B 311 15.56 -3.65 -42.81
CA GLY B 311 15.17 -4.51 -43.90
C GLY B 311 15.23 -5.99 -43.60
N ILE B 312 15.89 -6.39 -42.51
CA ILE B 312 16.04 -7.80 -42.18
C ILE B 312 14.78 -8.22 -41.43
N ASN B 313 14.61 -9.52 -41.20
CA ASN B 313 13.41 -10.05 -40.56
C ASN B 313 13.21 -9.42 -39.18
N TYR B 314 12.02 -9.66 -38.61
CA TYR B 314 11.63 -8.97 -37.39
C TYR B 314 12.40 -9.49 -36.17
N ASN B 315 12.95 -10.69 -36.26
CA ASN B 315 13.60 -11.26 -35.08
C ASN B 315 14.88 -10.50 -34.72
N GLU B 316 15.76 -10.28 -35.70
CA GLU B 316 16.96 -9.51 -35.42
C GLU B 316 16.60 -8.09 -35.02
N ALA B 317 15.48 -7.59 -35.55
CA ALA B 317 14.97 -6.30 -35.11
C ALA B 317 14.64 -6.33 -33.64
N LEU B 318 14.02 -7.42 -33.17
CA LEU B 318 13.74 -7.57 -31.76
C LEU B 318 15.04 -7.60 -30.95
N LYS B 319 16.05 -8.27 -31.47
CA LYS B 319 17.36 -8.26 -30.82
C LYS B 319 17.89 -6.84 -30.67
N PHE B 320 17.81 -6.05 -31.75
CA PHE B 320 18.29 -4.68 -31.69
C PHE B 320 17.51 -3.87 -30.67
N TRP B 321 16.19 -4.06 -30.63
CA TRP B 321 15.39 -3.30 -29.68
C TRP B 321 15.74 -3.67 -28.24
N GLU B 322 16.01 -4.96 -28.01
CA GLU B 322 16.47 -5.38 -26.69
C GLU B 322 17.75 -4.64 -26.31
N LYS B 323 18.72 -4.64 -27.22
CA LYS B 323 19.97 -3.93 -26.95
C LYS B 323 19.71 -2.46 -26.71
N GLY B 324 18.69 -1.91 -27.37
CA GLY B 324 18.38 -0.50 -27.22
C GLY B 324 17.82 -0.16 -25.85
N ILE B 325 16.90 -0.98 -25.34
CA ILE B 325 16.36 -0.68 -24.02
C ILE B 325 17.38 -1.00 -22.94
N LEU B 326 18.34 -1.89 -23.25
CA LEU B 326 19.32 -2.25 -22.23
C LEU B 326 20.23 -1.08 -21.88
N GLY B 327 20.77 -0.40 -22.89
CA GLY B 327 21.63 0.74 -22.68
C GLY B 327 21.35 1.85 -23.68
N PHE B 328 21.68 3.09 -23.32
CA PHE B 328 21.30 4.23 -24.15
C PHE B 328 21.93 4.14 -25.53
N ASN B 329 21.13 4.41 -26.56
CA ASN B 329 21.58 4.37 -27.94
C ASN B 329 21.14 5.65 -28.64
N GLN B 330 22.01 6.18 -29.49
CA GLN B 330 21.66 7.39 -30.22
C GLN B 330 20.73 7.07 -31.39
N GLU B 331 21.01 5.99 -32.12
CA GLU B 331 20.22 5.68 -33.31
C GLU B 331 18.78 5.40 -32.93
N LEU B 332 18.56 4.63 -31.87
CA LEU B 332 17.20 4.30 -31.45
C LEU B 332 16.46 5.55 -31.01
N TYR B 333 17.16 6.47 -30.34
CA TYR B 333 16.54 7.74 -29.98
C TYR B 333 16.15 8.51 -31.23
N ASN B 334 16.98 8.48 -32.27
CA ASN B 334 16.63 9.10 -33.53
C ASN B 334 15.37 8.46 -34.11
N TYR B 335 15.27 7.14 -33.99
CA TYR B 335 14.09 6.44 -34.50
C TYR B 335 12.82 6.91 -33.79
N MET B 336 12.87 7.03 -32.46
CA MET B 336 11.68 7.51 -31.75
C MET B 336 11.40 8.98 -32.05
N GLU B 337 12.45 9.76 -32.30
CA GLU B 337 12.21 11.15 -32.68
C GLU B 337 11.48 11.22 -34.03
N GLU B 338 11.91 10.39 -34.98
CA GLU B 338 11.18 10.32 -36.24
C GLU B 338 9.74 9.88 -36.01
N LEU B 339 9.55 8.92 -35.11
CA LEU B 339 8.23 8.40 -34.83
C LEU B 339 7.29 9.45 -34.27
N ILE B 340 7.77 10.25 -33.30
CA ILE B 340 6.93 11.33 -32.77
C ILE B 340 6.67 12.38 -33.84
N THR B 341 7.69 12.66 -34.66
CA THR B 341 7.52 13.72 -35.65
C THR B 341 6.47 13.36 -36.70
N LYS B 342 6.49 12.13 -37.18
CA LYS B 342 5.75 11.77 -38.38
C LYS B 342 4.42 11.08 -38.13
N THR B 343 4.01 10.91 -36.88
CA THR B 343 2.76 10.22 -36.60
C THR B 343 1.56 11.14 -36.89
N LYS B 344 0.42 10.53 -37.21
CA LYS B 344 -0.76 11.31 -37.55
C LYS B 344 -1.29 12.09 -36.35
N GLY B 345 -1.37 11.44 -35.20
CA GLY B 345 -1.99 12.08 -34.05
C GLY B 345 -1.03 12.55 -32.99
N GLY B 346 0.27 12.35 -33.23
CA GLY B 346 1.26 12.74 -32.24
C GLY B 346 1.39 11.76 -31.11
N CYS B 347 0.84 10.55 -31.26
CA CYS B 347 1.00 9.48 -30.28
C CYS B 347 0.49 9.89 -28.91
N THR B 348 -0.80 10.19 -28.86
CA THR B 348 -1.40 10.69 -27.63
C THR B 348 -1.74 9.55 -26.68
N PHE B 349 -2.09 9.90 -25.45
CA PHE B 349 -2.44 8.92 -24.43
C PHE B 349 -3.43 9.50 -23.42
N LEU B 350 -3.79 8.64 -22.48
CA LEU B 350 -4.67 8.99 -21.37
C LEU B 350 -3.89 8.98 -20.07
N LEU B 351 -4.03 10.04 -19.29
CA LEU B 351 -3.41 10.14 -17.97
C LEU B 351 -4.53 10.20 -16.94
N ASN B 352 -4.55 9.25 -16.01
CA ASN B 352 -5.56 9.27 -14.95
C ASN B 352 -4.89 9.15 -13.59
N ARG B 353 -5.52 9.77 -12.60
CA ARG B 353 -4.92 9.96 -11.28
C ARG B 353 -5.72 9.15 -10.28
N ASN B 354 -5.11 8.09 -9.76
CA ASN B 354 -5.78 7.24 -8.79
C ASN B 354 -5.95 7.99 -7.48
N PRO B 355 -7.19 8.09 -6.93
CA PRO B 355 -8.48 7.64 -7.47
C PRO B 355 -9.27 8.77 -8.09
N THR B 356 -9.84 8.55 -9.29
CA THR B 356 -10.45 9.61 -10.06
C THR B 356 -11.87 9.88 -9.57
N ILE B 357 -12.03 11.02 -8.91
CA ILE B 357 -13.30 11.39 -8.31
C ILE B 357 -13.69 12.83 -8.63
N SER B 358 -13.13 13.43 -9.68
CA SER B 358 -13.48 14.80 -10.03
C SER B 358 -13.65 14.94 -11.53
N ILE B 359 -14.31 16.03 -11.93
CA ILE B 359 -14.60 16.24 -13.35
C ILE B 359 -13.29 16.34 -14.11
N GLY B 360 -13.23 15.62 -15.23
CA GLY B 360 -12.01 15.59 -16.00
C GLY B 360 -10.82 15.06 -15.26
N SER B 361 -11.03 14.12 -14.34
CA SER B 361 -9.89 13.56 -13.60
C SER B 361 -9.05 12.68 -14.52
N ILE B 362 -9.54 12.40 -15.71
CA ILE B 362 -8.76 11.81 -16.79
C ILE B 362 -8.42 12.91 -17.77
N LEU B 363 -7.22 12.86 -18.34
CA LEU B 363 -6.80 13.84 -19.33
C LEU B 363 -6.32 13.13 -20.59
N TYR B 364 -6.58 13.74 -21.73
CA TYR B 364 -6.07 13.27 -23.02
C TYR B 364 -4.91 14.16 -23.45
N LEU B 365 -3.70 13.62 -23.28
CA LEU B 365 -2.53 14.44 -23.52
C LEU B 365 -1.71 13.93 -24.71
N LYS B 366 -0.91 14.81 -25.27
CA LYS B 366 -0.11 14.49 -26.45
C LYS B 366 1.38 14.62 -26.14
N ILE B 367 2.13 13.59 -26.55
CA ILE B 367 3.56 13.59 -26.30
C ILE B 367 4.22 14.68 -27.12
N GLY B 368 5.16 15.39 -26.50
CA GLY B 368 5.86 16.47 -27.20
C GLY B 368 7.37 16.30 -27.31
N LEU B 369 7.98 15.60 -26.35
CA LEU B 369 9.43 15.49 -26.32
C LEU B 369 9.83 14.25 -25.54
N ILE B 370 10.82 13.52 -26.06
CA ILE B 370 11.37 12.38 -25.35
C ILE B 370 12.57 12.85 -24.56
N LYS B 371 12.58 12.54 -23.26
CA LYS B 371 13.73 12.88 -22.42
C LYS B 371 14.94 12.09 -22.87
N LYS B 372 16.09 12.76 -22.94
CA LYS B 372 17.28 12.09 -23.46
C LYS B 372 18.04 11.37 -22.36
N ASP B 373 17.97 11.88 -21.13
CA ASP B 373 18.76 11.32 -20.05
C ASP B 373 18.23 9.96 -19.64
N TYR B 374 19.09 8.94 -19.72
CA TYR B 374 18.65 7.57 -19.50
C TYR B 374 18.15 7.37 -18.08
N LYS B 375 18.85 7.93 -17.09
CA LYS B 375 18.51 7.67 -15.71
C LYS B 375 17.22 8.37 -15.30
N ASP B 376 16.87 9.46 -15.98
CA ASP B 376 15.61 10.13 -15.69
C ASP B 376 14.46 9.17 -15.91
N LEU B 377 13.58 9.07 -14.92
CA LEU B 377 12.41 8.21 -15.01
C LEU B 377 11.12 8.91 -14.65
N THR B 378 11.15 10.23 -14.44
CA THR B 378 9.95 10.94 -14.05
C THR B 378 9.27 11.53 -15.28
N LEU B 379 7.96 11.72 -15.16
CA LEU B 379 7.12 12.23 -16.23
C LEU B 379 6.96 13.73 -16.04
N GLY B 380 7.44 14.50 -17.02
CA GLY B 380 7.24 15.93 -16.98
C GLY B 380 5.78 16.27 -17.24
N ILE B 381 5.29 17.29 -16.55
CA ILE B 381 3.94 17.78 -16.79
C ILE B 381 3.87 19.26 -16.50
N SER B 382 3.13 19.99 -17.33
CA SER B 382 3.01 21.42 -17.12
C SER B 382 2.27 21.70 -15.82
N ASN B 383 2.59 22.85 -15.22
CA ASN B 383 2.04 23.17 -13.90
C ASN B 383 0.53 23.35 -13.94
N ASN B 384 0.02 23.96 -15.00
CA ASN B 384 -1.39 24.34 -15.02
C ASN B 384 -2.32 23.13 -15.01
N LEU B 385 -1.82 21.94 -15.29
CA LEU B 385 -2.66 20.75 -15.23
C LEU B 385 -2.71 20.12 -13.85
N LEU B 386 -2.04 20.71 -12.85
CA LEU B 386 -2.01 20.09 -11.54
C LEU B 386 -3.38 20.10 -10.89
N SER B 387 -4.11 21.20 -11.02
CA SER B 387 -5.38 21.33 -10.31
C SER B 387 -6.47 20.47 -10.95
N ALA B 388 -6.50 20.43 -12.27
CA ALA B 388 -7.58 19.71 -12.96
C ALA B 388 -7.56 18.24 -12.60
N LEU B 389 -6.37 17.63 -12.59
CA LEU B 389 -6.30 16.22 -12.24
C LEU B 389 -6.10 15.99 -10.75
N SER B 390 -6.00 17.06 -9.95
CA SER B 390 -5.91 16.97 -8.49
C SER B 390 -4.74 16.11 -8.06
N GLY B 391 -3.54 16.61 -8.34
CA GLY B 391 -2.33 15.92 -7.96
C GLY B 391 -1.31 16.86 -7.36
N ASP B 392 -0.22 16.27 -6.90
CA ASP B 392 0.91 17.03 -6.36
C ASP B 392 2.20 16.27 -6.60
N TYR B 393 3.30 17.02 -6.67
CA TYR B 393 4.62 16.45 -6.91
C TYR B 393 5.17 15.70 -5.71
N ASP B 394 4.36 15.44 -4.69
CA ASP B 394 4.88 14.86 -3.46
C ASP B 394 5.24 13.39 -3.63
N GLY B 395 4.75 12.74 -4.68
CA GLY B 395 4.97 11.31 -4.81
C GLY B 395 3.80 10.53 -5.37
N ASP B 396 2.75 11.23 -5.77
CA ASP B 396 1.62 10.57 -6.44
C ASP B 396 2.12 9.69 -7.57
N VAL B 397 1.41 8.60 -7.82
CA VAL B 397 1.71 7.68 -8.92
C VAL B 397 0.53 7.76 -9.88
N LEU B 398 0.78 8.22 -11.10
CA LEU B 398 -0.29 8.37 -12.07
C LEU B 398 -0.12 7.38 -13.21
N ASN B 399 -1.23 7.04 -13.85
CA ASN B 399 -1.27 5.96 -14.83
C ASN B 399 -1.49 6.48 -16.23
N ILE B 400 -0.80 5.86 -17.19
CA ILE B 400 -0.84 6.25 -18.59
C ILE B 400 -1.29 5.04 -19.41
N ILE B 401 -2.26 5.29 -20.28
CA ILE B 401 -2.81 4.32 -21.23
C ILE B 401 -2.61 4.87 -22.63
N PRO B 402 -1.78 4.26 -23.47
CA PRO B 402 -1.60 4.77 -24.82
C PRO B 402 -2.84 4.54 -25.68
N VAL B 403 -2.97 5.35 -26.72
CA VAL B 403 -4.09 5.25 -27.66
C VAL B 403 -3.55 5.05 -29.06
N PHE B 404 -4.14 4.14 -29.82
CA PHE B 404 -3.58 3.78 -31.12
C PHE B 404 -4.51 4.07 -32.29
N ASP B 405 -5.74 3.58 -32.24
CA ASP B 405 -6.65 3.71 -33.36
C ASP B 405 -6.99 5.16 -33.66
N ASN B 406 -6.97 5.53 -34.95
CA ASN B 406 -7.26 6.90 -35.33
C ASN B 406 -8.68 7.28 -34.95
N LYS B 407 -9.64 6.39 -35.18
CA LYS B 407 -11.00 6.66 -34.76
C LYS B 407 -11.05 6.88 -33.25
N MET B 408 -10.25 6.12 -32.51
CA MET B 408 -10.16 6.32 -31.08
C MET B 408 -9.60 7.70 -30.75
N LYS B 409 -8.60 8.14 -31.52
CA LYS B 409 -8.06 9.48 -31.30
C LYS B 409 -9.15 10.52 -31.46
N GLU B 410 -9.95 10.41 -32.53
CA GLU B 410 -11.01 11.39 -32.74
C GLU B 410 -12.04 11.33 -31.63
N HIS B 411 -12.42 10.12 -31.21
CA HIS B 411 -13.44 9.99 -30.18
C HIS B 411 -12.98 10.59 -28.86
N PHE B 412 -11.72 10.36 -28.50
CA PHE B 412 -11.19 10.86 -27.24
C PHE B 412 -10.71 12.29 -27.33
N SER B 413 -10.75 12.90 -28.51
CA SER B 413 -10.43 14.32 -28.62
C SER B 413 -11.30 15.15 -27.70
N LEU B 414 -12.51 14.66 -27.39
CA LEU B 414 -13.38 15.38 -26.47
C LEU B 414 -12.83 15.38 -25.05
N LEU B 415 -11.88 14.50 -24.76
CA LEU B 415 -11.22 14.44 -23.47
C LEU B 415 -9.95 15.28 -23.42
N SER B 416 -9.66 16.01 -24.49
CA SER B 416 -8.50 16.89 -24.50
C SER B 416 -8.72 18.03 -23.51
N PRO B 417 -7.66 18.55 -22.90
CA PRO B 417 -7.84 19.63 -21.91
C PRO B 417 -8.50 20.86 -22.50
N GLN B 418 -8.36 21.06 -23.81
CA GLN B 418 -9.01 22.19 -24.45
C GLN B 418 -10.53 22.10 -24.33
N ASN B 419 -11.08 20.89 -24.41
CA ASN B 419 -12.50 20.72 -24.14
C ASN B 419 -12.84 21.05 -22.69
N PHE B 420 -12.03 20.59 -21.75
CA PHE B 420 -12.32 20.88 -20.35
C PHE B 420 -12.10 22.34 -20.01
N LEU B 421 -11.52 23.12 -20.93
CA LEU B 421 -11.31 24.53 -20.67
C LEU B 421 -12.63 25.25 -20.40
N VAL B 422 -13.69 24.86 -21.09
CA VAL B 422 -14.99 25.43 -20.80
C VAL B 422 -15.60 24.71 -19.60
N ASP B 423 -16.18 25.49 -18.68
CA ASP B 423 -16.81 24.92 -17.49
C ASP B 423 -18.17 24.36 -17.87
N ARG B 424 -18.35 23.06 -17.70
CA ARG B 424 -19.65 22.46 -17.99
C ARG B 424 -20.65 22.85 -16.91
N ASN B 425 -20.17 23.46 -15.82
CA ASN B 425 -21.06 23.92 -14.77
C ASN B 425 -21.72 25.24 -15.14
N ASN B 426 -20.91 26.28 -15.31
CA ASN B 426 -21.44 27.62 -15.55
C ASN B 426 -21.12 28.18 -16.92
N GLY B 427 -20.36 27.48 -17.75
CA GLY B 427 -20.04 27.99 -19.07
C GLY B 427 -19.07 29.15 -19.10
N ARG B 428 -18.24 29.32 -18.08
CA ARG B 428 -17.21 30.34 -18.13
C ARG B 428 -15.83 29.70 -18.29
N PHE B 429 -14.81 30.56 -18.34
CA PHE B 429 -13.44 30.07 -18.36
C PHE B 429 -13.15 29.32 -17.07
N ASN B 430 -12.50 28.17 -17.21
CA ASN B 430 -12.34 27.27 -16.07
C ASN B 430 -11.24 27.75 -15.14
N GLY B 431 -11.53 27.74 -13.83
CA GLY B 431 -10.56 28.20 -12.86
C GLY B 431 -9.42 27.23 -12.63
N ASP B 432 -9.63 25.96 -12.94
CA ASP B 432 -8.55 24.98 -12.72
C ASP B 432 -7.42 25.20 -13.69
N PHE B 433 -7.72 25.67 -14.90
CA PHE B 433 -6.68 26.07 -15.84
C PHE B 433 -6.22 27.50 -15.63
N ASP B 434 -6.81 28.22 -14.68
CA ASP B 434 -6.34 29.56 -14.39
C ASP B 434 -4.92 29.50 -13.83
N LEU B 435 -4.25 30.65 -13.85
CA LEU B 435 -2.89 30.71 -13.35
C LEU B 435 -2.82 30.25 -11.90
N GLN B 436 -1.80 29.46 -11.58
CA GLN B 436 -1.59 29.01 -10.22
C GLN B 436 -0.86 30.08 -9.41
N LYS B 437 -0.33 29.65 -8.27
CA LYS B 437 0.20 30.56 -7.25
C LYS B 437 1.31 31.45 -7.80
N ASP B 438 2.44 30.85 -8.16
CA ASP B 438 3.65 31.61 -8.44
C ASP B 438 3.45 32.56 -9.62
N GLN B 439 2.78 32.08 -10.67
CA GLN B 439 2.56 32.93 -11.84
C GLN B 439 1.59 34.07 -11.51
N ILE B 440 0.60 33.82 -10.67
CA ILE B 440 -0.25 34.90 -10.18
C ILE B 440 0.61 35.98 -9.53
N LEU B 441 1.53 35.54 -8.67
CA LEU B 441 2.42 36.50 -8.02
C LEU B 441 3.21 37.29 -9.05
N GLY B 442 3.80 36.60 -10.03
CA GLY B 442 4.67 37.29 -10.98
C GLY B 442 3.93 38.29 -11.83
N ILE B 443 2.76 37.90 -12.34
CA ILE B 443 1.97 38.84 -13.13
C ILE B 443 1.56 40.02 -12.27
N PHE B 444 1.30 39.78 -10.98
CA PHE B 444 0.99 40.91 -10.09
C PHE B 444 2.18 41.86 -10.01
N ILE B 445 3.39 41.33 -9.90
CA ILE B 445 4.56 42.21 -9.90
C ILE B 445 4.62 43.01 -11.19
N LEU B 446 4.35 42.36 -12.32
CA LEU B 446 4.43 43.07 -13.59
C LEU B 446 3.40 44.19 -13.67
N ASN B 447 2.16 43.90 -13.26
CA ASN B 447 1.07 44.87 -13.36
C ASN B 447 1.17 45.91 -12.25
N ASN B 448 1.31 45.44 -11.02
CA ASN B 448 1.25 46.34 -9.88
C ASN B 448 2.56 46.35 -9.11
N MET C 1 41.64 20.29 16.82
CA MET C 1 40.74 20.14 15.68
C MET C 1 39.27 20.24 16.07
N ILE C 2 38.44 20.52 15.07
CA ILE C 2 37.01 20.68 15.32
C ILE C 2 36.44 19.39 15.89
N SER C 3 36.85 18.25 15.34
CA SER C 3 36.34 16.97 15.82
C SER C 3 36.73 16.74 17.27
N ASN C 4 37.96 17.10 17.64
CA ASN C 4 38.40 16.95 19.02
C ASN C 4 37.50 17.73 19.95
N PHE C 5 37.24 18.99 19.62
CA PHE C 5 36.40 19.82 20.47
C PHE C 5 34.99 19.27 20.56
N ARG C 6 34.44 18.84 19.43
CA ARG C 6 33.08 18.31 19.45
C ARG C 6 32.98 17.10 20.34
N LYS C 7 33.96 16.17 20.24
CA LYS C 7 33.91 14.98 21.07
C LYS C 7 34.02 15.34 22.54
N PHE C 8 34.94 16.26 22.88
CA PHE C 8 35.09 16.64 24.28
C PHE C 8 33.82 17.27 24.81
N HIS C 9 33.19 18.15 24.02
CA HIS C 9 32.01 18.87 24.49
C HIS C 9 30.82 17.93 24.60
N GLY C 10 30.74 16.94 23.72
CA GLY C 10 29.72 15.91 23.90
C GLY C 10 29.97 15.08 25.15
N ASN C 11 31.24 14.85 25.49
CA ASN C 11 31.56 14.14 26.72
C ASN C 11 31.14 14.95 27.94
N LYS C 12 31.31 16.28 27.89
CA LYS C 12 31.09 17.09 29.09
C LYS C 12 29.62 17.20 29.46
N ASN C 13 28.73 16.73 28.58
CA ASN C 13 27.30 16.87 28.85
C ASN C 13 26.92 16.07 30.09
N GLN C 14 25.95 16.58 30.85
CA GLN C 14 25.55 15.91 32.09
C GLN C 14 24.34 15.00 31.88
N GLU C 15 23.47 15.37 30.96
CA GLU C 15 22.28 14.57 30.70
C GLU C 15 22.66 13.31 29.93
N LYS C 16 22.35 12.15 30.50
CA LYS C 16 22.69 10.88 29.88
C LYS C 16 21.42 10.04 29.76
N PHE C 17 21.46 9.05 28.86
CA PHE C 17 20.37 8.11 28.74
C PHE C 17 20.46 7.06 29.84
N ASN C 18 19.50 6.14 29.84
CA ASN C 18 19.49 5.03 30.77
C ASN C 18 20.17 3.84 30.08
N GLU C 19 21.28 3.40 30.65
CA GLU C 19 22.06 2.34 30.00
C GLU C 19 21.42 0.97 30.20
N ASN C 20 20.98 0.67 31.42
CA ASN C 20 20.44 -0.66 31.68
C ASN C 20 19.14 -0.88 30.94
N LEU C 21 18.37 0.18 30.73
CA LEU C 21 17.15 0.06 29.93
C LEU C 21 17.48 -0.37 28.51
N ILE C 22 18.58 0.14 27.96
CA ILE C 22 18.96 -0.20 26.59
C ILE C 22 19.29 -1.68 26.47
N LEU C 23 20.09 -2.20 27.40
CA LEU C 23 20.46 -3.61 27.40
C LEU C 23 19.50 -4.45 28.23
N ASN C 24 18.26 -3.97 28.42
CA ASN C 24 17.30 -4.69 29.22
C ASN C 24 16.97 -6.05 28.62
N LYS C 25 16.95 -6.16 27.30
CA LYS C 25 16.53 -7.40 26.67
C LYS C 25 17.45 -8.55 27.02
N GLU C 26 18.72 -8.26 27.31
CA GLU C 26 19.65 -9.33 27.67
C GLU C 26 19.35 -9.86 29.07
N ASN C 27 18.65 -9.07 29.88
CA ASN C 27 18.42 -9.47 31.27
C ASN C 27 17.43 -10.62 31.36
N GLU C 28 16.44 -10.65 30.46
CA GLU C 28 15.40 -11.67 30.54
C GLU C 28 15.96 -13.07 30.33
N SER C 29 15.46 -14.02 31.11
CA SER C 29 15.83 -15.43 31.01
C SER C 29 14.56 -16.22 30.75
N ILE C 30 14.61 -17.15 29.79
CA ILE C 30 13.39 -17.86 29.40
C ILE C 30 12.98 -18.88 30.45
N LEU C 31 13.93 -19.40 31.22
CA LEU C 31 13.61 -20.50 32.12
C LEU C 31 12.59 -20.07 33.17
N ASN C 32 12.80 -18.88 33.74
CA ASN C 32 11.93 -18.39 34.80
C ASN C 32 10.51 -18.18 34.28
N TYR C 33 10.38 -17.61 33.08
CA TYR C 33 9.06 -17.37 32.53
C TYR C 33 8.42 -18.63 32.00
N LEU C 34 9.24 -19.64 31.69
CA LEU C 34 8.71 -20.90 31.20
C LEU C 34 8.13 -21.73 32.33
N ASP C 35 8.72 -21.62 33.52
CA ASP C 35 8.31 -22.43 34.66
C ASP C 35 6.80 -22.43 34.89
N PRO C 36 6.12 -21.27 34.94
CA PRO C 36 4.66 -21.31 35.13
C PRO C 36 3.92 -21.94 33.95
N ILE C 37 4.50 -21.88 32.76
CA ILE C 37 3.87 -22.52 31.60
C ILE C 37 3.86 -24.03 31.79
N CYS C 38 4.87 -24.55 32.51
CA CYS C 38 4.83 -25.94 32.91
C CYS C 38 3.85 -26.16 34.06
N LYS C 39 3.81 -25.20 35.00
CA LYS C 39 3.03 -25.36 36.22
C LYS C 39 1.52 -25.35 35.95
N THR C 40 1.07 -24.66 34.90
CA THR C 40 -0.37 -24.61 34.64
C THR C 40 -0.91 -25.96 34.23
N LEU C 41 -0.02 -26.90 33.91
CA LEU C 41 -0.45 -28.28 33.68
C LEU C 41 -0.84 -28.97 34.97
N GLU C 42 -0.45 -28.41 36.12
CA GLU C 42 -0.71 -29.07 37.38
C GLU C 42 -2.18 -29.01 37.80
N ILE C 43 -3.06 -28.51 36.93
CA ILE C 43 -4.49 -28.54 37.21
C ILE C 43 -4.92 -29.99 37.35
N ILE C 44 -4.48 -30.83 36.43
CA ILE C 44 -4.72 -32.28 36.56
C ILE C 44 -3.67 -32.87 37.48
N PRO C 45 -4.08 -33.61 38.52
CA PRO C 45 -3.09 -34.12 39.49
C PRO C 45 -2.09 -35.09 38.88
N GLU C 46 -2.40 -35.65 37.72
CA GLU C 46 -1.58 -36.73 37.17
C GLU C 46 -0.16 -36.27 36.83
N ILE C 47 -0.01 -35.05 36.32
CA ILE C 47 1.32 -34.59 35.94
C ILE C 47 2.09 -34.17 37.19
N THR C 48 3.40 -34.48 37.21
CA THR C 48 4.31 -34.10 38.28
C THR C 48 5.52 -33.41 37.65
N TYR C 49 5.49 -32.09 37.63
CA TYR C 49 6.55 -31.33 36.97
C TYR C 49 7.81 -31.30 37.81
N LEU C 50 8.92 -31.74 37.24
CA LEU C 50 10.21 -31.73 37.92
C LEU C 50 11.00 -30.45 37.64
N GLY C 51 11.14 -30.07 36.38
CA GLY C 51 11.87 -28.84 36.09
C GLY C 51 12.43 -28.78 34.67
N SER C 52 12.76 -27.58 34.25
CA SER C 52 13.27 -27.34 32.91
C SER C 52 14.66 -26.72 33.00
N SER C 53 15.43 -26.88 31.93
CA SER C 53 16.81 -26.40 31.88
C SER C 53 17.23 -26.12 30.45
N VAL C 54 18.08 -25.13 30.27
CA VAL C 54 18.65 -24.82 28.96
C VAL C 54 19.83 -25.75 28.68
N GLU C 55 19.76 -26.46 27.57
CA GLU C 55 20.85 -27.36 27.21
C GLU C 55 22.04 -26.54 26.72
N PRO C 56 23.27 -26.91 27.07
CA PRO C 56 24.44 -26.22 26.52
C PRO C 56 24.55 -26.46 25.02
N ILE C 57 25.19 -25.51 24.34
CA ILE C 57 25.43 -25.61 22.91
C ILE C 57 26.85 -26.14 22.70
N ASN C 58 27.41 -26.74 23.76
CA ASN C 58 28.81 -27.13 23.79
C ASN C 58 29.15 -28.28 22.86
N LYS C 59 28.16 -28.90 22.22
CA LYS C 59 28.44 -30.03 21.34
C LYS C 59 29.35 -29.63 20.19
N VAL C 60 30.26 -30.52 19.84
CA VAL C 60 31.23 -30.27 18.77
C VAL C 60 31.18 -31.45 17.79
N TYR C 61 31.12 -31.13 16.50
CA TYR C 61 31.01 -32.14 15.47
C TYR C 61 32.31 -32.91 15.31
N LYS C 62 32.18 -34.17 14.89
CA LYS C 62 33.33 -35.01 14.55
C LYS C 62 33.04 -35.68 13.21
N PHE C 63 34.08 -35.76 12.37
CA PHE C 63 33.93 -36.28 11.01
C PHE C 63 33.20 -37.62 11.01
N ASN C 64 32.22 -37.76 10.10
CA ASN C 64 31.39 -38.94 10.05
C ASN C 64 30.71 -38.99 8.69
N LYS C 65 30.11 -40.14 8.37
CA LYS C 65 29.53 -40.40 7.05
C LYS C 65 28.07 -40.81 7.12
N GLU C 66 27.24 -40.02 7.80
CA GLU C 66 25.83 -40.32 7.97
C GLU C 66 24.94 -39.67 6.91
N GLU C 67 25.43 -39.53 5.67
CA GLU C 67 24.74 -38.80 4.59
C GLU C 67 23.93 -37.62 5.13
N LYS C 68 24.59 -36.82 5.97
CA LYS C 68 23.96 -35.69 6.61
C LYS C 68 23.63 -34.59 5.61
N THR C 69 22.70 -33.73 5.98
CA THR C 69 22.23 -32.66 5.11
C THR C 69 22.29 -31.33 5.84
N SER C 70 22.76 -30.31 5.12
CA SER C 70 22.88 -28.96 5.65
C SER C 70 22.13 -28.01 4.73
N ASP C 71 21.55 -26.97 5.32
CA ASP C 71 20.67 -26.07 4.58
C ASP C 71 21.13 -24.63 4.73
N ILE C 72 20.83 -23.82 3.72
CA ILE C 72 21.26 -22.42 3.71
C ILE C 72 20.47 -21.58 4.69
N GLU C 73 19.19 -21.87 4.89
CA GLU C 73 18.38 -21.06 5.79
C GLU C 73 18.93 -21.15 7.20
N ARG C 74 19.60 -20.10 7.65
CA ARG C 74 20.38 -20.09 8.88
C ARG C 74 19.48 -19.67 10.03
N SER C 75 19.46 -20.46 11.10
CA SER C 75 18.72 -20.16 12.32
C SER C 75 19.61 -20.46 13.51
N GLU C 76 19.67 -19.54 14.46
CA GLU C 76 20.50 -19.69 15.66
C GLU C 76 19.60 -20.03 16.83
N LEU C 77 19.60 -21.29 17.24
CA LEU C 77 18.68 -21.75 18.27
C LEU C 77 19.42 -22.58 19.32
N GLN C 78 18.94 -22.46 20.55
CA GLN C 78 19.41 -23.25 21.67
C GLN C 78 18.31 -24.21 22.09
N LEU C 79 18.71 -25.33 22.69
CA LEU C 79 17.76 -26.37 23.07
C LEU C 79 17.43 -26.31 24.55
N ILE C 80 16.14 -26.46 24.87
CA ILE C 80 15.65 -26.43 26.24
C ILE C 80 14.93 -27.74 26.50
N LYS C 81 15.20 -28.34 27.66
CA LYS C 81 14.62 -29.63 28.03
C LYS C 81 13.74 -29.44 29.27
N MET C 82 12.50 -29.90 29.17
CA MET C 82 11.63 -29.99 30.33
C MET C 82 11.48 -31.43 30.78
N SER C 83 11.48 -31.63 32.09
CA SER C 83 11.35 -32.93 32.71
C SER C 83 10.13 -32.95 33.61
N PHE C 84 9.19 -33.82 33.28
CA PHE C 84 7.97 -34.03 34.05
C PHE C 84 7.97 -35.48 34.52
N LEU C 85 7.11 -35.79 35.49
CA LEU C 85 7.06 -37.13 36.05
C LEU C 85 5.62 -37.62 36.09
N ILE C 86 5.46 -38.92 35.92
CA ILE C 86 4.16 -39.58 36.09
C ILE C 86 4.39 -40.91 36.81
N GLU C 87 3.41 -41.33 37.60
CA GLU C 87 3.50 -42.57 38.36
C GLU C 87 2.15 -43.26 38.36
N LYS C 88 2.10 -44.49 37.85
CA LYS C 88 0.88 -45.28 37.77
C LYS C 88 1.23 -46.74 38.00
N ASP C 89 0.43 -47.41 38.82
CA ASP C 89 0.61 -48.83 39.14
C ASP C 89 2.03 -49.11 39.63
N ASP C 90 2.51 -48.23 40.51
CA ASP C 90 3.83 -48.35 41.13
C ASP C 90 4.97 -48.24 40.12
N LYS C 91 4.66 -47.91 38.87
CA LYS C 91 5.70 -47.69 37.88
C LYS C 91 5.74 -46.22 37.49
N LYS C 92 6.96 -45.71 37.32
CA LYS C 92 7.17 -44.29 37.11
C LYS C 92 7.78 -44.06 35.73
N GLU C 93 7.48 -42.90 35.16
CA GLU C 93 8.03 -42.49 33.87
C GLU C 93 8.41 -41.02 33.97
N GLU C 94 9.67 -40.71 33.68
CA GLU C 94 10.09 -39.33 33.61
C GLU C 94 10.13 -38.88 32.15
N ILE C 95 9.13 -38.10 31.76
CA ILE C 95 8.99 -37.63 30.38
C ILE C 95 9.92 -36.44 30.23
N ASN C 96 10.70 -36.43 29.15
CA ASN C 96 11.64 -35.36 28.88
C ASN C 96 11.40 -34.87 27.45
N LYS C 97 11.15 -33.57 27.31
CA LYS C 97 10.85 -32.97 26.02
C LYS C 97 11.84 -31.85 25.73
N PHE C 98 12.08 -31.59 24.45
CA PHE C 98 13.04 -30.59 24.02
C PHE C 98 12.39 -29.62 23.03
N ILE C 99 12.77 -28.35 23.13
CA ILE C 99 12.31 -27.33 22.20
C ILE C 99 13.49 -26.46 21.78
N TYR C 100 13.31 -25.72 20.69
CA TYR C 100 14.30 -24.78 20.18
C TYR C 100 13.85 -23.36 20.44
N PHE C 101 14.79 -22.51 20.85
CA PHE C 101 14.48 -21.09 20.94
C PHE C 101 15.59 -20.26 20.30
N PRO C 102 15.26 -19.15 19.64
CA PRO C 102 16.30 -18.29 19.07
C PRO C 102 17.14 -17.64 20.15
N LYS C 103 18.41 -17.39 19.84
CA LYS C 103 19.37 -16.85 20.77
C LYS C 103 19.55 -15.36 20.54
N LEU C 104 19.93 -14.64 21.59
CA LEU C 104 20.24 -13.22 21.43
C LEU C 104 21.54 -13.03 20.66
N ILE C 105 21.51 -12.13 19.69
CA ILE C 105 22.65 -11.85 18.83
C ILE C 105 22.83 -10.35 18.74
N ASP C 106 24.09 -9.91 18.75
CA ASP C 106 24.42 -8.48 18.79
C ASP C 106 23.87 -7.84 20.05
N SER C 107 23.57 -8.69 21.03
CA SER C 107 22.99 -8.34 22.32
C SER C 107 21.52 -7.93 22.17
N GLN C 108 21.05 -7.75 20.93
CA GLN C 108 19.61 -7.67 20.66
C GLN C 108 19.36 -8.01 19.19
N TYR C 109 19.09 -9.29 18.91
CA TYR C 109 18.58 -9.72 17.62
C TYR C 109 18.34 -11.23 17.66
N PHE C 110 17.49 -11.69 16.76
CA PHE C 110 17.26 -13.12 16.55
C PHE C 110 17.54 -13.43 15.09
N ILE C 111 18.19 -14.54 14.82
CA ILE C 111 18.47 -14.98 13.46
C ILE C 111 17.74 -16.30 13.22
N ILE C 112 16.75 -16.27 12.35
CA ILE C 112 15.95 -17.44 12.02
C ILE C 112 15.82 -17.52 10.50
N ASN C 113 16.11 -18.68 9.93
CA ASN C 113 15.94 -18.92 8.51
C ASN C 113 16.76 -17.94 7.67
N GLY C 114 17.97 -17.64 8.14
CA GLY C 114 18.81 -16.69 7.44
C GLY C 114 18.20 -15.31 7.37
N ASN C 115 17.28 -15.00 8.28
CA ASN C 115 16.62 -13.70 8.32
C ASN C 115 16.75 -13.12 9.71
N ARG C 116 16.68 -11.80 9.81
CA ARG C 116 16.88 -11.11 11.06
C ARG C 116 15.55 -10.60 11.59
N TYR C 117 15.16 -11.08 12.77
CA TYR C 117 13.95 -10.63 13.43
C TYR C 117 14.33 -9.98 14.74
N TYR C 118 13.52 -9.05 15.20
CA TYR C 118 13.81 -8.34 16.43
C TYR C 118 12.58 -8.36 17.33
N PRO C 119 12.71 -8.78 18.58
CA PRO C 119 11.58 -8.65 19.51
C PRO C 119 11.48 -7.23 20.03
N ILE C 120 10.26 -6.84 20.39
CA ILE C 120 10.00 -5.49 20.89
C ILE C 120 9.17 -5.58 22.16
N TYR C 121 9.15 -4.50 22.93
CA TYR C 121 8.28 -4.42 24.09
C TYR C 121 6.82 -4.42 23.66
N GLN C 122 5.97 -5.00 24.50
CA GLN C 122 4.53 -4.95 24.30
C GLN C 122 3.88 -4.31 25.51
N LEU C 123 2.86 -3.48 25.27
CA LEU C 123 2.21 -2.72 26.33
C LEU C 123 0.87 -3.35 26.68
N LEU C 124 0.59 -3.52 27.97
CA LEU C 124 -0.68 -4.07 28.42
C LEU C 124 -1.04 -3.47 29.77
N ASP C 125 -2.09 -4.01 30.38
CA ASP C 125 -2.58 -3.49 31.64
C ASP C 125 -2.00 -4.25 32.84
N SER C 126 -2.06 -3.60 34.01
CA SER C 126 -1.57 -4.25 35.23
C SER C 126 -2.55 -5.30 35.71
N GLY C 127 -3.82 -5.00 35.67
CA GLY C 127 -4.85 -5.88 36.18
C GLY C 127 -5.98 -5.04 36.75
N THR C 128 -7.15 -5.67 36.85
CA THR C 128 -8.35 -5.02 37.36
C THR C 128 -8.71 -3.79 36.52
N TYR C 129 -9.12 -4.05 35.28
CA TYR C 129 -9.56 -2.96 34.41
C TYR C 129 -11.07 -2.80 34.44
N ARG C 130 -11.53 -1.63 34.02
CA ARG C 130 -12.94 -1.25 34.07
C ARG C 130 -13.50 -1.10 32.67
N THR C 131 -14.57 -1.83 32.37
CA THR C 131 -15.20 -1.74 31.05
C THR C 131 -16.67 -2.14 31.17
N ASN C 132 -17.50 -1.54 30.32
CA ASN C 132 -18.97 -1.73 30.34
C ASN C 132 -19.43 -1.40 31.77
N LYS C 133 -20.24 -2.27 32.37
CA LYS C 133 -20.60 -2.15 33.77
C LYS C 133 -19.74 -3.04 34.67
N ALA C 134 -18.91 -3.90 34.07
CA ALA C 134 -18.29 -5.01 34.78
C ALA C 134 -16.85 -4.67 35.14
N LEU C 135 -16.49 -4.99 36.38
CA LEU C 135 -15.07 -4.96 36.76
C LEU C 135 -14.42 -6.25 36.30
N THR C 136 -13.17 -6.17 35.86
CA THR C 136 -12.52 -7.34 35.31
C THR C 136 -11.08 -7.40 35.78
N LEU C 137 -10.51 -8.59 35.73
CA LEU C 137 -9.09 -8.80 35.94
C LEU C 137 -8.56 -9.61 34.78
N LYS C 138 -7.46 -9.15 34.19
CA LYS C 138 -6.84 -9.83 33.06
C LYS C 138 -5.85 -10.86 33.58
N THR C 139 -6.12 -12.14 33.30
CA THR C 139 -5.25 -13.24 33.66
C THR C 139 -5.12 -14.15 32.44
N LEU C 140 -3.92 -14.71 32.25
CA LEU C 140 -3.62 -15.43 31.02
C LEU C 140 -4.64 -16.52 30.73
N LEU C 141 -5.19 -17.13 31.77
CA LEU C 141 -6.14 -18.22 31.56
C LEU C 141 -7.52 -17.71 31.22
N MET C 142 -8.12 -16.92 32.11
CA MET C 142 -9.51 -16.51 31.95
C MET C 142 -9.73 -15.23 32.74
N PRO C 143 -10.17 -14.12 32.13
CA PRO C 143 -10.32 -12.87 32.88
C PRO C 143 -11.51 -12.95 33.81
N ILE C 144 -11.30 -12.53 35.06
CA ILE C 144 -12.39 -12.63 36.04
C ILE C 144 -13.30 -11.43 35.90
N VAL C 145 -14.61 -11.69 35.82
CA VAL C 145 -15.60 -10.67 35.53
C VAL C 145 -16.61 -10.63 36.68
N LEU C 146 -16.88 -9.42 37.18
CA LEU C 146 -17.92 -9.20 38.18
C LEU C 146 -18.86 -8.12 37.66
N ARG C 147 -20.15 -8.43 37.57
CA ARG C 147 -21.13 -7.54 36.96
C ARG C 147 -22.21 -7.20 37.99
N GLU C 148 -22.58 -5.93 38.05
CA GLU C 148 -23.53 -5.45 39.06
C GLU C 148 -24.88 -5.14 38.43
N LYS C 149 -25.90 -5.14 39.29
CA LYS C 149 -27.28 -4.90 38.88
C LYS C 149 -28.01 -4.25 40.05
N LYS C 150 -28.95 -3.35 39.73
CA LYS C 150 -29.74 -2.72 40.78
C LYS C 150 -30.74 -3.71 41.35
N GLU C 151 -31.11 -3.49 42.61
CA GLU C 151 -32.13 -4.28 43.28
C GLU C 151 -32.85 -3.39 44.28
N THR C 152 -34.16 -3.52 44.36
CA THR C 152 -34.97 -2.79 45.33
C THR C 152 -35.68 -3.81 46.22
N PHE C 153 -35.52 -3.66 47.53
CA PHE C 153 -36.14 -4.55 48.50
C PHE C 153 -36.86 -3.71 49.55
N ASP C 154 -38.01 -4.20 50.00
CA ASP C 154 -38.82 -3.49 50.99
C ASP C 154 -38.70 -4.18 52.35
N ASP C 155 -38.47 -3.39 53.39
CA ASP C 155 -38.26 -3.94 54.73
C ASP C 155 -39.59 -4.31 55.38
N ILE C 156 -39.57 -4.59 56.68
CA ILE C 156 -40.78 -5.05 57.38
C ILE C 156 -41.91 -4.05 57.20
N ASN C 157 -41.61 -2.77 57.36
CA ASN C 157 -42.59 -1.70 57.16
C ASN C 157 -42.65 -1.25 55.72
N GLY C 158 -41.86 -1.87 54.84
CA GLY C 158 -41.83 -1.50 53.44
C GLY C 158 -40.67 -0.62 53.03
N GLU C 159 -39.67 -0.43 53.89
CA GLU C 159 -38.52 0.42 53.56
C GLU C 159 -37.80 -0.10 52.33
N THR C 160 -37.82 0.69 51.24
CA THR C 160 -37.21 0.26 49.99
C THR C 160 -35.76 0.74 49.91
N HIS C 161 -34.88 -0.18 49.52
CA HIS C 161 -33.45 0.11 49.38
C HIS C 161 -33.03 -0.15 47.92
N THR C 162 -32.76 0.93 47.20
CA THR C 162 -32.16 0.78 45.87
C THR C 162 -30.67 0.53 46.07
N MET C 163 -30.17 -0.59 45.55
CA MET C 163 -29.09 -1.30 46.21
C MET C 163 -28.51 -2.39 45.31
N LEU C 164 -27.20 -2.36 45.12
CA LEU C 164 -26.56 -2.90 43.91
C LEU C 164 -25.77 -4.18 44.20
N ASN C 165 -26.07 -5.25 43.45
CA ASN C 165 -25.48 -6.56 43.69
C ASN C 165 -24.45 -6.90 42.60
N VAL C 166 -23.33 -7.49 43.01
CA VAL C 166 -22.30 -7.89 42.07
C VAL C 166 -22.25 -9.40 41.95
N ASP C 167 -22.80 -9.93 40.86
CA ASP C 167 -22.76 -11.35 40.57
C ASP C 167 -21.46 -11.67 39.83
N LEU C 168 -20.94 -12.87 40.07
CA LEU C 168 -19.77 -13.35 39.35
C LEU C 168 -20.20 -14.24 38.19
N ASP C 169 -19.79 -13.87 36.98
CA ASP C 169 -20.15 -14.60 35.75
C ASP C 169 -18.88 -15.23 35.19
N LEU C 170 -18.59 -16.45 35.63
CA LEU C 170 -17.43 -17.20 35.20
C LEU C 170 -17.84 -18.62 34.88
N PHE C 171 -16.99 -19.31 34.10
CA PHE C 171 -17.29 -20.65 33.61
C PHE C 171 -18.59 -20.66 32.82
N LYS C 172 -18.85 -19.57 32.11
CA LYS C 172 -20.06 -19.40 31.29
C LYS C 172 -21.33 -19.60 32.13
N SER C 173 -21.36 -18.94 33.28
CA SER C 173 -22.50 -19.04 34.19
C SER C 173 -22.44 -17.91 35.20
N LYS C 174 -23.61 -17.35 35.55
CA LYS C 174 -23.68 -16.29 36.55
C LYS C 174 -23.85 -16.93 37.93
N VAL C 175 -22.75 -16.91 38.69
CA VAL C 175 -22.66 -17.61 39.96
C VAL C 175 -22.07 -16.64 40.99
N PRO C 176 -22.84 -16.15 41.96
CA PRO C 176 -22.33 -15.13 42.88
C PRO C 176 -21.16 -15.62 43.71
N PHE C 177 -20.31 -14.68 44.12
CA PHE C 177 -19.14 -15.02 44.93
C PHE C 177 -19.55 -15.45 46.33
N LEU C 178 -20.60 -14.84 46.87
CA LEU C 178 -21.01 -15.20 48.22
C LEU C 178 -21.41 -16.66 48.29
N ILE C 179 -21.98 -17.21 47.22
CA ILE C 179 -22.33 -18.62 47.27
C ILE C 179 -21.08 -19.49 47.14
N TYR C 180 -20.02 -18.97 46.51
CA TYR C 180 -18.74 -19.68 46.54
C TYR C 180 -18.20 -19.78 47.97
N PHE C 181 -18.01 -18.63 48.63
CA PHE C 181 -17.60 -18.64 50.04
C PHE C 181 -18.60 -19.41 50.89
N PHE C 182 -19.85 -19.47 50.44
CA PHE C 182 -20.94 -19.88 51.29
C PHE C 182 -21.07 -21.39 51.27
N SER C 183 -20.71 -21.99 50.13
CA SER C 183 -20.42 -23.41 50.01
C SER C 183 -19.09 -23.79 50.65
N LYS C 184 -18.09 -22.92 50.58
CA LYS C 184 -16.78 -23.22 51.13
C LYS C 184 -16.78 -23.31 52.65
N PHE C 185 -17.17 -22.23 53.33
CA PHE C 185 -17.05 -22.13 54.77
C PHE C 185 -18.38 -22.15 55.52
N GLY C 186 -19.49 -22.30 54.83
CA GLY C 186 -20.80 -22.12 55.45
C GLY C 186 -21.17 -20.65 55.52
N PHE C 187 -22.40 -20.40 55.97
CA PHE C 187 -22.84 -19.01 56.09
C PHE C 187 -21.98 -18.28 57.12
N GLU C 188 -21.63 -18.98 58.20
CA GLU C 188 -20.96 -18.36 59.33
C GLU C 188 -19.47 -18.27 59.08
N GLY C 189 -18.88 -19.28 58.45
CA GLY C 189 -17.52 -19.13 57.95
C GLY C 189 -17.43 -18.00 56.93
N THR C 190 -18.46 -17.86 56.11
CA THR C 190 -18.49 -16.76 55.15
C THR C 190 -18.50 -15.41 55.87
N LEU C 191 -19.39 -15.24 56.85
CA LEU C 191 -19.51 -13.96 57.53
C LEU C 191 -18.26 -13.64 58.36
N GLU C 192 -17.70 -14.64 59.03
CA GLU C 192 -16.50 -14.40 59.82
C GLU C 192 -15.28 -14.21 58.95
N TYR C 193 -15.32 -14.69 57.71
CA TYR C 193 -14.14 -14.59 56.85
C TYR C 193 -13.82 -13.14 56.54
N PHE C 194 -14.84 -12.32 56.33
CA PHE C 194 -14.64 -10.89 56.15
C PHE C 194 -14.54 -10.14 57.48
N GLY C 195 -14.72 -10.81 58.61
CA GLY C 195 -14.79 -10.16 59.90
C GLY C 195 -16.14 -9.55 60.21
N LEU C 196 -17.12 -9.72 59.33
CA LEU C 196 -18.44 -9.12 59.46
C LEU C 196 -19.47 -10.10 60.02
N GLN C 197 -19.01 -11.14 60.72
CA GLN C 197 -19.94 -12.11 61.30
C GLN C 197 -20.87 -11.48 62.33
N ASP C 198 -20.30 -10.74 63.28
CA ASP C 198 -21.09 -10.29 64.43
C ASP C 198 -22.14 -9.28 64.02
N LEU C 199 -21.85 -8.47 62.99
CA LEU C 199 -22.77 -7.40 62.63
C LEU C 199 -24.04 -7.94 62.00
N ILE C 200 -24.02 -9.20 61.57
CA ILE C 200 -25.10 -9.80 60.81
C ILE C 200 -25.73 -10.90 61.66
N HIS C 201 -27.06 -10.95 61.68
CA HIS C 201 -27.78 -12.00 62.38
C HIS C 201 -28.93 -12.45 61.50
N VAL C 202 -29.56 -13.58 61.85
CA VAL C 202 -30.62 -14.13 61.03
C VAL C 202 -31.58 -14.92 61.91
N LEU C 203 -32.88 -14.79 61.64
CA LEU C 203 -33.90 -15.47 62.42
C LEU C 203 -35.14 -15.72 61.58
N MET C 204 -35.95 -16.67 62.06
CA MET C 204 -37.21 -17.03 61.43
C MET C 204 -38.29 -16.03 61.85
N LYS C 205 -39.46 -16.10 61.20
CA LYS C 205 -40.43 -15.01 61.28
C LYS C 205 -40.87 -14.76 62.71
N GLU C 206 -41.20 -15.81 63.46
CA GLU C 206 -41.54 -15.61 64.87
C GLU C 206 -40.34 -15.08 65.64
N ASP C 207 -39.16 -15.65 65.38
CA ASP C 207 -37.95 -15.14 66.00
C ASP C 207 -37.62 -13.75 65.50
N LEU C 208 -38.06 -13.41 64.28
CA LEU C 208 -37.98 -12.04 63.83
C LEU C 208 -38.88 -11.13 64.65
N ASP C 209 -40.07 -11.62 65.01
CA ASP C 209 -40.98 -10.81 65.81
C ASP C 209 -40.44 -10.60 67.22
N GLN C 210 -39.84 -11.62 67.82
CA GLN C 210 -39.36 -11.46 69.19
C GLN C 210 -38.16 -10.53 69.23
N LEU C 211 -37.53 -10.26 68.09
CA LEU C 211 -36.45 -9.29 68.03
C LEU C 211 -36.97 -7.91 68.39
N ASP C 212 -36.33 -7.28 69.38
CA ASP C 212 -36.81 -6.02 69.90
C ASP C 212 -36.58 -4.89 68.90
N GLU C 213 -37.40 -3.83 69.04
CA GLU C 213 -37.26 -2.66 68.18
C GLU C 213 -35.93 -1.95 68.39
N ASP C 214 -35.29 -2.17 69.54
CA ASP C 214 -33.95 -1.63 69.76
C ASP C 214 -32.97 -2.19 68.72
N GLU C 215 -33.11 -3.48 68.42
CA GLU C 215 -32.29 -4.10 67.38
C GLU C 215 -32.57 -3.47 66.02
N ILE C 216 -33.85 -3.17 65.75
CA ILE C 216 -34.20 -2.51 64.49
C ILE C 216 -33.55 -1.14 64.40
N ASN C 217 -33.59 -0.38 65.49
CA ASN C 217 -32.96 0.93 65.50
C ASN C 217 -31.44 0.81 65.42
N ASP C 218 -30.91 -0.38 65.69
CA ASP C 218 -29.49 -0.63 65.51
C ASP C 218 -29.18 -1.37 64.22
N ASN C 219 -30.05 -2.28 63.79
CA ASN C 219 -29.85 -3.03 62.56
C ASN C 219 -31.06 -2.88 61.66
N VAL C 220 -30.83 -2.52 60.41
CA VAL C 220 -31.87 -2.59 59.40
C VAL C 220 -32.10 -4.05 59.04
N ILE C 221 -33.36 -4.43 58.93
CA ILE C 221 -33.73 -5.81 58.62
C ILE C 221 -33.84 -5.99 57.12
N PHE C 222 -33.44 -7.17 56.65
CA PHE C 222 -33.56 -7.58 55.27
C PHE C 222 -34.22 -8.96 55.27
N MET C 223 -35.53 -8.94 55.05
CA MET C 223 -36.36 -10.14 54.99
C MET C 223 -35.87 -11.11 53.92
N ILE C 224 -35.66 -12.37 54.32
CA ILE C 224 -35.10 -13.38 53.42
C ILE C 224 -36.20 -13.97 52.55
N THR C 225 -37.15 -14.65 53.19
CA THR C 225 -38.26 -15.29 52.51
C THR C 225 -39.46 -15.14 53.44
N LYS C 226 -40.64 -15.54 52.96
CA LYS C 226 -41.88 -15.24 53.67
C LYS C 226 -41.79 -15.58 55.16
N ASN C 227 -40.86 -16.46 55.54
CA ASN C 227 -40.62 -16.76 56.94
C ASN C 227 -39.30 -16.16 57.42
N ILE C 228 -38.19 -16.53 56.79
CA ILE C 228 -36.87 -16.22 57.34
C ILE C 228 -36.50 -14.78 57.01
N SER C 229 -35.59 -14.20 57.79
CA SER C 229 -35.17 -12.82 57.61
C SER C 229 -33.81 -12.62 58.25
N LEU C 230 -32.94 -11.87 57.58
CA LEU C 230 -31.64 -11.49 58.11
C LEU C 230 -31.68 -10.04 58.61
N VAL C 231 -30.65 -9.66 59.35
CA VAL C 231 -30.53 -8.31 59.88
C VAL C 231 -29.06 -7.88 59.82
N VAL C 232 -28.84 -6.63 59.40
CA VAL C 232 -27.51 -6.05 59.26
C VAL C 232 -27.48 -4.71 59.97
N ASP C 233 -26.37 -4.42 60.66
CA ASP C 233 -26.26 -3.17 61.40
C ASP C 233 -26.44 -1.96 60.49
N LYS C 234 -27.20 -0.97 60.97
CA LYS C 234 -27.41 0.25 60.20
C LYS C 234 -26.10 1.00 60.00
N ASN C 235 -25.26 1.07 61.03
CA ASN C 235 -23.97 1.72 60.88
C ASN C 235 -23.08 0.95 59.90
N PHE C 236 -23.14 -0.39 59.97
CA PHE C 236 -22.47 -1.21 58.97
C PHE C 236 -23.07 -0.98 57.59
N PHE C 237 -24.40 -0.88 57.52
CA PHE C 237 -25.06 -0.75 56.22
C PHE C 237 -24.85 0.64 55.64
N SER C 238 -24.31 1.56 56.43
CA SER C 238 -24.01 2.90 55.92
C SER C 238 -22.99 2.85 54.79
N ASN C 239 -21.96 2.01 54.93
CA ASN C 239 -20.95 1.90 53.89
C ASN C 239 -21.55 1.36 52.60
N LYS C 240 -21.23 2.01 51.48
CA LYS C 240 -21.82 1.62 50.20
C LYS C 240 -21.39 0.22 49.78
N ASN C 241 -20.10 -0.10 49.95
CA ASN C 241 -19.64 -1.44 49.60
C ASN C 241 -20.30 -2.49 50.48
N ASN C 242 -20.59 -2.14 51.73
CA ASN C 242 -21.38 -3.04 52.57
C ASN C 242 -22.78 -3.24 51.99
N GLN C 243 -23.38 -2.16 51.45
CA GLN C 243 -24.62 -2.33 50.72
C GLN C 243 -24.45 -3.32 49.58
N ILE C 244 -23.31 -3.28 48.90
CA ILE C 244 -23.08 -4.18 47.77
C ILE C 244 -23.01 -5.64 48.25
N ILE C 245 -22.31 -5.88 49.35
CA ILE C 245 -22.25 -7.23 49.91
C ILE C 245 -23.65 -7.71 50.27
N ILE C 246 -24.40 -6.86 50.98
CA ILE C 246 -25.77 -7.23 51.37
C ILE C 246 -26.62 -7.45 50.12
N ALA C 247 -26.27 -6.79 49.02
CA ALA C 247 -27.01 -6.92 47.78
C ALA C 247 -26.80 -8.27 47.14
N THR C 248 -25.55 -8.68 47.00
CA THR C 248 -25.30 -10.03 46.51
C THR C 248 -25.90 -11.06 47.44
N LEU C 249 -25.93 -10.76 48.74
CA LEU C 249 -26.58 -11.64 49.69
C LEU C 249 -28.09 -11.73 49.45
N LEU C 250 -28.70 -10.59 49.10
CA LEU C 250 -30.11 -10.57 48.71
C LEU C 250 -30.33 -11.39 47.45
N ASN C 251 -29.37 -11.35 46.53
CA ASN C 251 -29.43 -12.22 45.36
C ASN C 251 -29.37 -13.67 45.76
N CYS C 252 -28.65 -13.98 46.85
CA CYS C 252 -28.68 -15.33 47.41
C CYS C 252 -30.03 -15.65 48.04
N PHE C 253 -30.86 -14.65 48.33
CA PHE C 253 -32.15 -14.89 48.97
C PHE C 253 -33.10 -15.52 47.96
N ASN C 254 -32.83 -16.79 47.65
CA ASN C 254 -33.66 -17.52 46.70
C ASN C 254 -35.02 -17.82 47.33
N THR C 255 -36.04 -17.87 46.48
CA THR C 255 -37.42 -17.98 46.96
C THR C 255 -37.63 -19.27 47.75
N ARG C 256 -37.10 -20.38 47.26
CA ARG C 256 -37.27 -21.67 47.92
C ARG C 256 -36.10 -21.92 48.85
N ILE C 257 -36.39 -22.08 50.14
CA ILE C 257 -35.36 -22.29 51.15
C ILE C 257 -36.02 -22.87 52.40
N LYS C 258 -35.28 -23.75 53.09
CA LYS C 258 -35.69 -24.34 54.34
C LYS C 258 -34.59 -24.20 55.37
N ILE C 259 -34.95 -24.20 56.65
CA ILE C 259 -34.00 -23.90 57.72
C ILE C 259 -32.83 -24.87 57.70
N ASP C 260 -33.10 -26.16 57.52
CA ASP C 260 -32.03 -27.13 57.41
C ASP C 260 -31.19 -26.88 56.17
N LYS C 261 -31.81 -26.41 55.09
CA LYS C 261 -31.07 -26.03 53.90
C LYS C 261 -30.16 -24.83 54.18
N ILE C 262 -30.63 -23.89 55.01
CA ILE C 262 -29.74 -22.82 55.47
C ILE C 262 -28.65 -23.38 56.36
N TYR C 263 -28.88 -24.54 56.98
CA TYR C 263 -27.89 -25.11 57.89
C TYR C 263 -27.27 -26.40 57.36
N GLU C 264 -26.88 -26.43 56.08
CA GLU C 264 -26.10 -27.54 55.53
C GLU C 264 -25.29 -27.05 54.34
N LYS C 265 -24.01 -27.43 54.30
CA LYS C 265 -23.13 -27.01 53.21
C LYS C 265 -23.40 -27.80 51.94
N ASP C 266 -23.78 -29.07 52.08
CA ASP C 266 -24.06 -29.89 50.91
C ASP C 266 -25.21 -29.29 50.09
N TYR C 267 -26.14 -28.63 50.77
CA TYR C 267 -27.24 -27.96 50.07
C TYR C 267 -26.69 -26.92 49.11
N TRP C 268 -25.73 -26.12 49.55
CA TRP C 268 -25.20 -25.07 48.69
C TRP C 268 -24.28 -25.66 47.64
N VAL C 269 -23.66 -26.80 47.93
CA VAL C 269 -22.92 -27.51 46.90
C VAL C 269 -23.87 -27.91 45.77
N LYS C 270 -25.04 -28.42 46.14
CA LYS C 270 -26.05 -28.76 45.14
C LYS C 270 -26.53 -27.52 44.40
N LYS C 271 -26.70 -26.41 45.12
CA LYS C 271 -27.12 -25.17 44.46
C LYS C 271 -26.09 -24.70 43.43
N LEU C 272 -24.81 -24.73 43.82
CA LEU C 272 -23.74 -24.37 42.89
C LEU C 272 -23.74 -25.29 41.69
N GLY C 273 -23.86 -26.60 41.92
CA GLY C 273 -23.91 -27.53 40.80
C GLY C 273 -25.08 -27.27 39.89
N GLY C 274 -26.26 -27.00 40.46
CA GLY C 274 -27.42 -26.69 39.65
C GLY C 274 -27.24 -25.43 38.82
N TYR C 275 -26.53 -24.45 39.38
CA TYR C 275 -26.12 -23.32 38.56
C TYR C 275 -25.22 -23.78 37.41
N PHE C 276 -24.29 -24.70 37.69
CA PHE C 276 -23.44 -25.23 36.63
C PHE C 276 -24.22 -26.22 35.75
N THR C 277 -24.97 -27.12 36.37
CA THR C 277 -25.71 -28.14 35.64
C THR C 277 -26.86 -28.65 36.51
N THR C 278 -28.07 -28.62 35.96
CA THR C 278 -29.26 -28.88 36.75
C THR C 278 -29.34 -30.32 37.24
N ASN C 279 -28.48 -31.20 36.71
CA ASN C 279 -28.51 -32.60 37.12
C ASN C 279 -28.22 -32.74 38.61
N ASN C 280 -29.16 -33.36 39.32
CA ASN C 280 -29.04 -33.49 40.78
C ASN C 280 -27.81 -34.28 41.16
N SER C 281 -27.54 -35.38 40.45
CA SER C 281 -26.35 -36.16 40.72
C SER C 281 -25.09 -35.34 40.45
N ASN C 282 -25.09 -34.59 39.34
CA ASN C 282 -23.91 -33.83 38.98
C ASN C 282 -23.75 -32.60 39.86
N LYS C 283 -24.82 -32.20 40.58
CA LYS C 283 -24.75 -30.99 41.40
C LYS C 283 -23.61 -31.06 42.38
N GLN C 284 -23.51 -32.14 43.15
CA GLN C 284 -22.40 -32.28 44.08
C GLN C 284 -21.07 -32.39 43.35
N GLU C 285 -21.00 -33.29 42.37
CA GLU C 285 -19.75 -33.54 41.66
C GLU C 285 -19.29 -32.29 40.91
N LYS C 286 -20.20 -31.68 40.15
CA LYS C 286 -19.80 -30.51 39.38
C LYS C 286 -19.52 -29.32 40.29
N GLY C 287 -20.25 -29.19 41.39
CA GLY C 287 -19.93 -28.14 42.34
C GLY C 287 -18.52 -28.26 42.87
N GLU C 288 -18.13 -29.46 43.28
CA GLU C 288 -16.76 -29.67 43.75
C GLU C 288 -15.75 -29.44 42.62
N GLY C 289 -16.04 -29.94 41.43
CA GLY C 289 -15.11 -29.78 40.32
C GLY C 289 -14.88 -28.33 39.99
N ILE C 290 -15.95 -27.53 39.97
CA ILE C 290 -15.78 -26.10 39.71
C ILE C 290 -15.17 -25.39 40.90
N ILE C 291 -15.29 -25.95 42.11
CA ILE C 291 -14.57 -25.37 43.24
C ILE C 291 -13.06 -25.48 43.01
N LEU C 292 -12.59 -26.68 42.67
CA LEU C 292 -11.16 -26.83 42.38
C LEU C 292 -10.75 -26.09 41.10
N SER C 293 -11.63 -25.98 40.12
CA SER C 293 -11.32 -25.17 38.95
C SER C 293 -11.17 -23.70 39.32
N PHE C 294 -12.04 -23.21 40.20
CA PHE C 294 -11.98 -21.82 40.62
C PHE C 294 -10.72 -21.56 41.44
N GLU C 295 -10.27 -22.58 42.18
CA GLU C 295 -8.94 -22.50 42.80
C GLU C 295 -7.85 -22.48 41.73
N ARG C 296 -8.05 -23.23 40.65
CA ARG C 296 -7.08 -23.24 39.55
C ARG C 296 -7.00 -21.86 38.88
N ILE C 297 -8.07 -21.06 38.96
CA ILE C 297 -8.06 -19.75 38.30
C ILE C 297 -6.84 -18.94 38.68
N LEU C 298 -6.53 -18.89 39.98
CA LEU C 298 -5.33 -18.20 40.43
C LEU C 298 -4.08 -18.92 39.91
N ASP C 299 -3.11 -18.14 39.46
CA ASP C 299 -1.82 -18.67 39.07
C ASP C 299 -0.72 -17.83 39.73
N GLU C 300 0.39 -18.50 40.02
CA GLU C 300 1.46 -17.88 40.79
C GLU C 300 1.96 -16.61 40.12
N TRP C 301 2.00 -16.60 38.79
CA TRP C 301 2.45 -15.43 38.07
C TRP C 301 1.57 -14.22 38.37
N THR C 302 0.25 -14.42 38.32
CA THR C 302 -0.67 -13.32 38.57
C THR C 302 -0.53 -12.81 40.00
N LYS C 303 -0.36 -13.74 40.95
CA LYS C 303 -0.15 -13.34 42.34
C LYS C 303 1.13 -12.53 42.49
N LYS C 304 2.18 -12.92 41.77
CA LYS C 304 3.42 -12.16 41.81
C LYS C 304 3.22 -10.75 41.26
N ILE C 305 2.55 -10.65 40.09
CA ILE C 305 2.48 -9.37 39.40
C ILE C 305 1.56 -8.40 40.14
N LEU C 306 0.51 -8.92 40.78
CA LEU C 306 -0.48 -8.05 41.40
C LEU C 306 0.14 -7.27 42.55
N ARG C 307 -0.24 -5.99 42.64
CA ARG C 307 0.31 -5.10 43.65
C ARG C 307 -0.38 -5.22 45.00
N THR C 308 -1.39 -6.08 45.10
CA THR C 308 -2.14 -6.22 46.34
C THR C 308 -1.30 -6.93 47.40
N GLU C 309 -1.75 -6.81 48.65
CA GLU C 309 -1.11 -7.53 49.75
C GLU C 309 -1.30 -9.04 49.57
N GLU C 310 -0.27 -9.80 49.96
CA GLU C 310 -0.29 -11.24 49.75
C GLU C 310 -1.40 -11.91 50.55
N LYS C 311 -1.77 -11.36 51.71
CA LYS C 311 -2.89 -11.92 52.45
C LYS C 311 -4.18 -11.83 51.65
N ASN C 312 -4.31 -10.77 50.86
CA ASN C 312 -5.45 -10.62 49.97
C ASN C 312 -5.31 -11.45 48.70
N LYS C 313 -4.16 -12.07 48.48
CA LYS C 313 -3.94 -12.92 47.30
C LYS C 313 -3.38 -14.29 47.68
N GLU C 314 -3.57 -14.72 48.93
CA GLU C 314 -3.09 -16.05 49.32
C GLU C 314 -3.77 -17.12 48.49
N ASP C 315 -5.09 -17.07 48.39
CA ASP C 315 -5.83 -17.96 47.52
C ASP C 315 -6.78 -17.14 46.68
N ILE C 316 -7.38 -17.80 45.69
CA ILE C 316 -8.26 -17.09 44.76
C ILE C 316 -9.47 -16.53 45.50
N TYR C 317 -9.92 -17.24 46.55
CA TYR C 317 -11.00 -16.71 47.37
C TYR C 317 -10.63 -15.36 47.95
N SER C 318 -9.41 -15.25 48.49
CA SER C 318 -8.95 -13.97 49.03
C SER C 318 -8.89 -12.92 47.94
N VAL C 319 -8.54 -13.34 46.72
CA VAL C 319 -8.51 -12.40 45.61
C VAL C 319 -9.89 -11.81 45.38
N VAL C 320 -10.90 -12.68 45.26
CA VAL C 320 -12.25 -12.18 45.02
C VAL C 320 -12.73 -11.31 46.18
N ARG C 321 -12.35 -11.70 47.40
CA ARG C 321 -12.68 -10.88 48.57
C ARG C 321 -12.09 -9.48 48.43
N TRP C 322 -10.83 -9.41 48.01
CA TRP C 322 -10.20 -8.10 47.83
C TRP C 322 -10.92 -7.29 46.77
N MET C 323 -11.32 -7.94 45.68
CA MET C 323 -12.01 -7.20 44.63
C MET C 323 -13.35 -6.64 45.11
N ILE C 324 -14.15 -7.46 45.79
CA ILE C 324 -15.52 -7.01 46.05
C ILE C 324 -15.59 -6.20 47.35
N ASN C 325 -14.54 -6.25 48.17
CA ASN C 325 -14.53 -5.41 49.37
C ASN C 325 -14.25 -3.97 49.01
N ASN C 326 -13.65 -3.74 47.84
CA ASN C 326 -13.27 -2.41 47.39
C ASN C 326 -13.89 -2.06 46.05
N TYR C 327 -15.00 -2.72 45.69
CA TYR C 327 -15.49 -2.72 44.32
C TYR C 327 -15.72 -1.33 43.77
N LEU C 328 -16.34 -0.46 44.56
CA LEU C 328 -16.70 0.87 44.07
C LEU C 328 -15.47 1.70 43.72
N ALA C 329 -14.44 1.66 44.58
CA ALA C 329 -13.21 2.39 44.29
C ALA C 329 -12.52 1.82 43.06
N LEU C 330 -12.46 0.49 42.93
CA LEU C 330 -11.79 -0.10 41.78
C LEU C 330 -12.56 0.17 40.49
N VAL C 331 -13.86 0.42 40.60
CA VAL C 331 -14.60 0.84 39.42
C VAL C 331 -14.07 2.17 38.91
N LYS C 332 -13.81 3.10 39.82
CA LYS C 332 -13.25 4.40 39.45
C LYS C 332 -11.74 4.27 39.30
N GLN C 333 -11.28 4.09 38.07
CA GLN C 333 -9.85 4.03 37.81
C GLN C 333 -9.59 4.55 36.40
N ASP C 334 -8.42 5.14 36.23
CA ASP C 334 -8.00 5.63 34.91
C ASP C 334 -7.76 4.45 33.99
N ASN C 335 -8.19 4.59 32.74
CA ASN C 335 -7.95 3.53 31.78
C ASN C 335 -6.70 3.79 30.96
N MET C 336 -5.99 4.89 31.24
CA MET C 336 -4.86 5.31 30.41
C MET C 336 -3.60 5.61 31.20
N ASN C 337 -3.69 5.83 32.51
CA ASN C 337 -2.50 6.11 33.29
C ASN C 337 -1.56 4.90 33.25
N LEU C 338 -0.29 5.16 32.93
CA LEU C 338 0.65 4.06 32.75
C LEU C 338 0.89 3.30 34.04
N ALA C 339 0.64 3.93 35.18
CA ALA C 339 0.76 3.21 36.45
C ALA C 339 -0.21 2.05 36.49
N ASN C 340 -1.23 2.09 35.64
CA ASN C 340 -2.17 0.99 35.44
C ASN C 340 -1.62 0.00 34.40
N LYS C 341 -0.56 0.38 33.68
CA LYS C 341 -0.07 -0.40 32.56
C LYS C 341 1.31 -0.97 32.86
N ARG C 342 1.77 -1.84 31.97
CA ARG C 342 3.02 -2.57 32.14
C ARG C 342 3.53 -3.02 30.79
N ILE C 343 4.80 -3.46 30.76
CA ILE C 343 5.47 -3.85 29.52
C ILE C 343 6.00 -5.27 29.66
N ARG C 344 5.86 -6.03 28.58
CA ARG C 344 6.17 -7.45 28.58
C ARG C 344 6.84 -7.82 27.26
N LEU C 345 7.90 -8.61 27.34
CA LEU C 345 8.63 -8.98 26.13
C LEU C 345 8.94 -10.46 26.00
N TYR C 346 9.31 -11.14 27.10
CA TYR C 346 9.52 -12.58 27.07
C TYR C 346 8.30 -13.42 27.44
N GLU C 347 7.16 -12.79 27.70
CA GLU C 347 5.98 -13.57 28.09
C GLU C 347 5.22 -14.08 26.89
N TYR C 348 4.86 -13.17 25.97
CA TYR C 348 4.05 -13.55 24.83
C TYR C 348 4.72 -14.56 23.92
N LEU C 349 6.05 -14.67 23.99
CA LEU C 349 6.74 -15.61 23.11
C LEU C 349 6.32 -17.04 23.38
N LEU C 350 6.20 -17.42 24.64
CA LEU C 350 5.82 -18.77 25.00
C LEU C 350 4.31 -18.96 24.99
N HIS C 351 3.56 -17.91 24.66
CA HIS C 351 2.10 -18.00 24.67
C HIS C 351 1.57 -19.10 23.75
N PRO C 352 2.05 -19.27 22.51
CA PRO C 352 1.58 -20.42 21.72
C PRO C 352 1.87 -21.76 22.38
N LEU C 353 3.03 -21.88 23.03
CA LEU C 353 3.30 -23.08 23.80
C LEU C 353 2.31 -23.24 24.94
N LEU C 354 1.95 -22.12 25.58
CA LEU C 354 0.95 -22.15 26.64
C LEU C 354 -0.38 -22.66 26.11
N ILE C 355 -0.77 -22.19 24.92
CA ILE C 355 -2.05 -22.61 24.34
C ILE C 355 -2.03 -24.10 24.01
N LYS C 356 -0.92 -24.59 23.44
CA LYS C 356 -0.83 -26.02 23.14
C LYS C 356 -0.89 -26.84 24.42
N PHE C 357 -0.17 -26.42 25.45
CA PHE C 357 -0.16 -27.15 26.71
C PHE C 357 -1.53 -27.09 27.38
N SER C 358 -2.23 -25.97 27.26
CA SER C 358 -3.58 -25.87 27.79
C SER C 358 -4.52 -26.78 27.03
N LYS C 359 -4.34 -26.89 25.72
CA LYS C 359 -5.14 -27.82 24.92
C LYS C 359 -4.93 -29.25 25.40
N GLY C 360 -3.67 -29.63 25.61
CA GLY C 360 -3.40 -30.96 26.14
C GLY C 360 -4.01 -31.17 27.50
N THR C 361 -3.85 -30.21 28.40
CA THR C 361 -4.41 -30.35 29.73
C THR C 361 -5.93 -30.37 29.70
N TYR C 362 -6.52 -29.74 28.69
CA TYR C 362 -7.98 -29.77 28.56
C TYR C 362 -8.44 -31.14 28.07
N ARG C 363 -7.67 -31.76 27.18
CA ARG C 363 -7.94 -33.15 26.82
C ARG C 363 -7.85 -34.03 28.05
N VAL C 364 -6.92 -33.73 28.96
CA VAL C 364 -6.85 -34.49 30.21
C VAL C 364 -8.02 -34.14 31.14
N LEU C 365 -8.57 -32.93 31.03
CA LEU C 365 -9.78 -32.60 31.80
C LEU C 365 -10.96 -33.45 31.37
N ASN C 366 -11.09 -33.72 30.08
CA ASN C 366 -12.19 -34.52 29.57
C ASN C 366 -11.82 -35.99 29.41
N ASN C 367 -10.94 -36.49 30.29
CA ASN C 367 -10.51 -37.87 30.19
C ASN C 367 -11.68 -38.81 30.41
N ARG C 368 -11.72 -39.88 29.60
CA ARG C 368 -12.78 -40.87 29.69
C ARG C 368 -12.31 -42.15 29.01
N ASN C 369 -12.37 -43.27 29.74
CA ASN C 369 -11.98 -44.57 29.23
C ASN C 369 -10.53 -44.56 28.75
N SER C 370 -9.73 -43.67 29.34
CA SER C 370 -8.33 -43.53 28.98
C SER C 370 -7.47 -43.65 30.23
N ASN C 371 -6.55 -44.61 30.22
CA ASN C 371 -5.61 -44.75 31.32
C ASN C 371 -4.74 -43.50 31.40
N LYS C 372 -4.50 -43.04 32.64
CA LYS C 372 -3.76 -41.80 32.81
C LYS C 372 -2.37 -41.92 32.23
N PHE C 373 -1.75 -43.09 32.33
CA PHE C 373 -0.42 -43.28 31.76
C PHE C 373 -0.45 -43.08 30.26
N GLU C 374 -1.37 -43.78 29.58
CA GLU C 374 -1.47 -43.65 28.13
C GLU C 374 -1.95 -42.27 27.73
N LYS C 375 -2.79 -41.64 28.56
CA LYS C 375 -3.23 -40.28 28.27
C LYS C 375 -2.06 -39.32 28.27
N ILE C 376 -1.21 -39.39 29.29
CA ILE C 376 -0.04 -38.52 29.35
C ILE C 376 0.90 -38.82 28.19
N LYS C 377 1.08 -40.11 27.87
CA LYS C 377 1.98 -40.47 26.78
C LYS C 377 1.49 -39.89 25.46
N THR C 378 0.18 -39.96 25.21
CA THR C 378 -0.37 -39.36 24.00
C THR C 378 -0.22 -37.85 24.02
N ILE C 379 -0.45 -37.22 25.17
CA ILE C 379 -0.40 -35.76 25.24
C ILE C 379 1.01 -35.24 24.98
N PHE C 380 2.00 -35.86 25.61
CA PHE C 380 3.40 -35.40 25.48
C PHE C 380 4.01 -36.02 24.23
N SER C 381 3.28 -35.89 23.12
CA SER C 381 3.75 -36.43 21.84
C SER C 381 3.53 -35.45 20.71
N ASN C 382 2.49 -34.62 20.82
CA ASN C 382 2.18 -33.68 19.73
C ASN C 382 3.22 -32.57 19.66
N ILE C 383 3.80 -32.20 20.80
CA ILE C 383 4.79 -31.13 20.82
C ILE C 383 5.98 -31.53 19.97
N GLN C 384 6.51 -30.57 19.22
CA GLN C 384 7.66 -30.80 18.37
C GLN C 384 8.74 -29.80 18.70
N GLU C 385 10.00 -30.23 18.51
CA GLU C 385 11.13 -29.36 18.82
C GLU C 385 11.06 -28.08 17.99
N GLY C 386 10.67 -28.19 16.73
CA GLY C 386 10.52 -27.01 15.90
C GLY C 386 9.19 -26.31 16.02
N PHE C 387 8.34 -26.75 16.94
CA PHE C 387 7.00 -26.17 17.05
C PHE C 387 7.05 -24.74 17.55
N LEU C 388 7.95 -24.44 18.49
CA LEU C 388 7.99 -23.10 19.07
C LEU C 388 8.29 -22.06 18.01
N VAL C 389 9.38 -22.26 17.26
CA VAL C 389 9.76 -21.29 16.24
C VAL C 389 8.69 -21.21 15.16
N LYS C 390 8.07 -22.36 14.83
CA LYS C 390 7.05 -22.39 13.79
C LYS C 390 5.87 -21.53 14.20
N LYS C 391 5.44 -21.66 15.46
CA LYS C 391 4.36 -20.81 15.96
C LYS C 391 4.76 -19.34 15.98
N ILE C 392 5.99 -19.05 16.39
CA ILE C 392 6.43 -17.66 16.48
C ILE C 392 6.37 -17.00 15.10
N ILE C 393 6.93 -17.68 14.10
CA ILE C 393 6.94 -17.09 12.76
C ILE C 393 5.53 -17.07 12.16
N ASN C 394 4.66 -17.99 12.59
CA ASN C 394 3.28 -17.94 12.14
C ASN C 394 2.56 -16.71 12.67
N ASN C 395 2.63 -16.47 13.97
CA ASN C 395 1.83 -15.46 14.62
C ASN C 395 2.47 -14.08 14.64
N GLU C 396 3.63 -13.92 14.01
CA GLU C 396 4.29 -12.62 13.88
C GLU C 396 4.44 -11.93 15.23
N LEU C 397 5.00 -12.66 16.21
CA LEU C 397 5.38 -12.01 17.45
C LEU C 397 6.63 -11.15 17.25
N LEU C 398 7.59 -11.65 16.49
CA LEU C 398 8.70 -10.86 16.01
C LEU C 398 8.29 -10.13 14.74
N ARG C 399 9.05 -9.11 14.38
CA ARG C 399 8.78 -8.31 13.20
C ARG C 399 9.98 -8.42 12.27
N TYR C 400 9.72 -8.51 10.96
CA TYR C 400 10.79 -8.60 9.99
C TYR C 400 11.57 -7.28 9.98
N ASP C 401 12.89 -7.39 9.89
CA ASP C 401 13.73 -6.20 9.97
C ASP C 401 13.44 -5.25 8.81
N ASN C 402 12.84 -4.11 9.13
CA ASN C 402 12.47 -3.11 8.14
C ASN C 402 13.40 -1.90 8.18
N SER C 403 14.56 -2.00 8.81
CA SER C 403 15.47 -0.87 8.92
C SER C 403 15.95 -0.44 7.54
N VAL C 404 16.51 0.77 7.48
CA VAL C 404 17.15 1.27 6.27
C VAL C 404 18.52 1.85 6.52
N ASN C 405 18.81 2.27 7.74
CA ASN C 405 20.08 2.89 8.08
C ASN C 405 20.51 2.42 9.45
N SER C 406 21.71 2.83 9.86
CA SER C 406 22.30 2.20 11.04
C SER C 406 21.63 2.63 12.33
N ILE C 407 20.93 3.77 12.32
CA ILE C 407 20.30 4.23 13.56
C ILE C 407 19.30 3.19 14.03
N SER C 408 19.52 2.69 15.24
CA SER C 408 18.74 1.56 15.72
C SER C 408 18.19 1.71 17.13
N LEU C 409 18.78 2.53 17.99
CA LEU C 409 18.31 2.62 19.36
C LEU C 409 17.01 3.39 19.44
N PHE C 410 16.67 4.13 18.38
CA PHE C 410 15.52 5.00 18.44
C PHE C 410 14.40 4.56 17.51
N THR C 411 14.58 3.47 16.78
CA THR C 411 13.45 2.87 16.09
C THR C 411 13.47 1.35 16.12
N LEU C 412 14.46 0.74 16.76
CA LEU C 412 14.43 -0.70 16.99
C LEU C 412 14.43 -1.03 18.47
N ILE C 413 15.42 -0.50 19.20
CA ILE C 413 15.60 -0.89 20.59
C ILE C 413 14.48 -0.38 21.47
N LEU C 414 13.99 0.82 21.20
CA LEU C 414 12.96 1.43 22.03
C LEU C 414 11.62 1.52 21.32
N ARG C 415 11.28 0.55 20.48
CA ARG C 415 10.02 0.57 19.76
C ARG C 415 9.02 -0.33 20.47
N TYR C 416 7.90 0.24 20.90
CA TYR C 416 6.84 -0.50 21.56
C TYR C 416 5.59 -0.47 20.70
N THR C 417 4.85 -1.58 20.68
CA THR C 417 3.56 -1.65 20.02
C THR C 417 2.50 -1.95 21.06
N GLN C 418 1.54 -1.04 21.22
CA GLN C 418 0.52 -1.22 22.25
C GLN C 418 -0.33 -2.43 21.94
N SER C 419 -0.65 -2.67 20.67
CA SER C 419 -1.46 -3.80 20.27
C SER C 419 -0.61 -5.06 20.29
N GLY C 420 -1.10 -6.14 19.66
CA GLY C 420 -0.37 -7.38 19.59
C GLY C 420 -1.23 -8.58 19.92
N PRO C 421 -0.60 -9.67 20.33
CA PRO C 421 -1.36 -10.83 20.81
C PRO C 421 -2.04 -10.51 22.13
N GLN C 422 -3.16 -11.18 22.38
CA GLN C 422 -3.91 -11.02 23.62
C GLN C 422 -4.23 -9.56 23.90
N SER C 423 -4.59 -8.82 22.84
CA SER C 423 -4.79 -7.39 22.93
C SER C 423 -6.17 -7.02 22.43
N PRO C 424 -6.81 -6.01 23.02
CA PRO C 424 -8.19 -5.66 22.65
C PRO C 424 -8.30 -4.59 21.57
N PHE C 425 -7.20 -4.23 20.91
CA PHE C 425 -7.26 -3.09 20.00
C PHE C 425 -7.93 -3.47 18.69
N SER C 426 -8.83 -2.60 18.24
CA SER C 426 -9.52 -2.76 16.96
C SER C 426 -10.00 -1.37 16.53
N SER C 427 -10.91 -1.32 15.56
CA SER C 427 -11.35 -0.04 15.02
C SER C 427 -12.46 0.61 15.84
N ASN C 428 -12.62 0.23 17.10
CA ASN C 428 -13.71 0.76 17.91
C ASN C 428 -13.48 2.23 18.26
N SER C 429 -14.58 2.92 18.56
CA SER C 429 -14.49 4.32 18.96
C SER C 429 -13.71 4.50 20.25
N THR C 430 -13.95 3.64 21.24
CA THR C 430 -13.15 3.67 22.46
C THR C 430 -11.69 3.33 22.15
N ASN C 431 -11.47 2.37 21.26
CA ASN C 431 -10.12 2.16 20.74
C ASN C 431 -9.62 3.39 20.01
N ASN C 432 -10.54 4.16 19.41
CA ASN C 432 -10.16 5.48 18.93
C ASN C 432 -9.66 6.35 20.07
N LYS C 433 -10.34 6.31 21.22
CA LYS C 433 -9.83 6.94 22.42
C LYS C 433 -8.48 6.34 22.80
N LEU C 434 -8.27 5.05 22.50
CA LEU C 434 -6.96 4.45 22.71
C LEU C 434 -5.90 5.15 21.85
N ARG C 435 -6.24 5.51 20.61
CA ARG C 435 -5.32 6.26 19.79
C ARG C 435 -5.08 7.65 20.37
N GLY C 436 -5.99 8.12 21.21
CA GLY C 436 -5.79 9.40 21.84
C GLY C 436 -4.61 9.39 22.79
N LEU C 437 -4.02 10.55 22.99
CA LEU C 437 -2.88 10.66 23.88
C LEU C 437 -3.35 10.97 25.30
N HIS C 438 -2.52 10.61 26.28
CA HIS C 438 -2.87 10.78 27.69
C HIS C 438 -1.75 11.51 28.43
N PRO C 439 -2.10 12.42 29.34
CA PRO C 439 -1.05 13.23 29.99
C PRO C 439 -0.05 12.41 30.80
N SER C 440 -0.46 11.24 31.29
CA SER C 440 0.47 10.43 32.07
C SER C 440 1.61 9.92 31.19
N TYR C 441 1.41 9.93 29.86
CA TYR C 441 2.49 9.54 28.96
C TYR C 441 3.71 10.41 29.12
N LEU C 442 3.53 11.65 29.58
CA LEU C 442 4.58 12.63 29.60
C LEU C 442 5.80 12.12 30.36
N GLY C 443 6.95 12.11 29.69
CA GLY C 443 8.18 11.73 30.34
C GLY C 443 8.39 10.23 30.49
N ARG C 444 7.54 9.40 29.88
CA ARG C 444 7.78 7.96 29.93
C ARG C 444 7.57 7.32 28.57
N LEU C 445 6.89 8.04 27.67
CA LEU C 445 6.61 7.55 26.33
C LEU C 445 6.77 8.68 25.32
N GLY C 446 7.30 8.35 24.15
CA GLY C 446 7.34 9.33 23.08
C GLY C 446 5.94 9.74 22.69
N LEU C 447 5.63 11.02 22.84
CA LEU C 447 4.29 11.53 22.63
C LEU C 447 4.06 12.06 21.21
N THR C 448 5.06 11.99 20.33
CA THR C 448 4.90 12.56 19.00
C THR C 448 5.66 11.75 17.95
N SER C 449 5.62 10.42 18.07
CA SER C 449 6.35 9.58 17.13
C SER C 449 5.50 8.45 16.59
N THR C 450 4.18 8.59 16.60
CA THR C 450 3.32 7.51 16.16
C THR C 450 3.50 7.25 14.67
N SER C 451 3.28 6.01 14.27
CA SER C 451 3.37 5.65 12.87
C SER C 451 2.21 6.26 12.09
N ALA C 452 2.52 6.88 10.96
CA ALA C 452 1.46 7.52 10.17
C ALA C 452 0.56 6.50 9.52
N GLY C 453 1.00 5.24 9.46
CA GLY C 453 0.16 4.20 8.87
C GLY C 453 -1.09 3.93 9.69
N ASP C 454 -0.95 3.85 11.01
CA ASP C 454 -2.06 3.67 11.92
C ASP C 454 -1.78 4.43 13.21
N PRO C 455 -2.48 5.53 13.46
CA PRO C 455 -2.10 6.40 14.58
C PRO C 455 -2.21 5.68 15.91
N GLY C 456 -1.17 5.80 16.73
CA GLY C 456 -1.19 5.23 18.05
C GLY C 456 -0.91 3.74 18.13
N ALA C 457 -0.68 3.08 17.00
CA ALA C 457 -0.41 1.64 17.04
C ALA C 457 0.93 1.35 17.69
N SER C 458 1.92 2.21 17.44
CA SER C 458 3.25 1.96 17.96
C SER C 458 3.96 3.29 18.17
N GLY C 459 4.97 3.26 19.05
CA GLY C 459 5.73 4.45 19.38
C GLY C 459 7.11 4.11 19.90
N SER C 460 7.77 5.12 20.45
CA SER C 460 9.12 4.99 20.99
C SER C 460 9.17 5.51 22.43
N LEU C 461 9.76 4.73 23.33
CA LEU C 461 9.94 5.19 24.69
C LEU C 461 11.02 6.26 24.74
N THR C 462 10.92 7.16 25.71
CA THR C 462 11.99 8.14 25.87
C THR C 462 13.21 7.46 26.48
N PRO C 463 14.42 7.90 26.16
CA PRO C 463 15.61 7.32 26.79
C PRO C 463 15.84 7.78 28.22
N PHE C 464 15.12 8.81 28.68
CA PHE C 464 15.33 9.27 30.05
C PHE C 464 14.45 8.54 31.06
N LEU C 465 13.57 7.65 30.61
CA LEU C 465 12.73 6.91 31.54
C LEU C 465 13.54 5.83 32.24
N GLU C 466 13.35 5.73 33.56
CA GLU C 466 13.97 4.70 34.37
C GLU C 466 12.89 3.90 35.06
N LEU C 467 12.76 2.64 34.71
CA LEU C 467 11.73 1.80 35.29
C LEU C 467 12.18 1.27 36.64
N PRO C 468 11.29 1.25 37.63
CA PRO C 468 11.66 0.73 38.96
C PRO C 468 12.06 -0.74 38.90
N GLU C 469 13.03 -1.09 39.72
CA GLU C 469 13.50 -2.46 39.81
C GLU C 469 12.53 -3.31 40.62
N ASN C 470 12.51 -4.62 40.34
CA ASN C 470 11.76 -5.59 41.11
C ASN C 470 10.26 -5.28 41.09
N SER C 471 9.81 -4.66 40.01
CA SER C 471 8.41 -4.39 39.78
C SER C 471 7.89 -5.09 38.53
N TYR C 472 8.64 -6.07 38.04
CA TYR C 472 8.30 -6.80 36.82
C TYR C 472 8.09 -5.83 35.66
N MET C 473 8.95 -4.82 35.60
CA MET C 473 8.85 -3.77 34.59
C MET C 473 7.51 -3.04 34.66
N HIS C 474 7.22 -2.48 35.83
CA HIS C 474 6.10 -1.58 36.02
C HIS C 474 6.62 -0.14 35.97
N PHE C 475 5.91 0.72 35.25
CA PHE C 475 6.28 2.13 35.24
C PHE C 475 6.21 2.73 36.64
N THR C 476 5.20 2.33 37.41
CA THR C 476 5.08 2.70 38.82
C THR C 476 4.87 1.43 39.62
N GLU C 477 5.66 1.26 40.68
CA GLU C 477 5.54 0.05 41.49
C GLU C 477 4.23 0.02 42.27
N GLU C 478 3.75 1.19 42.69
CA GLU C 478 2.46 1.27 43.35
C GLU C 478 1.34 1.28 42.32
N PRO C 479 0.15 0.84 42.70
CA PRO C 479 -0.98 0.92 41.78
C PRO C 479 -1.43 2.35 41.57
N GLU C 480 -2.36 2.52 40.64
CA GLU C 480 -2.88 3.84 40.35
C GLU C 480 -3.57 4.45 41.56
N ILE C 481 -4.35 3.64 42.29
CA ILE C 481 -4.98 4.06 43.52
C ILE C 481 -4.55 3.10 44.62
N ASN C 482 -4.04 3.64 45.73
CA ASN C 482 -3.47 2.80 46.77
C ASN C 482 -4.53 2.21 47.69
N LEU C 483 -5.79 2.63 47.55
CA LEU C 483 -6.87 2.21 48.42
C LEU C 483 -6.57 2.53 49.89
N ASN C 484 -6.11 3.75 50.16
CA ASN C 484 -5.82 4.16 51.53
C ASN C 484 -7.10 4.22 52.36
N MET D 1 10.47 52.34 -26.18
CA MET D 1 9.27 52.79 -25.50
C MET D 1 8.79 54.06 -26.19
N GLU D 2 7.49 54.14 -26.44
CA GLU D 2 6.93 55.30 -27.10
C GLU D 2 5.75 55.85 -26.31
N LYS D 3 5.53 57.16 -26.42
CA LYS D 3 4.48 57.82 -25.64
C LYS D 3 3.10 57.25 -25.96
N THR D 4 2.88 56.81 -27.20
CA THR D 4 1.55 56.36 -27.60
C THR D 4 1.68 55.23 -28.62
N TYR D 5 0.66 54.39 -28.65
CA TYR D 5 0.55 53.33 -29.65
C TYR D 5 -0.90 53.16 -30.05
N ASN D 6 -1.10 52.45 -31.16
CA ASN D 6 -2.42 52.07 -31.65
C ASN D 6 -2.48 50.56 -31.70
N LEU D 7 -3.11 49.95 -30.70
CA LEU D 7 -3.11 48.49 -30.59
C LEU D 7 -3.74 47.84 -31.81
N ASN D 8 -4.81 48.45 -32.34
CA ASN D 8 -5.40 47.91 -33.56
C ASN D 8 -4.33 47.70 -34.62
N ASP D 9 -3.41 48.66 -34.74
CA ASP D 9 -2.34 48.53 -35.73
C ASP D 9 -1.41 47.38 -35.40
N ILE D 10 -1.00 47.23 -34.14
CA ILE D 10 0.01 46.23 -33.84
C ILE D 10 -0.56 44.82 -34.05
N LEU D 11 -1.83 44.63 -33.73
CA LEU D 11 -2.43 43.33 -34.06
C LEU D 11 -2.62 43.15 -35.57
N LEU D 12 -2.98 44.21 -36.31
CA LEU D 12 -3.19 43.96 -37.74
C LEU D 12 -1.87 43.82 -38.47
N SER D 13 -0.79 44.42 -37.95
CA SER D 13 0.51 44.33 -38.61
C SER D 13 1.10 42.94 -38.44
N ASN D 14 2.01 42.58 -39.35
CA ASN D 14 2.63 41.26 -39.28
C ASN D 14 3.75 41.22 -38.23
N GLU D 15 4.20 42.38 -37.77
CA GLU D 15 5.28 42.45 -36.78
C GLU D 15 4.80 42.28 -35.36
N TYR D 16 3.61 41.71 -35.16
CA TYR D 16 3.01 41.62 -33.84
C TYR D 16 3.89 40.83 -32.87
N GLU D 17 4.27 39.62 -33.26
CA GLU D 17 5.14 38.81 -32.42
C GLU D 17 6.49 39.48 -32.23
N LYS D 18 6.97 40.19 -33.27
CA LYS D 18 8.25 40.88 -33.15
C LYS D 18 8.18 41.99 -32.10
N ILE D 19 7.11 42.79 -32.13
CA ILE D 19 6.98 43.86 -31.17
C ILE D 19 6.84 43.30 -29.76
N LYS D 20 6.06 42.22 -29.62
CA LYS D 20 5.92 41.62 -28.29
C LYS D 20 7.27 41.13 -27.77
N GLU D 21 8.04 40.46 -28.63
CA GLU D 21 9.34 39.94 -28.20
C GLU D 21 10.28 41.08 -27.82
N ASP D 22 10.28 42.15 -28.62
CA ASP D 22 11.11 43.30 -28.29
C ASP D 22 10.73 43.90 -26.94
N ILE D 23 9.43 44.05 -26.71
CA ILE D 23 8.96 44.66 -25.47
C ILE D 23 9.37 43.81 -24.28
N LYS D 24 9.17 42.49 -24.40
CA LYS D 24 9.52 41.58 -23.31
C LYS D 24 11.01 41.61 -23.04
N GLU D 25 11.82 41.61 -24.10
CA GLU D 25 13.26 41.65 -23.92
C GLU D 25 13.69 42.93 -23.21
N GLU D 26 13.07 44.05 -23.58
CA GLU D 26 13.39 45.31 -22.92
C GLU D 26 13.04 45.26 -21.44
N ILE D 27 11.86 44.73 -21.11
CA ILE D 27 11.48 44.62 -19.71
C ILE D 27 12.51 43.81 -18.94
N ILE D 28 12.84 42.63 -19.45
CA ILE D 28 13.72 41.75 -18.70
C ILE D 28 15.11 42.37 -18.54
N ASN D 29 15.69 42.84 -19.64
CA ASN D 29 17.03 43.43 -19.57
C ASN D 29 17.05 44.62 -18.62
N ASP D 30 16.12 45.56 -18.81
CA ASP D 30 16.08 46.77 -18.00
C ASP D 30 15.98 46.42 -16.52
N MET D 31 14.96 45.65 -16.15
CA MET D 31 14.67 45.50 -14.73
C MET D 31 15.66 44.54 -14.09
N ALA D 32 16.35 43.72 -14.88
CA ALA D 32 17.45 42.94 -14.35
C ALA D 32 18.66 43.81 -14.08
N SER D 33 18.88 44.84 -14.90
CA SER D 33 20.01 45.73 -14.68
C SER D 33 19.84 46.54 -13.39
N LYS D 34 18.63 46.99 -13.10
CA LYS D 34 18.39 47.87 -11.96
C LYS D 34 18.41 47.08 -10.65
N LYS D 35 18.01 47.75 -9.57
CA LYS D 35 18.00 47.16 -8.24
C LYS D 35 16.79 47.65 -7.44
N VAL D 36 16.38 46.85 -6.46
CA VAL D 36 15.20 47.16 -5.66
C VAL D 36 15.65 47.67 -4.30
N LYS D 37 15.07 48.78 -3.86
CA LYS D 37 15.32 49.36 -2.55
C LYS D 37 14.03 49.41 -1.75
N TYR D 38 14.07 48.90 -0.53
CA TYR D 38 12.92 48.84 0.36
C TYR D 38 12.97 50.00 1.33
N SER D 39 11.91 50.82 1.35
CA SER D 39 11.84 51.90 2.31
C SER D 39 11.65 51.38 3.73
N ASN D 40 11.04 50.21 3.87
CA ASN D 40 10.73 49.60 5.16
C ASN D 40 9.90 50.53 6.05
N THR D 41 8.98 51.27 5.44
CA THR D 41 8.13 52.20 6.17
C THR D 41 6.84 52.41 5.39
N SER D 42 5.98 53.28 5.93
CA SER D 42 4.80 53.67 5.19
C SER D 42 5.17 54.41 3.91
N GLU D 43 6.16 55.29 3.97
CA GLU D 43 6.62 55.98 2.79
C GLU D 43 7.30 55.00 1.84
N PHE D 44 7.52 55.44 0.61
CA PHE D 44 8.02 54.57 -0.44
C PHE D 44 9.37 55.07 -0.91
N ALA D 45 10.33 54.15 -1.02
CA ALA D 45 11.62 54.50 -1.56
C ALA D 45 11.50 54.85 -3.04
N LYS D 46 12.49 55.57 -3.54
CA LYS D 46 12.48 55.99 -4.95
C LYS D 46 13.07 54.87 -5.78
N ASN D 47 12.20 54.05 -6.35
CA ASN D 47 12.57 53.05 -7.35
C ASN D 47 11.99 53.48 -8.68
N ASP D 48 12.84 53.56 -9.70
CA ASP D 48 12.49 54.11 -11.00
C ASP D 48 12.49 53.05 -12.09
N PHE D 49 11.92 51.89 -11.79
CA PHE D 49 11.86 50.83 -12.78
C PHE D 49 11.00 51.28 -13.96
N LEU D 50 11.50 51.07 -15.18
CA LEU D 50 10.76 51.46 -16.36
C LEU D 50 9.55 50.57 -16.58
N LYS D 51 9.49 49.44 -15.87
CA LYS D 51 8.35 48.54 -16.00
C LYS D 51 7.05 49.25 -15.63
N ASP D 52 7.13 50.29 -14.81
CA ASP D 52 5.98 51.12 -14.47
C ASP D 52 6.13 52.46 -15.16
N GLU D 53 5.13 52.83 -15.96
CA GLU D 53 5.20 54.07 -16.73
C GLU D 53 3.82 54.71 -16.75
N PHE D 54 3.65 55.72 -17.59
CA PHE D 54 2.40 56.43 -17.75
C PHE D 54 2.14 56.63 -19.24
N ILE D 55 2.31 55.57 -20.02
CA ILE D 55 2.25 55.66 -21.47
C ILE D 55 0.80 55.71 -21.93
N ASP D 56 0.60 56.08 -23.19
CA ASP D 56 -0.72 56.28 -23.77
C ASP D 56 -0.99 55.24 -24.85
N LEU D 57 -2.27 55.11 -25.21
CA LEU D 57 -2.72 54.13 -26.20
C LEU D 57 -3.93 54.71 -26.92
N VAL D 58 -3.79 54.99 -28.22
CA VAL D 58 -4.89 55.53 -29.01
C VAL D 58 -5.57 54.42 -29.79
N VAL D 59 -6.80 54.09 -29.39
CA VAL D 59 -7.58 53.02 -30.01
C VAL D 59 -9.06 53.34 -29.85
N ASP D 60 -9.85 52.92 -30.84
CA ASP D 60 -11.29 53.11 -30.82
C ASP D 60 -11.64 54.60 -30.83
N GLY D 61 -10.69 55.42 -31.25
CA GLY D 61 -10.88 56.85 -31.26
C GLY D 61 -10.68 57.52 -29.92
N GLU D 62 -10.05 56.86 -28.95
CA GLU D 62 -9.83 57.44 -27.64
C GLU D 62 -8.48 57.01 -27.11
N THR D 63 -7.93 57.82 -26.20
CA THR D 63 -6.58 57.60 -25.68
C THR D 63 -6.68 57.16 -24.22
N TYR D 64 -6.21 55.95 -23.95
CA TYR D 64 -6.15 55.43 -22.59
C TYR D 64 -4.75 55.60 -22.02
N GLU D 65 -4.69 55.79 -20.70
CA GLU D 65 -3.45 56.09 -20.00
C GLU D 65 -3.10 54.94 -19.08
N ILE D 66 -2.16 54.10 -19.51
CA ILE D 66 -1.85 52.83 -18.86
C ILE D 66 -0.33 52.73 -18.73
N THR D 67 0.13 51.79 -17.90
CA THR D 67 1.56 51.64 -17.73
C THR D 67 2.13 50.65 -18.74
N TYR D 68 3.44 50.44 -18.65
CA TYR D 68 4.14 49.56 -19.58
C TYR D 68 3.67 48.13 -19.43
N GLY D 69 3.54 47.67 -18.19
CA GLY D 69 3.11 46.30 -17.96
C GLY D 69 1.70 46.04 -18.46
N ASN D 70 0.79 46.98 -18.22
CA ASN D 70 -0.56 46.83 -18.77
C ASN D 70 -0.50 46.70 -20.28
N LEU D 71 0.41 47.44 -20.92
CA LEU D 71 0.50 47.36 -22.37
C LEU D 71 0.94 45.98 -22.81
N ILE D 72 1.99 45.44 -22.19
CA ILE D 72 2.47 44.14 -22.65
C ILE D 72 1.39 43.08 -22.43
N THR D 73 0.70 43.12 -21.29
CA THR D 73 -0.31 42.08 -21.08
C THR D 73 -1.52 42.29 -21.98
N LEU D 74 -1.86 43.54 -22.28
CA LEU D 74 -3.01 43.79 -23.15
C LEU D 74 -2.77 43.25 -24.54
N LEU D 75 -1.55 43.41 -25.05
CA LEU D 75 -1.21 42.76 -26.31
C LEU D 75 -1.12 41.24 -26.16
N ILE D 76 -0.72 40.77 -24.97
CA ILE D 76 -0.54 39.33 -24.85
C ILE D 76 -1.89 38.61 -24.85
N VAL D 77 -2.94 39.26 -24.32
CA VAL D 77 -4.24 38.60 -24.25
C VAL D 77 -5.08 38.86 -25.49
N ALA D 78 -4.90 40.00 -26.15
CA ALA D 78 -5.70 40.34 -27.32
C ALA D 78 -5.30 39.55 -28.55
N ARG D 79 -4.52 38.47 -28.39
CA ARG D 79 -4.05 37.65 -29.50
C ARG D 79 -5.18 37.18 -30.43
N PRO D 80 -6.35 36.77 -29.94
CA PRO D 80 -7.41 36.36 -30.88
C PRO D 80 -7.76 37.40 -31.93
N PHE D 81 -7.73 38.69 -31.58
CA PHE D 81 -8.01 39.71 -32.58
C PHE D 81 -7.00 39.65 -33.71
N ASN D 82 -5.71 39.47 -33.36
CA ASN D 82 -4.70 39.30 -34.39
C ASN D 82 -4.95 38.05 -35.21
N HIS D 83 -5.29 36.94 -34.56
CA HIS D 83 -5.45 35.69 -35.27
C HIS D 83 -6.59 35.75 -36.27
N PHE D 84 -7.71 36.36 -35.88
CA PHE D 84 -8.88 36.44 -36.74
C PHE D 84 -8.97 37.76 -37.48
N LYS D 85 -8.02 38.66 -37.27
CA LYS D 85 -7.96 39.94 -37.98
C LYS D 85 -9.24 40.75 -37.79
N VAL D 86 -9.72 40.80 -36.56
CA VAL D 86 -10.93 41.54 -36.21
C VAL D 86 -10.55 42.67 -35.27
N PRO D 87 -10.97 43.90 -35.54
CA PRO D 87 -10.59 45.04 -34.68
C PRO D 87 -11.21 44.92 -33.30
N MET D 88 -10.55 45.53 -32.32
CA MET D 88 -11.03 45.51 -30.95
C MET D 88 -11.93 46.71 -30.67
N THR D 89 -12.89 46.53 -29.76
CA THR D 89 -13.85 47.55 -29.40
C THR D 89 -13.75 47.85 -27.90
N GLU D 90 -14.23 49.04 -27.52
CA GLU D 90 -14.04 49.53 -26.16
C GLU D 90 -14.59 48.56 -25.13
N ASP D 91 -15.76 48.01 -25.39
CA ASP D 91 -16.36 47.04 -24.47
C ASP D 91 -15.49 45.81 -24.33
N LEU D 92 -14.70 45.50 -25.36
CA LEU D 92 -13.76 44.39 -25.33
C LEU D 92 -12.49 44.73 -24.59
N LEU D 93 -12.49 45.79 -23.80
CA LEU D 93 -11.35 46.17 -22.97
C LEU D 93 -11.78 46.11 -21.52
N PHE D 94 -10.89 45.65 -20.66
CA PHE D 94 -11.14 45.55 -19.24
C PHE D 94 -9.94 46.06 -18.45
N ASP D 95 -10.23 46.66 -17.30
CA ASP D 95 -9.17 47.13 -16.41
C ASP D 95 -8.42 45.93 -15.88
N LEU D 96 -7.23 45.69 -16.40
CA LEU D 96 -6.41 44.55 -16.03
C LEU D 96 -5.72 44.71 -14.69
N SER D 97 -6.06 45.76 -13.93
CA SER D 97 -5.42 45.98 -12.64
C SER D 97 -5.69 44.82 -11.69
N ASP D 98 -6.92 44.32 -11.67
CA ASP D 98 -7.31 43.19 -10.83
C ASP D 98 -7.17 41.90 -11.61
N LEU D 99 -6.46 40.93 -11.04
CA LEU D 99 -6.20 39.68 -11.74
C LEU D 99 -7.47 38.88 -11.96
N LYS D 100 -8.36 38.85 -10.96
CA LYS D 100 -9.59 38.08 -11.10
C LYS D 100 -10.40 38.54 -12.31
N GLU D 101 -10.33 39.83 -12.62
CA GLU D 101 -11.06 40.35 -13.77
C GLU D 101 -10.65 39.66 -15.06
N TYR D 102 -9.36 39.30 -15.20
CA TYR D 102 -8.93 38.54 -16.37
C TYR D 102 -9.85 37.34 -16.59
N GLN D 103 -10.15 36.61 -15.51
CA GLN D 103 -11.12 35.54 -15.56
C GLN D 103 -12.35 35.96 -16.35
N ASN D 104 -13.07 36.96 -15.84
CA ASN D 104 -14.27 37.43 -16.52
C ASN D 104 -13.97 37.75 -17.98
N TYR D 105 -12.86 38.46 -18.22
CA TYR D 105 -12.51 38.84 -19.58
C TYR D 105 -12.49 37.63 -20.49
N TYR D 106 -11.78 36.57 -20.07
CA TYR D 106 -11.72 35.38 -20.91
C TYR D 106 -13.12 34.91 -21.25
N THR D 107 -13.99 34.82 -20.25
CA THR D 107 -15.34 34.34 -20.50
C THR D 107 -16.01 35.13 -21.59
N THR D 108 -15.96 36.47 -21.50
CA THR D 108 -16.76 37.25 -22.43
C THR D 108 -16.27 37.06 -23.85
N LEU D 109 -14.96 36.78 -24.00
CA LEU D 109 -14.45 36.52 -25.35
C LEU D 109 -15.17 35.33 -25.97
N LEU D 110 -15.32 34.26 -25.20
CA LEU D 110 -15.96 33.04 -25.70
C LEU D 110 -17.37 33.33 -26.21
N GLU D 111 -17.86 34.54 -25.96
CA GLU D 111 -19.23 34.86 -26.36
C GLU D 111 -19.26 35.55 -27.72
N HIS D 112 -18.32 36.46 -27.99
CA HIS D 112 -18.39 37.18 -29.26
C HIS D 112 -17.84 36.35 -30.41
N PHE D 113 -17.24 35.21 -30.12
CA PHE D 113 -16.59 34.45 -31.16
C PHE D 113 -17.24 33.09 -31.40
N GLY D 114 -18.42 32.86 -30.85
CA GLY D 114 -19.26 31.76 -31.30
C GLY D 114 -18.98 30.41 -30.69
N TYR D 115 -18.22 30.34 -29.60
CA TYR D 115 -17.92 29.09 -28.92
C TYR D 115 -17.25 28.10 -29.84
N SER D 116 -16.44 28.63 -30.76
CA SER D 116 -15.74 27.81 -31.73
C SER D 116 -14.65 26.99 -31.07
N ASN D 117 -14.10 26.03 -31.82
CA ASN D 117 -12.98 25.25 -31.31
C ASN D 117 -11.68 26.04 -31.42
N GLU D 118 -11.55 26.85 -32.47
CA GLU D 118 -10.31 27.58 -32.71
C GLU D 118 -10.03 28.57 -31.59
N ILE D 119 -11.06 29.26 -31.10
CA ILE D 119 -10.86 30.20 -30.02
C ILE D 119 -10.46 29.47 -28.75
N LYS D 120 -11.00 28.26 -28.54
CA LYS D 120 -10.53 27.45 -27.42
C LYS D 120 -9.04 27.14 -27.54
N SER D 121 -8.60 26.76 -28.75
CA SER D 121 -7.19 26.47 -28.95
C SER D 121 -6.33 27.70 -28.68
N ILE D 122 -6.75 28.86 -29.19
CA ILE D 122 -5.93 30.05 -29.01
C ILE D 122 -5.93 30.48 -27.55
N ILE D 123 -7.02 30.24 -26.83
CA ILE D 123 -7.06 30.53 -25.40
C ILE D 123 -6.05 29.66 -24.66
N LYS D 124 -6.00 28.38 -25.00
CA LYS D 124 -5.00 27.52 -24.39
C LYS D 124 -3.58 28.03 -24.68
N ASP D 125 -3.34 28.44 -25.93
CA ASP D 125 -2.01 28.91 -26.30
C ASP D 125 -1.62 30.15 -25.51
N VAL D 126 -2.52 31.13 -25.42
CA VAL D 126 -2.18 32.37 -24.73
C VAL D 126 -1.97 32.10 -23.25
N ILE D 127 -2.76 31.18 -22.67
CA ILE D 127 -2.55 30.84 -21.27
C ILE D 127 -1.14 30.28 -21.07
N SER D 128 -0.74 29.36 -21.93
CA SER D 128 0.58 28.75 -21.78
C SER D 128 1.68 29.79 -21.90
N GLU D 129 1.57 30.66 -22.89
CA GLU D 129 2.61 31.66 -23.10
C GLU D 129 2.68 32.62 -21.92
N LEU D 130 1.53 33.01 -21.38
CA LEU D 130 1.53 33.90 -20.22
C LEU D 130 2.20 33.24 -19.04
N ALA D 131 1.97 31.94 -18.87
CA ALA D 131 2.67 31.22 -17.82
C ALA D 131 4.18 31.28 -18.00
N ILE D 132 4.66 31.06 -19.23
CA ILE D 132 6.11 31.05 -19.46
C ILE D 132 6.71 32.43 -19.20
N PHE D 133 6.02 33.47 -19.64
CA PHE D 133 6.48 34.82 -19.38
C PHE D 133 6.53 35.11 -17.89
N SER D 134 5.51 34.66 -17.15
CA SER D 134 5.56 34.85 -15.71
C SER D 134 6.75 34.10 -15.11
N GLY D 135 7.11 32.96 -15.69
CA GLY D 135 8.27 32.24 -15.21
C GLY D 135 9.56 33.03 -15.36
N ASP D 136 9.79 33.59 -16.54
CA ASP D 136 11.05 34.29 -16.73
C ASP D 136 11.09 35.56 -15.89
N ILE D 137 9.96 36.27 -15.81
CA ILE D 137 9.94 37.46 -14.97
C ILE D 137 10.15 37.07 -13.51
N ASN D 138 9.75 35.86 -13.12
CA ASN D 138 9.84 35.48 -11.71
C ASN D 138 11.25 35.06 -11.33
N VAL D 139 12.02 34.49 -12.26
CA VAL D 139 13.45 34.38 -11.96
C VAL D 139 14.06 35.78 -11.89
N THR D 140 13.79 36.61 -12.89
CA THR D 140 14.51 37.88 -12.96
C THR D 140 13.95 38.91 -12.00
N PHE D 141 13.06 38.49 -11.09
CA PHE D 141 12.68 39.29 -9.93
C PHE D 141 12.63 38.40 -8.70
N GLY D 142 13.26 38.84 -7.61
CA GLY D 142 13.37 37.99 -6.44
C GLY D 142 12.14 38.05 -5.56
N ASN D 143 11.92 36.97 -4.81
CA ASN D 143 10.77 36.82 -3.92
C ASN D 143 11.16 36.17 -2.60
N THR D 144 12.36 36.45 -2.09
CA THR D 144 12.82 35.73 -0.91
C THR D 144 12.14 36.23 0.35
N VAL D 145 12.27 35.45 1.42
CA VAL D 145 11.61 35.72 2.69
C VAL D 145 12.56 35.42 3.84
N SER D 146 12.56 36.30 4.84
CA SER D 146 13.31 36.08 6.07
C SER D 146 12.74 36.97 7.17
N ILE D 147 13.00 36.61 8.42
CA ILE D 147 12.38 37.36 9.52
C ILE D 147 13.12 38.66 9.77
N LYS D 148 14.30 38.85 9.17
CA LYS D 148 14.98 40.13 9.32
C LYS D 148 14.11 41.27 8.83
N SER D 149 13.29 41.00 7.81
CA SER D 149 12.32 42.01 7.38
C SER D 149 11.41 42.40 8.53
N LEU D 150 10.89 41.39 9.25
CA LEU D 150 10.01 41.67 10.37
C LEU D 150 10.73 42.47 11.45
N ILE D 151 11.96 42.08 11.75
CA ILE D 151 12.71 42.76 12.80
C ILE D 151 12.93 44.22 12.43
N ASP D 152 13.33 44.47 11.19
CA ASP D 152 13.57 45.84 10.76
C ASP D 152 12.29 46.65 10.74
N LEU D 153 11.17 46.03 10.35
CA LEU D 153 9.89 46.72 10.40
C LEU D 153 9.55 47.11 11.83
N GLY D 154 9.74 46.18 12.76
CA GLY D 154 9.46 46.48 14.15
C GLY D 154 10.33 47.60 14.68
N ASN D 155 11.60 47.62 14.27
CA ASN D 155 12.47 48.74 14.63
C ASN D 155 11.93 50.04 14.06
N LYS D 156 11.42 50.01 12.82
CA LYS D 156 10.91 51.23 12.22
C LYS D 156 9.58 51.64 12.83
N VAL D 157 8.69 50.68 13.05
CA VAL D 157 7.34 50.95 13.55
C VAL D 157 7.20 50.32 14.93
N LYS D 158 6.96 51.16 15.93
CA LYS D 158 6.79 50.69 17.30
C LYS D 158 5.43 50.03 17.50
N ARG D 159 4.45 50.37 16.67
CA ARG D 159 3.15 49.73 16.76
C ARG D 159 3.26 48.23 16.53
N PHE D 160 3.90 47.85 15.41
CA PHE D 160 4.17 46.44 15.16
C PHE D 160 5.05 45.85 16.25
N ARG D 161 5.98 46.65 16.76
CA ARG D 161 6.91 46.17 17.78
C ARG D 161 6.18 45.71 19.02
N GLU D 162 5.28 46.54 19.55
CA GLU D 162 4.55 46.12 20.75
C GLU D 162 3.48 45.10 20.40
N LEU D 163 2.98 45.10 19.16
CA LEU D 163 1.97 44.13 18.79
C LEU D 163 2.55 42.71 18.85
N LEU D 164 3.75 42.53 18.30
CA LEU D 164 4.36 41.21 18.40
C LEU D 164 4.75 40.90 19.83
N HIS D 165 4.97 41.94 20.65
CA HIS D 165 5.31 41.77 22.06
C HIS D 165 4.07 41.95 22.92
N TYR D 166 3.26 40.89 22.96
CA TYR D 166 2.00 40.94 23.67
C TYR D 166 1.60 39.55 24.14
N ARG D 167 0.90 39.50 25.27
CA ARG D 167 0.40 38.27 25.85
C ARG D 167 -1.01 38.51 26.37
N LEU D 168 -1.72 37.42 26.66
CA LEU D 168 -3.05 37.55 27.21
C LEU D 168 -2.98 38.16 28.60
N PRO D 169 -3.87 39.09 28.93
CA PRO D 169 -3.96 39.61 30.31
C PRO D 169 -4.59 38.56 31.22
N ASN D 170 -3.76 37.61 31.65
CA ASN D 170 -4.24 36.51 32.48
C ASN D 170 -4.64 36.96 33.87
N ASP D 171 -4.46 38.23 34.20
CA ASP D 171 -4.83 38.73 35.52
C ASP D 171 -6.32 38.58 35.78
N GLU D 172 -7.13 38.55 34.71
CA GLU D 172 -8.56 38.32 34.81
C GLU D 172 -8.91 37.01 34.09
N ALA D 173 -10.06 36.45 34.45
CA ALA D 173 -10.56 35.26 33.77
C ALA D 173 -11.05 35.62 32.37
N LEU D 174 -10.63 34.81 31.39
CA LEU D 174 -10.90 35.08 29.99
C LEU D 174 -11.79 33.98 29.42
N GLU D 175 -12.83 34.38 28.70
CA GLU D 175 -13.76 33.42 28.11
C GLU D 175 -13.31 33.07 26.69
N PHE D 176 -13.85 31.97 26.16
CA PHE D 176 -13.45 31.51 24.85
C PHE D 176 -13.78 32.53 23.78
N ASN D 177 -15.00 33.08 23.82
CA ASN D 177 -15.41 34.05 22.81
C ASN D 177 -14.54 35.31 22.88
N ASP D 178 -14.18 35.73 24.09
CA ASP D 178 -13.34 36.92 24.24
C ASP D 178 -11.97 36.70 23.64
N ILE D 179 -11.36 35.55 23.89
CA ILE D 179 -10.04 35.32 23.33
C ILE D 179 -10.11 35.19 21.82
N GLU D 180 -11.19 34.59 21.30
CA GLU D 180 -11.34 34.54 19.85
C GLU D 180 -11.47 35.94 19.26
N ALA D 181 -12.26 36.80 19.89
CA ALA D 181 -12.42 38.15 19.39
C ALA D 181 -11.10 38.91 19.42
N ILE D 182 -10.34 38.76 20.50
CA ILE D 182 -9.09 39.52 20.62
C ILE D 182 -8.07 39.00 19.62
N ILE D 183 -8.00 37.69 19.41
CA ILE D 183 -7.04 37.15 18.45
C ILE D 183 -7.44 37.55 17.03
N LYS D 184 -8.74 37.62 16.74
CA LYS D 184 -9.19 38.07 15.44
C LYS D 184 -8.78 39.52 15.19
N LYS D 185 -9.02 40.38 16.18
CA LYS D 185 -8.67 41.79 16.01
C LYS D 185 -7.17 41.96 15.86
N ASN D 186 -6.38 41.17 16.60
CA ASN D 186 -4.93 41.26 16.48
C ASN D 186 -4.45 40.79 15.12
N LEU D 187 -5.02 39.70 14.60
CA LEU D 187 -4.63 39.23 13.27
C LEU D 187 -4.95 40.26 12.21
N ASP D 188 -6.13 40.86 12.29
CA ASP D 188 -6.48 41.89 11.33
C ASP D 188 -5.53 43.07 11.42
N GLU D 189 -5.15 43.46 12.64
CA GLU D 189 -4.19 44.55 12.79
C GLU D 189 -2.84 44.18 12.18
N ILE D 190 -2.40 42.95 12.37
CA ILE D 190 -1.13 42.50 11.79
C ILE D 190 -1.18 42.63 10.27
N MET D 191 -2.22 42.09 9.66
CA MET D 191 -2.30 42.15 8.20
C MET D 191 -2.39 43.59 7.72
N LYS D 192 -3.16 44.43 8.42
CA LYS D 192 -3.32 45.81 8.00
C LYS D 192 -2.00 46.55 8.04
N ILE D 193 -1.26 46.44 9.14
CA ILE D 193 0.01 47.16 9.24
C ILE D 193 1.02 46.59 8.26
N LEU D 194 0.99 45.28 8.03
CA LEU D 194 1.92 44.70 7.06
C LEU D 194 1.66 45.24 5.67
N SER D 195 0.39 45.33 5.28
CA SER D 195 0.08 45.83 3.94
C SER D 195 0.37 47.32 3.82
N GLU D 196 0.16 48.08 4.89
CA GLU D 196 0.33 49.53 4.81
C GLU D 196 1.76 49.90 4.49
N THR D 197 2.72 49.21 5.11
CA THR D 197 4.11 49.60 5.03
C THR D 197 4.87 48.76 4.02
N ASP D 198 5.93 49.34 3.47
CA ASP D 198 6.81 48.62 2.57
C ASP D 198 7.62 47.58 3.33
N ASN D 199 7.83 46.43 2.69
CA ASN D 199 8.58 45.35 3.29
C ASN D 199 8.87 44.33 2.20
N MET D 200 9.72 43.36 2.53
CA MET D 200 10.11 42.38 1.53
C MET D 200 9.02 41.33 1.31
N LEU D 201 7.92 41.43 2.05
CA LEU D 201 6.78 40.55 1.83
C LEU D 201 5.49 41.29 1.53
N ARG D 202 5.59 42.57 1.13
CA ARG D 202 4.40 43.34 0.81
C ARG D 202 3.62 42.71 -0.34
N TYR D 203 4.32 42.45 -1.45
CA TYR D 203 3.65 41.86 -2.61
C TYR D 203 3.05 40.51 -2.25
N TYR D 204 3.68 39.78 -1.33
CA TYR D 204 3.19 38.48 -0.94
C TYR D 204 1.77 38.55 -0.42
N ILE D 205 1.51 39.50 0.48
CA ILE D 205 0.20 39.55 1.13
C ILE D 205 -0.78 40.33 0.28
N ASP D 206 -0.30 41.25 -0.56
CA ASP D 206 -1.22 41.94 -1.45
C ASP D 206 -1.76 40.99 -2.51
N SER D 207 -0.88 40.21 -3.14
CA SER D 207 -1.33 39.21 -4.09
C SER D 207 -2.14 38.12 -3.42
N GLY D 208 -1.70 37.67 -2.25
CA GLY D 208 -2.39 36.62 -1.54
C GLY D 208 -1.96 35.22 -1.87
N ALA D 209 -1.03 35.03 -2.78
CA ALA D 209 -0.56 33.67 -3.08
C ALA D 209 0.48 33.24 -2.08
N GLY D 210 0.23 32.11 -1.42
CA GLY D 210 1.24 31.54 -0.53
C GLY D 210 1.21 32.10 0.88
N ILE D 211 0.18 32.85 1.24
CA ILE D 211 0.01 33.38 2.59
C ILE D 211 -1.40 33.09 3.06
N ASN D 212 -1.53 32.46 4.22
CA ASN D 212 -2.82 32.19 4.86
C ASN D 212 -2.93 33.06 6.09
N SER D 213 -4.05 33.77 6.21
CA SER D 213 -4.20 34.71 7.32
C SER D 213 -4.11 33.98 8.65
N LYS D 214 -4.80 32.84 8.78
CA LYS D 214 -4.87 32.15 10.06
C LYS D 214 -3.49 31.72 10.54
N GLN D 215 -2.73 31.07 9.65
CA GLN D 215 -1.41 30.59 10.06
C GLN D 215 -0.49 31.75 10.40
N PHE D 216 -0.60 32.85 9.66
CA PHE D 216 0.20 34.03 9.97
C PHE D 216 -0.11 34.56 11.36
N GLY D 217 -1.40 34.73 11.67
CA GLY D 217 -1.78 35.22 12.98
C GLY D 217 -1.35 34.28 14.08
N GLN D 218 -1.40 32.97 13.81
CA GLN D 218 -0.95 32.02 14.81
C GLN D 218 0.56 32.12 15.04
N VAL D 219 1.33 32.34 13.96
CA VAL D 219 2.78 32.35 14.10
C VAL D 219 3.25 33.60 14.84
N LEU D 220 2.82 34.78 14.41
CA LEU D 220 3.33 35.99 15.06
C LEU D 220 2.54 36.35 16.32
N SER D 221 1.23 36.54 16.19
CA SER D 221 0.42 36.76 17.38
C SER D 221 0.24 35.44 18.13
N LEU D 222 -0.41 35.53 19.29
CA LEU D 222 -0.53 34.38 20.19
C LEU D 222 -1.24 33.21 19.50
N VAL D 223 -0.94 32.00 19.98
CA VAL D 223 -1.44 30.80 19.32
C VAL D 223 -2.95 30.68 19.49
N GLY D 224 -3.44 30.84 20.71
CA GLY D 224 -4.85 30.63 20.98
C GLY D 224 -5.14 29.21 21.40
N SER D 225 -6.33 29.02 21.99
CA SER D 225 -6.70 27.74 22.55
C SER D 225 -6.91 26.70 21.45
N LYS D 226 -6.82 25.44 21.84
CA LYS D 226 -7.03 24.33 20.94
C LYS D 226 -8.03 23.34 21.55
N PRO D 227 -8.76 22.60 20.72
CA PRO D 227 -9.74 21.65 21.24
C PRO D 227 -9.08 20.34 21.63
N ASP D 228 -9.78 19.62 22.49
CA ASP D 228 -9.41 18.27 22.89
C ASP D 228 -9.75 17.30 21.76
N LEU D 229 -9.21 16.07 21.85
CA LEU D 229 -9.51 15.06 20.85
C LEU D 229 -11.01 14.85 20.67
N PHE D 230 -11.80 14.95 21.75
CA PHE D 230 -13.24 14.82 21.65
C PHE D 230 -13.93 16.11 21.21
N GLY D 231 -13.18 17.20 21.12
CA GLY D 231 -13.78 18.46 20.70
C GLY D 231 -14.17 19.39 21.83
N LYS D 232 -13.36 19.48 22.87
CA LYS D 232 -13.63 20.41 23.98
C LYS D 232 -12.45 21.36 24.10
N ILE D 233 -12.75 22.65 24.30
CA ILE D 233 -11.67 23.62 24.46
C ILE D 233 -10.95 23.37 25.78
N ILE D 234 -9.65 23.59 25.78
CA ILE D 234 -8.89 23.43 27.03
C ILE D 234 -9.11 24.66 27.91
N PRO D 235 -9.07 24.53 29.23
CA PRO D 235 -9.25 25.72 30.08
C PRO D 235 -8.08 26.70 30.02
N TYR D 236 -6.89 26.24 29.60
CA TYR D 236 -5.70 27.08 29.67
C TYR D 236 -5.21 27.36 28.26
N PRO D 237 -5.61 28.45 27.62
CA PRO D 237 -5.16 28.71 26.25
C PRO D 237 -3.68 29.08 26.22
N ILE D 238 -3.08 28.82 25.06
CA ILE D 238 -1.66 29.06 24.86
C ILE D 238 -1.40 30.56 24.81
N ASN D 239 -0.88 31.12 25.90
CA ASN D 239 -0.61 32.54 25.93
C ASN D 239 0.52 32.91 24.98
N THR D 240 1.47 32.00 24.76
CA THR D 240 2.61 32.31 23.91
C THR D 240 2.26 32.17 22.43
N SER D 241 3.24 32.51 21.60
CA SER D 241 3.11 32.41 20.15
C SER D 241 4.25 31.57 19.58
N PHE D 242 4.02 31.04 18.37
CA PHE D 242 4.96 30.10 17.77
C PHE D 242 6.35 30.69 17.64
N LEU D 243 6.45 31.95 17.21
CA LEU D 243 7.75 32.57 17.08
C LEU D 243 8.41 32.76 18.45
N ARG D 244 7.63 33.15 19.45
CA ARG D 244 8.18 33.48 20.76
C ARG D 244 8.73 32.24 21.45
N GLY D 245 7.97 31.16 21.42
CA GLY D 245 8.33 29.95 22.13
C GLY D 245 7.09 29.12 22.43
N LEU D 246 7.23 28.22 23.39
CA LEU D 246 6.13 27.38 23.80
C LEU D 246 6.28 26.98 25.26
N ASP D 247 5.19 26.48 25.82
CA ASP D 247 5.16 25.90 27.15
C ASP D 247 5.12 24.38 27.05
N VAL D 248 5.66 23.72 28.07
CA VAL D 248 5.63 22.26 28.09
C VAL D 248 4.19 21.76 28.03
N ARG D 249 3.31 22.39 28.81
CA ARG D 249 1.89 22.09 28.68
C ARG D 249 1.39 22.47 27.29
N SER D 250 1.83 23.61 26.77
CA SER D 250 1.48 23.97 25.41
C SER D 250 2.03 22.96 24.42
N PHE D 251 3.22 22.43 24.69
CA PHE D 251 3.79 21.39 23.83
C PHE D 251 2.89 20.17 23.82
N TYR D 252 2.39 19.78 25.00
CA TYR D 252 1.48 18.65 25.08
C TYR D 252 0.21 18.93 24.29
N ILE D 253 -0.32 20.15 24.41
CA ILE D 253 -1.55 20.50 23.70
C ILE D 253 -1.34 20.40 22.20
N ASN D 254 -0.22 20.92 21.72
CA ASN D 254 0.07 20.88 20.29
C ASN D 254 0.21 19.43 19.82
N ALA D 255 0.89 18.60 20.59
CA ALA D 255 1.03 17.20 20.20
C ALA D 255 -0.33 16.51 20.14
N LEU D 256 -1.21 16.80 21.10
CA LEU D 256 -2.53 16.20 21.09
C LEU D 256 -3.30 16.65 19.85
N GLY D 257 -3.21 17.93 19.51
CA GLY D 257 -3.89 18.41 18.31
C GLY D 257 -3.37 17.71 17.06
N ALA D 258 -2.06 17.53 16.98
CA ALA D 258 -1.49 16.86 15.82
C ALA D 258 -1.98 15.42 15.72
N ARG D 259 -1.99 14.70 16.85
CA ARG D 259 -2.47 13.32 16.80
C ARG D 259 -3.94 13.27 16.43
N LYS D 260 -4.73 14.24 16.88
CA LYS D 260 -6.13 14.31 16.45
C LYS D 260 -6.22 14.47 14.94
N ALA D 261 -5.40 15.36 14.38
CA ALA D 261 -5.42 15.56 12.94
C ALA D 261 -5.06 14.28 12.21
N LEU D 262 -4.06 13.56 12.73
CA LEU D 262 -3.64 12.32 12.07
C LEU D 262 -4.75 11.27 12.11
N ILE D 263 -5.43 11.13 13.25
CA ILE D 263 -6.52 10.16 13.35
C ILE D 263 -7.64 10.52 12.37
N THR D 264 -7.99 11.81 12.31
CA THR D 264 -9.05 12.24 11.41
C THR D 264 -8.67 11.96 9.96
N ASN D 265 -7.41 12.20 9.61
CA ASN D 265 -6.96 11.89 8.26
C ASN D 265 -7.07 10.40 7.97
N TYR D 266 -6.72 9.56 8.95
CA TYR D 266 -6.80 8.12 8.76
C TYR D 266 -8.23 7.69 8.44
N GLN D 267 -9.19 8.14 9.26
CA GLN D 267 -10.58 7.74 9.00
C GLN D 267 -11.09 8.33 7.69
N GLN D 268 -10.68 9.56 7.39
CA GLN D 268 -11.12 10.21 6.16
C GLN D 268 -10.65 9.44 4.92
N VAL D 269 -9.41 8.96 4.93
CA VAL D 269 -8.94 8.14 3.82
C VAL D 269 -9.66 6.81 3.81
N ARG D 270 -9.90 6.24 4.99
CA ARG D 270 -10.60 4.96 5.06
C ARG D 270 -12.01 5.05 4.50
N ASN D 271 -12.59 6.25 4.49
CA ASN D 271 -13.94 6.44 3.96
C ASN D 271 -14.09 5.83 2.57
N SER D 272 -13.08 6.03 1.72
CA SER D 272 -12.89 5.35 0.44
C SER D 272 -13.76 5.88 -0.70
N GLY D 273 -14.53 6.94 -0.48
CA GLY D 273 -15.36 7.49 -1.54
C GLY D 273 -16.40 6.51 -2.05
N TYR D 274 -17.26 6.03 -1.14
CA TYR D 274 -18.16 4.94 -1.49
C TYR D 274 -19.44 5.45 -2.16
N LEU D 275 -19.94 6.61 -1.73
CA LEU D 275 -21.24 7.07 -2.22
C LEU D 275 -21.24 7.34 -3.72
N THR D 276 -20.13 7.88 -4.24
CA THR D 276 -20.02 8.19 -5.66
C THR D 276 -20.25 6.95 -6.50
N ARG D 277 -19.76 5.79 -6.04
CA ARG D 277 -20.03 4.52 -6.69
C ARG D 277 -21.49 4.40 -7.09
N LYS D 278 -22.40 4.40 -6.11
CA LYS D 278 -23.80 4.11 -6.42
C LYS D 278 -24.48 5.30 -7.07
N ILE D 279 -24.12 6.53 -6.67
CA ILE D 279 -24.78 7.68 -7.28
C ILE D 279 -24.51 7.70 -8.78
N SER D 280 -23.24 7.49 -9.17
CA SER D 280 -22.90 7.42 -10.58
C SER D 280 -23.54 6.20 -11.23
N MET D 281 -23.45 5.04 -10.57
CA MET D 281 -23.97 3.81 -11.17
C MET D 281 -25.44 3.95 -11.52
N LEU D 282 -26.16 4.77 -10.75
CA LEU D 282 -27.56 5.00 -11.07
C LEU D 282 -27.72 6.09 -12.12
N LEU D 283 -27.01 7.20 -11.97
CA LEU D 283 -27.28 8.37 -12.80
C LEU D 283 -26.70 8.27 -14.20
N MET D 284 -25.82 7.30 -14.46
CA MET D 284 -25.01 7.38 -15.67
C MET D 284 -25.82 7.11 -16.94
N ASP D 285 -26.94 6.40 -16.83
CA ASP D 285 -27.66 6.04 -18.04
C ASP D 285 -28.41 7.20 -18.67
N THR D 286 -28.54 8.32 -17.96
CA THR D 286 -29.34 9.43 -18.45
C THR D 286 -28.79 9.98 -19.75
N LYS D 287 -29.69 10.41 -20.64
CA LYS D 287 -29.28 10.86 -21.97
C LYS D 287 -29.99 12.16 -22.30
N LEU D 288 -29.66 12.70 -23.47
CA LEU D 288 -30.25 13.91 -23.99
C LEU D 288 -30.75 13.66 -25.41
N ILE D 289 -31.88 14.29 -25.75
CA ILE D 289 -32.52 14.12 -27.05
C ILE D 289 -32.76 15.50 -27.65
N ASP D 290 -32.33 15.69 -28.89
CA ASP D 290 -32.43 16.97 -29.57
C ASP D 290 -33.87 17.20 -30.04
N LEU D 291 -34.64 17.87 -29.19
CA LEU D 291 -36.04 18.17 -29.47
C LEU D 291 -36.38 19.54 -28.89
N ASP D 292 -37.16 20.32 -29.64
CA ASP D 292 -37.34 21.74 -29.31
C ASP D 292 -38.08 21.93 -27.98
N ASP D 293 -39.17 21.19 -27.77
CA ASP D 293 -39.99 21.40 -26.60
C ASP D 293 -40.77 20.13 -26.28
N CYS D 294 -40.68 19.69 -25.03
CA CYS D 294 -41.42 18.53 -24.56
C CYS D 294 -42.92 18.73 -24.61
N GLY D 295 -43.39 19.97 -24.72
CA GLY D 295 -44.81 20.25 -24.78
C GLY D 295 -45.55 19.89 -23.50
N SER D 296 -44.91 20.07 -22.35
CA SER D 296 -45.54 19.72 -21.09
C SER D 296 -46.62 20.73 -20.72
N HIS D 297 -47.48 20.35 -19.78
CA HIS D 297 -48.54 21.23 -19.32
C HIS D 297 -47.96 22.37 -18.49
N GLU D 298 -48.74 23.44 -18.38
CA GLU D 298 -48.30 24.59 -17.58
C GLU D 298 -48.20 24.23 -16.10
N ASN D 299 -49.14 23.42 -15.60
CA ASN D 299 -49.10 23.03 -14.20
C ASN D 299 -47.96 22.06 -13.91
N ASN D 300 -47.40 21.45 -14.96
CA ASN D 300 -46.27 20.56 -14.77
C ASN D 300 -45.02 21.31 -14.35
N TYR D 301 -44.95 22.60 -14.70
CA TYR D 301 -43.86 23.44 -14.22
C TYR D 301 -43.91 23.54 -12.71
N LEU D 302 -42.79 23.21 -12.06
CA LEU D 302 -42.73 23.22 -10.61
C LEU D 302 -42.49 24.63 -10.11
N SER D 303 -43.07 24.96 -8.96
CA SER D 303 -42.97 26.29 -8.40
C SER D 303 -41.86 26.37 -7.36
N ILE D 304 -41.15 27.50 -7.36
CA ILE D 304 -40.06 27.75 -6.43
C ILE D 304 -40.20 29.17 -5.92
N ASN D 305 -39.98 29.35 -4.62
CA ASN D 305 -40.01 30.69 -4.01
C ASN D 305 -38.60 31.22 -3.85
N VAL D 306 -38.46 32.54 -3.93
CA VAL D 306 -37.14 33.18 -3.89
C VAL D 306 -36.96 33.85 -2.54
N GLU D 307 -35.82 33.62 -1.89
CA GLU D 307 -35.55 34.27 -0.62
C GLU D 307 -34.29 35.13 -0.68
N ASN D 308 -33.33 34.75 -1.52
CA ASN D 308 -32.09 35.50 -1.65
C ASN D 308 -31.57 35.40 -3.08
N LYS D 309 -30.49 36.14 -3.35
CA LYS D 309 -29.89 36.11 -4.68
C LYS D 309 -29.24 34.77 -4.97
N ASP D 310 -28.96 33.99 -3.92
CA ASP D 310 -28.28 32.71 -4.13
C ASP D 310 -29.13 31.77 -4.98
N VAL D 311 -30.43 31.74 -4.74
CA VAL D 311 -31.30 30.88 -5.54
C VAL D 311 -31.34 31.37 -6.98
N LEU D 312 -31.24 32.68 -7.18
CA LEU D 312 -31.16 33.21 -8.54
C LEU D 312 -29.89 32.74 -9.23
N LYS D 313 -28.77 32.73 -8.51
CA LYS D 313 -27.56 32.14 -9.05
C LYS D 313 -27.80 30.68 -9.39
N ARG D 314 -28.53 29.96 -8.54
CA ARG D 314 -28.81 28.56 -8.79
C ARG D 314 -29.67 28.39 -10.03
N PHE D 315 -30.43 29.42 -10.41
CA PHE D 315 -31.38 29.29 -11.51
C PHE D 315 -31.00 30.14 -12.73
N SER D 316 -29.72 30.20 -13.09
CA SER D 316 -29.34 30.92 -14.29
C SER D 316 -29.68 30.09 -15.53
N LYS D 317 -29.37 30.66 -16.70
CA LYS D 317 -29.60 30.07 -18.02
C LYS D 317 -30.90 29.29 -18.13
N ARG D 318 -31.98 29.81 -17.57
CA ARG D 318 -33.27 29.14 -17.63
C ARG D 318 -34.33 30.18 -17.91
N SER D 319 -35.58 29.75 -17.89
CA SER D 319 -36.70 30.63 -18.22
C SER D 319 -37.83 30.48 -17.21
N TYR D 320 -38.48 31.60 -16.92
CA TYR D 320 -39.65 31.64 -16.05
C TYR D 320 -40.82 32.20 -16.85
N LEU D 321 -42.01 31.70 -16.57
CA LEU D 321 -43.20 32.31 -17.16
C LEU D 321 -43.39 33.71 -16.60
N ASN D 322 -43.70 34.65 -17.48
CA ASN D 322 -43.87 36.04 -17.11
C ASN D 322 -45.35 36.31 -16.82
N ASN D 323 -45.72 37.59 -16.70
CA ASN D 323 -47.12 37.94 -16.54
C ASN D 323 -47.95 37.41 -17.69
N ASN D 324 -47.40 37.49 -18.91
CA ASN D 324 -48.03 36.89 -20.07
C ASN D 324 -47.87 35.37 -20.12
N GLY D 325 -47.03 34.81 -19.24
CA GLY D 325 -46.78 33.38 -19.23
C GLY D 325 -45.65 32.94 -20.14
N GLU D 326 -45.10 33.84 -20.94
CA GLU D 326 -44.00 33.48 -21.81
C GLU D 326 -42.76 33.19 -20.98
N LEU D 327 -42.00 32.17 -21.40
CA LEU D 327 -40.80 31.75 -20.67
C LEU D 327 -39.63 32.65 -21.07
N VAL D 328 -39.41 33.68 -20.25
CA VAL D 328 -38.32 34.62 -20.49
C VAL D 328 -37.12 34.21 -19.65
N GLU D 329 -35.92 34.49 -20.15
CA GLU D 329 -34.68 34.13 -19.48
C GLU D 329 -34.59 34.76 -18.09
N ILE D 330 -34.18 33.96 -17.11
CA ILE D 330 -34.00 34.47 -15.76
C ILE D 330 -32.70 35.25 -15.66
N ASP D 331 -32.76 36.40 -15.00
CA ASP D 331 -31.60 37.27 -14.83
C ASP D 331 -31.22 37.30 -13.36
N ILE D 332 -30.01 36.83 -13.05
CA ILE D 332 -29.56 36.76 -11.66
C ILE D 332 -29.36 38.16 -11.11
N ASN D 333 -28.82 39.07 -11.91
CA ASN D 333 -28.63 40.44 -11.46
C ASN D 333 -29.96 41.10 -11.16
N ASP D 334 -31.03 40.64 -11.81
CA ASP D 334 -32.36 41.22 -11.58
C ASP D 334 -32.80 40.95 -10.15
N GLU D 335 -33.52 41.92 -9.57
CA GLU D 335 -33.94 41.85 -8.17
C GLU D 335 -35.44 41.84 -7.99
N SER D 336 -36.21 42.02 -9.08
CA SER D 336 -37.66 42.07 -8.94
C SER D 336 -38.23 40.70 -8.58
N LEU D 337 -37.39 39.67 -8.61
CA LEU D 337 -37.87 38.32 -8.34
C LEU D 337 -37.77 37.95 -6.86
N ILE D 338 -37.39 38.89 -6.00
CA ILE D 338 -37.27 38.57 -4.58
C ILE D 338 -38.63 38.26 -3.99
N GLY D 339 -38.69 37.20 -3.19
CA GLY D 339 -39.92 36.89 -2.49
C GLY D 339 -41.08 36.56 -3.39
N GLN D 340 -40.86 35.71 -4.39
CA GLN D 340 -41.90 35.35 -5.34
C GLN D 340 -41.83 33.85 -5.60
N VAL D 341 -43.00 33.23 -5.73
CA VAL D 341 -43.09 31.82 -6.11
C VAL D 341 -43.46 31.78 -7.59
N ILE D 342 -42.60 31.16 -8.39
CA ILE D 342 -42.75 31.15 -9.84
C ILE D 342 -42.46 29.75 -10.36
N LYS D 343 -43.08 29.40 -11.49
CA LYS D 343 -42.91 28.07 -12.05
C LYS D 343 -41.78 28.04 -13.07
N ILE D 344 -40.99 26.98 -13.03
CA ILE D 344 -39.84 26.81 -13.91
C ILE D 344 -39.93 25.44 -14.58
N PRO D 345 -39.52 25.31 -15.84
CA PRO D 345 -39.43 23.97 -16.43
C PRO D 345 -38.31 23.18 -15.79
N SER D 346 -38.39 21.86 -15.90
CA SER D 346 -37.42 21.00 -15.24
C SER D 346 -37.35 19.66 -15.95
N PRO D 347 -36.20 18.99 -15.89
CA PRO D 347 -36.14 17.62 -16.41
C PRO D 347 -37.04 16.65 -15.68
N THR D 348 -37.26 16.86 -14.37
CA THR D 348 -38.07 15.92 -13.61
C THR D 348 -39.53 15.96 -14.06
N THR D 349 -39.90 16.98 -14.82
CA THR D 349 -41.25 17.14 -15.31
C THR D 349 -41.33 17.18 -16.83
N CYS D 350 -40.24 16.89 -17.52
CA CYS D 350 -40.24 16.98 -18.97
C CYS D 350 -41.09 15.85 -19.57
N ALA D 351 -41.79 16.15 -20.64
CA ALA D 351 -42.71 15.23 -21.28
C ALA D 351 -42.08 14.40 -22.38
N SER D 352 -40.79 14.56 -22.62
CA SER D 352 -40.11 13.77 -23.64
C SER D 352 -39.83 12.37 -23.11
N ASN D 353 -40.33 11.35 -23.80
CA ASN D 353 -40.08 9.99 -23.37
C ASN D 353 -38.75 9.48 -23.89
N GLU D 354 -38.25 10.07 -24.98
CA GLU D 354 -36.95 9.66 -25.51
C GLU D 354 -35.81 10.14 -24.62
N GLY D 355 -36.02 11.26 -23.94
CA GLY D 355 -34.98 11.85 -23.12
C GLY D 355 -35.42 13.20 -22.56
N VAL D 356 -34.57 14.21 -22.69
CA VAL D 356 -34.86 15.55 -22.20
C VAL D 356 -34.80 16.52 -23.37
N CYS D 357 -35.82 17.34 -23.51
CA CYS D 357 -35.89 18.32 -24.59
C CYS D 357 -34.97 19.50 -24.28
N ARG D 358 -34.66 20.26 -25.34
CA ARG D 358 -33.75 21.39 -25.16
C ARG D 358 -34.40 22.52 -24.37
N LYS D 359 -35.74 22.55 -24.33
CA LYS D 359 -36.40 23.59 -23.54
C LYS D 359 -36.11 23.43 -22.07
N CYS D 360 -36.17 22.19 -21.57
CA CYS D 360 -35.94 21.97 -20.14
C CYS D 360 -34.51 22.32 -19.76
N TYR D 361 -33.55 21.98 -20.61
CA TYR D 361 -32.16 22.29 -20.31
C TYR D 361 -31.84 23.77 -20.48
N GLY D 362 -32.77 24.56 -21.03
CA GLY D 362 -32.54 25.99 -21.14
C GLY D 362 -31.46 26.32 -22.15
N LYS D 363 -30.91 27.53 -22.04
CA LYS D 363 -29.85 27.93 -22.95
C LYS D 363 -28.59 27.09 -22.77
N LEU D 364 -28.45 26.45 -21.61
CA LEU D 364 -27.27 25.63 -21.36
C LEU D 364 -27.15 24.46 -22.31
N PHE D 365 -28.28 24.03 -22.89
CA PHE D 365 -28.30 22.81 -23.69
C PHE D 365 -27.22 22.81 -24.76
N ASP D 366 -27.10 23.91 -25.49
CA ASP D 366 -26.15 23.97 -26.60
C ASP D 366 -24.73 23.67 -26.15
N ILE D 367 -24.39 24.03 -24.91
CA ILE D 367 -23.03 23.80 -24.42
C ILE D 367 -22.76 22.32 -24.24
N ASN D 368 -23.77 21.57 -23.78
CA ASN D 368 -23.56 20.26 -23.20
C ASN D 368 -23.78 19.13 -24.19
N LYS D 369 -24.04 19.44 -25.45
CA LYS D 369 -24.51 18.42 -26.38
C LYS D 369 -23.47 17.32 -26.60
N ASP D 370 -22.21 17.59 -26.23
CA ASP D 370 -21.15 16.61 -26.47
C ASP D 370 -21.17 15.50 -25.43
N LEU D 371 -21.57 15.82 -24.20
CA LEU D 371 -21.28 14.90 -23.11
C LEU D 371 -22.55 14.41 -22.43
N ASN D 372 -22.42 13.25 -21.76
CA ASN D 372 -23.51 12.68 -20.99
C ASN D 372 -23.91 13.63 -19.87
N ILE D 373 -25.06 14.27 -20.02
CA ILE D 373 -25.46 15.32 -19.08
C ILE D 373 -25.50 14.79 -17.66
N GLY D 374 -26.13 13.62 -17.48
CA GLY D 374 -26.28 13.08 -16.15
C GLY D 374 -24.95 12.79 -15.49
N MET D 375 -23.96 12.35 -16.28
CA MET D 375 -22.67 12.02 -15.71
C MET D 375 -21.97 13.26 -15.20
N ILE D 376 -22.06 14.37 -15.95
CA ILE D 376 -21.54 15.63 -15.46
C ILE D 376 -22.26 16.04 -14.18
N ALA D 377 -23.59 15.90 -14.17
CA ALA D 377 -24.34 16.26 -12.97
C ALA D 377 -23.83 15.49 -11.76
N VAL D 378 -23.73 14.17 -11.87
CA VAL D 378 -23.36 13.36 -10.71
C VAL D 378 -21.94 13.66 -10.27
N LEU D 379 -21.00 13.77 -11.22
CA LEU D 379 -19.62 14.02 -10.81
C LEU D 379 -19.45 15.40 -10.21
N LEU D 380 -20.06 16.41 -10.83
CA LEU D 380 -19.96 17.77 -10.35
C LEU D 380 -20.68 17.98 -9.03
N LEU D 381 -21.61 17.10 -8.68
CA LEU D 381 -22.18 17.10 -7.33
C LEU D 381 -21.30 16.38 -6.33
N THR D 382 -20.78 15.20 -6.69
CA THR D 382 -20.12 14.36 -5.70
C THR D 382 -18.75 14.92 -5.33
N ASP D 383 -18.12 15.68 -6.21
CA ASP D 383 -16.78 16.15 -5.88
C ASP D 383 -16.78 17.23 -4.80
N PRO D 384 -17.36 18.41 -5.01
CA PRO D 384 -17.25 19.45 -3.98
C PRO D 384 -17.92 19.07 -2.67
N LEU D 385 -19.01 18.30 -2.73
CA LEU D 385 -19.71 17.91 -1.50
C LEU D 385 -18.83 17.02 -0.64
N THR D 386 -18.22 16.00 -1.25
CA THR D 386 -17.32 15.14 -0.50
C THR D 386 -16.14 15.94 0.03
N GLN D 387 -15.59 16.83 -0.79
CA GLN D 387 -14.45 17.62 -0.33
C GLN D 387 -14.83 18.49 0.86
N ARG D 388 -16.01 19.12 0.80
CA ARG D 388 -16.46 19.97 1.89
C ARG D 388 -16.71 19.16 3.16
N LEU D 389 -17.35 18.00 3.03
CA LEU D 389 -17.60 17.15 4.18
C LEU D 389 -16.29 16.71 4.82
N LEU D 390 -15.31 16.35 3.99
CA LEU D 390 -14.06 15.84 4.50
C LEU D 390 -13.25 16.95 5.16
N SER D 391 -13.29 18.15 4.57
CA SER D 391 -12.63 19.30 5.20
C SER D 391 -13.29 19.67 6.52
N ALA D 392 -14.61 19.65 6.58
CA ALA D 392 -15.31 19.98 7.81
C ALA D 392 -14.97 18.97 8.91
N LYS D 393 -14.86 17.70 8.55
CA LYS D 393 -14.42 16.70 9.54
C LYS D 393 -12.97 16.93 9.94
N HIS D 394 -12.14 17.43 9.02
CA HIS D 394 -10.75 17.74 9.36
C HIS D 394 -10.69 18.80 10.46
N GLU D 511 -20.84 21.49 13.49
CA GLU D 511 -21.15 22.83 13.03
C GLU D 511 -21.63 22.82 11.58
N LEU D 512 -20.76 23.23 10.66
CA LEU D 512 -21.10 23.22 9.24
C LEU D 512 -21.24 21.80 8.70
N SER D 513 -20.71 20.80 9.41
CA SER D 513 -20.80 19.43 8.94
C SER D 513 -22.23 18.91 9.00
N LYS D 514 -23.02 19.37 9.98
CA LYS D 514 -24.36 18.86 10.16
C LYS D 514 -25.26 19.06 8.94
N PRO D 515 -25.30 20.24 8.29
CA PRO D 515 -26.08 20.32 7.05
C PRO D 515 -25.61 19.35 5.99
N LEU D 516 -24.31 19.09 5.90
CA LEU D 516 -23.82 18.13 4.92
C LEU D 516 -24.39 16.74 5.18
N ARG D 517 -24.37 16.32 6.43
CA ARG D 517 -24.99 15.04 6.78
C ARG D 517 -26.47 15.07 6.47
N GLU D 518 -27.13 16.22 6.68
CA GLU D 518 -28.54 16.34 6.33
C GLU D 518 -28.76 16.12 4.85
N ILE D 519 -27.89 16.67 4.01
CA ILE D 519 -27.99 16.47 2.56
C ILE D 519 -27.82 15.01 2.22
N LYS D 520 -26.84 14.36 2.84
CA LYS D 520 -26.65 12.93 2.61
C LYS D 520 -27.89 12.15 2.99
N ASP D 521 -28.51 12.48 4.12
CA ASP D 521 -29.73 11.78 4.54
C ASP D 521 -30.87 12.02 3.57
N LEU D 522 -31.02 13.27 3.13
CA LEU D 522 -32.10 13.59 2.19
C LEU D 522 -31.95 12.76 0.93
N ILE D 523 -30.74 12.67 0.39
CA ILE D 523 -30.55 11.81 -0.76
C ILE D 523 -30.76 10.35 -0.43
N GLU D 524 -30.32 9.89 0.74
CA GLU D 524 -30.28 8.47 1.02
C GLU D 524 -31.51 7.95 1.76
N THR D 525 -31.77 8.47 2.96
CA THR D 525 -32.76 7.85 3.84
C THR D 525 -34.17 7.93 3.27
N ASN D 526 -34.50 9.05 2.64
CA ASN D 526 -35.74 9.28 1.89
C ASN D 526 -36.96 9.47 2.79
N LYS D 527 -36.77 9.69 4.10
CA LYS D 527 -37.91 9.94 4.97
C LYS D 527 -38.65 11.22 4.57
N TYR D 528 -37.90 12.28 4.28
CA TYR D 528 -38.52 13.55 3.92
C TYR D 528 -39.32 13.41 2.63
N ILE D 529 -38.79 12.70 1.65
CA ILE D 529 -39.54 12.44 0.43
C ILE D 529 -40.81 11.66 0.73
N LYS D 530 -40.74 10.64 1.58
CA LYS D 530 -41.96 9.96 1.96
C LYS D 530 -42.94 10.86 2.72
N ASP D 531 -42.47 11.96 3.29
CA ASP D 531 -43.36 12.83 4.05
C ASP D 531 -43.79 14.09 3.30
N HIS D 532 -43.37 14.27 2.05
CA HIS D 532 -43.62 15.53 1.36
C HIS D 532 -43.67 15.33 -0.16
N ASN D 533 -43.61 16.45 -0.88
CA ASN D 533 -43.86 16.51 -2.31
C ASN D 533 -42.63 17.04 -3.06
N VAL D 534 -42.67 16.89 -4.39
CA VAL D 534 -41.50 17.13 -5.22
C VAL D 534 -41.05 18.59 -5.13
N ASN D 535 -41.99 19.52 -5.20
CA ASN D 535 -41.61 20.93 -5.08
C ASN D 535 -40.96 21.20 -3.72
N GLU D 536 -41.54 20.63 -2.67
CA GLU D 536 -40.97 20.80 -1.34
C GLU D 536 -39.57 20.21 -1.26
N VAL D 537 -39.39 19.01 -1.83
CA VAL D 537 -38.08 18.36 -1.70
C VAL D 537 -37.02 19.13 -2.49
N VAL D 538 -37.37 19.65 -3.67
CA VAL D 538 -36.37 20.38 -4.44
C VAL D 538 -36.04 21.71 -3.78
N ASN D 539 -37.05 22.38 -3.21
CA ASN D 539 -36.75 23.61 -2.50
C ASN D 539 -35.86 23.34 -1.29
N TYR D 540 -36.14 22.25 -0.57
CA TYR D 540 -35.28 21.88 0.54
C TYR D 540 -33.87 21.59 0.06
N PHE D 541 -33.75 20.93 -1.10
CA PHE D 541 -32.43 20.61 -1.62
C PHE D 541 -31.67 21.88 -1.96
N ILE D 542 -32.35 22.86 -2.53
CA ILE D 542 -31.70 24.14 -2.82
C ILE D 542 -31.24 24.81 -1.54
N TYR D 543 -32.10 24.78 -0.51
CA TYR D 543 -31.73 25.40 0.76
C TYR D 543 -30.52 24.69 1.37
N LEU D 544 -30.50 23.36 1.31
CA LEU D 544 -29.38 22.59 1.83
C LEU D 544 -28.10 22.87 1.05
N LEU D 545 -28.22 23.01 -0.27
CA LEU D 545 -27.07 23.36 -1.07
C LEU D 545 -26.51 24.71 -0.67
N ASN D 546 -27.40 25.67 -0.39
CA ASN D 546 -26.96 26.97 0.09
C ASN D 546 -26.24 26.85 1.43
N GLU D 547 -26.80 26.06 2.35
CA GLU D 547 -26.17 25.89 3.67
C GLU D 547 -24.79 25.27 3.54
N SER D 548 -24.66 24.27 2.68
CA SER D 548 -23.39 23.57 2.51
C SER D 548 -22.28 24.48 2.01
N GLY D 549 -22.62 25.56 1.30
CA GLY D 549 -21.63 26.47 0.80
C GLY D 549 -21.17 26.21 -0.62
N ILE D 550 -21.42 25.01 -1.16
CA ILE D 550 -21.07 24.74 -2.55
C ILE D 550 -22.11 25.37 -3.47
N ASN D 551 -21.69 25.70 -4.68
CA ASN D 551 -22.58 26.30 -5.66
C ASN D 551 -22.55 25.47 -6.94
N ILE D 552 -23.72 24.95 -7.33
CA ILE D 552 -23.88 24.19 -8.55
C ILE D 552 -25.16 24.66 -9.22
N GLN D 553 -25.20 24.56 -10.54
CA GLN D 553 -26.40 24.94 -11.27
C GLN D 553 -27.56 24.04 -10.87
N SER D 554 -28.74 24.63 -10.72
CA SER D 554 -29.88 23.86 -10.26
C SER D 554 -30.36 22.85 -11.30
N VAL D 555 -29.95 23.02 -12.55
CA VAL D 555 -30.41 22.13 -13.62
C VAL D 555 -29.96 20.70 -13.34
N HIS D 556 -28.70 20.55 -12.94
CA HIS D 556 -28.20 19.22 -12.63
C HIS D 556 -28.95 18.62 -11.44
N SER D 557 -29.26 19.44 -10.44
CA SER D 557 -30.04 18.95 -9.31
C SER D 557 -31.41 18.46 -9.76
N GLU D 558 -32.10 19.24 -10.60
CA GLU D 558 -33.39 18.81 -11.12
C GLU D 558 -33.25 17.54 -11.93
N LEU D 559 -32.11 17.33 -12.57
CA LEU D 559 -31.90 16.09 -13.31
C LEU D 559 -31.72 14.91 -12.36
N ILE D 560 -31.01 15.12 -11.25
CA ILE D 560 -30.93 14.05 -10.25
C ILE D 560 -32.32 13.71 -9.76
N ILE D 561 -33.18 14.72 -9.61
CA ILE D 561 -34.55 14.46 -9.19
C ILE D 561 -35.31 13.71 -10.29
N ARG D 562 -35.03 14.04 -11.55
CA ARG D 562 -35.66 13.33 -12.66
C ARG D 562 -35.32 11.86 -12.63
N GLU D 563 -34.06 11.54 -12.35
CA GLU D 563 -33.71 10.13 -12.14
C GLU D 563 -34.42 9.60 -10.90
N MET D 564 -34.50 10.42 -9.86
CA MET D 564 -35.16 10.02 -8.62
C MET D 564 -36.63 9.67 -8.88
N MET D 565 -37.21 10.23 -9.93
CA MET D 565 -38.64 10.11 -10.19
C MET D 565 -39.07 8.65 -10.18
N LYS D 566 -40.33 8.41 -9.85
CA LYS D 566 -40.93 7.10 -10.09
C LYS D 566 -42.43 7.27 -10.25
N LEU D 567 -42.99 6.67 -11.29
CA LEU D 567 -44.39 6.78 -11.65
C LEU D 567 -44.89 5.45 -12.19
N ASP D 568 -46.21 5.28 -12.20
CA ASP D 568 -46.79 3.98 -12.55
C ASP D 568 -46.68 3.70 -14.05
N ASP D 569 -46.97 4.69 -14.88
CA ASP D 569 -46.94 4.51 -16.33
C ASP D 569 -45.63 5.05 -16.88
N SER D 570 -44.85 4.17 -17.52
CA SER D 570 -43.53 4.58 -17.99
C SER D 570 -43.61 5.67 -19.05
N ASP D 571 -44.78 5.83 -19.66
CA ASP D 571 -44.95 6.85 -20.69
C ASP D 571 -45.02 8.24 -20.05
N ARG D 572 -44.32 9.19 -20.65
CA ARG D 572 -44.34 10.58 -20.19
C ARG D 572 -45.45 11.40 -20.82
N THR D 573 -46.16 10.85 -21.81
CA THR D 573 -47.20 11.63 -22.47
C THR D 573 -48.30 12.00 -21.48
N GLN D 574 -48.67 11.08 -20.60
CA GLN D 574 -49.63 11.41 -19.55
C GLN D 574 -49.14 12.59 -18.74
N PHE D 575 -47.82 12.67 -18.51
CA PHE D 575 -47.26 13.77 -17.74
C PHE D 575 -47.59 15.12 -18.39
N LYS D 576 -47.73 15.14 -19.71
CA LYS D 576 -48.05 16.40 -20.38
C LYS D 576 -49.49 16.83 -20.18
N ASN D 577 -50.33 15.97 -19.61
CA ASN D 577 -51.71 16.33 -19.35
C ASN D 577 -51.81 17.19 -18.09
N ASP D 578 -53.05 17.46 -17.67
CA ASP D 578 -53.28 18.41 -16.58
C ASP D 578 -52.83 17.84 -15.23
N LYS D 579 -53.19 16.60 -14.94
CA LYS D 579 -52.84 15.96 -13.68
C LYS D 579 -51.72 14.96 -13.93
N MET D 580 -50.64 15.06 -13.16
CA MET D 580 -49.54 14.13 -13.28
C MET D 580 -49.87 12.84 -12.54
N PRO D 581 -49.35 11.71 -13.01
CA PRO D 581 -49.55 10.45 -12.27
C PRO D 581 -48.81 10.43 -10.95
N ASP D 582 -48.81 9.29 -10.28
CA ASP D 582 -48.14 9.15 -9.00
C ASP D 582 -46.68 9.54 -9.14
N TYR D 583 -46.18 10.29 -8.16
CA TYR D 583 -44.86 10.89 -8.24
C TYR D 583 -43.95 10.43 -7.11
N GLU D 584 -43.87 9.12 -6.87
CA GLU D 584 -43.17 8.62 -5.70
C GLU D 584 -41.68 8.48 -5.95
N ILE D 585 -40.91 8.60 -4.87
CA ILE D 585 -39.45 8.49 -4.89
C ILE D 585 -38.98 7.64 -3.72
N PHE D 586 -37.97 6.82 -3.99
CA PHE D 586 -37.49 5.82 -3.05
C PHE D 586 -36.03 6.09 -2.70
N ARG D 587 -35.45 5.13 -1.99
CA ARG D 587 -34.04 5.18 -1.64
C ARG D 587 -33.17 5.04 -2.89
N ILE D 588 -32.00 5.64 -2.85
CA ILE D 588 -31.09 5.65 -3.99
C ILE D 588 -30.79 4.21 -4.41
N THR D 589 -30.41 3.35 -3.46
CA THR D 589 -30.18 1.95 -3.78
C THR D 589 -31.48 1.27 -4.19
N ASP D 590 -32.56 1.59 -3.49
CA ASP D 590 -33.87 1.07 -3.89
C ASP D 590 -34.27 1.56 -5.26
N ALA D 591 -34.02 2.85 -5.54
CA ALA D 591 -34.39 3.40 -6.83
C ALA D 591 -33.64 2.71 -7.96
N ASN D 592 -32.33 2.50 -7.80
CA ASN D 592 -31.58 1.78 -8.81
C ASN D 592 -32.08 0.34 -8.94
N LEU D 593 -32.28 -0.32 -7.82
CA LEU D 593 -32.80 -1.69 -7.87
C LEU D 593 -34.21 -1.71 -8.44
N LYS D 594 -34.95 -0.61 -8.27
CA LYS D 594 -36.25 -0.50 -8.91
C LYS D 594 -36.12 -0.52 -10.42
N GLY D 595 -35.10 0.16 -10.97
CA GLY D 595 -34.89 0.28 -12.40
C GLY D 595 -35.05 -1.01 -13.19
N ASP D 596 -36.02 -1.03 -14.09
CA ASP D 596 -36.45 -2.28 -14.70
C ASP D 596 -35.35 -2.93 -15.54
N SER D 597 -34.33 -2.17 -15.91
CA SER D 597 -33.22 -2.75 -16.65
C SER D 597 -32.34 -3.59 -15.72
N LEU D 598 -32.22 -4.89 -16.01
CA LEU D 598 -31.54 -5.78 -15.08
C LEU D 598 -30.02 -5.63 -15.16
N SER D 599 -29.50 -5.13 -16.27
CA SER D 599 -28.07 -5.04 -16.46
C SER D 599 -27.43 -4.15 -15.40
N ARG D 600 -28.07 -3.03 -15.10
CA ARG D 600 -27.55 -2.14 -14.07
C ARG D 600 -27.79 -2.71 -12.68
N SER D 601 -28.89 -3.44 -12.50
CA SER D 601 -29.17 -4.02 -11.19
C SER D 601 -28.12 -5.04 -10.81
N LEU D 602 -27.76 -5.94 -11.72
CA LEU D 602 -26.75 -6.93 -11.41
C LEU D 602 -25.42 -6.28 -11.07
N LEU D 603 -25.06 -5.21 -11.77
CA LEU D 603 -23.78 -4.56 -11.55
C LEU D 603 -23.73 -3.89 -10.18
N PHE D 604 -24.87 -3.77 -9.51
CA PHE D 604 -24.94 -3.16 -8.20
C PHE D 604 -24.56 -4.16 -7.12
N GLU D 605 -24.77 -3.77 -5.87
CA GLU D 605 -24.64 -4.69 -4.76
C GLU D 605 -25.97 -5.41 -4.52
N GLN D 606 -26.03 -6.18 -3.44
CA GLN D 606 -27.21 -6.93 -3.03
C GLN D 606 -27.75 -7.83 -4.13
N VAL D 607 -26.88 -8.38 -4.97
CA VAL D 607 -27.34 -9.20 -6.09
C VAL D 607 -27.91 -10.51 -5.59
N LYS D 608 -27.57 -10.93 -4.37
CA LYS D 608 -27.97 -12.24 -3.87
C LYS D 608 -29.48 -12.39 -3.87
N LYS D 609 -30.17 -11.46 -3.22
CA LYS D 609 -31.62 -11.52 -3.17
C LYS D 609 -32.23 -11.32 -4.55
N GLN D 610 -31.53 -10.56 -5.41
CA GLN D 610 -32.04 -10.33 -6.75
C GLN D 610 -32.07 -11.62 -7.56
N LEU D 611 -31.04 -12.43 -7.44
CA LEU D 611 -30.96 -13.65 -8.24
C LEU D 611 -31.68 -14.84 -7.61
N THR D 612 -31.59 -15.02 -6.29
CA THR D 612 -32.14 -16.23 -5.69
C THR D 612 -33.54 -16.05 -5.12
N THR D 613 -33.98 -14.82 -4.88
CA THR D 613 -35.30 -14.57 -4.34
C THR D 613 -36.15 -13.83 -5.35
N LEU D 614 -37.45 -13.88 -5.14
CA LEU D 614 -38.42 -13.24 -6.02
C LEU D 614 -38.95 -11.95 -5.45
N ASP D 615 -38.32 -11.40 -4.41
CA ASP D 615 -38.80 -10.16 -3.80
C ASP D 615 -38.76 -9.00 -4.78
N TYR D 616 -37.68 -8.89 -5.55
CA TYR D 616 -37.48 -7.77 -6.47
C TYR D 616 -37.89 -8.08 -7.90
N ASP D 617 -38.58 -9.20 -8.13
CA ASP D 617 -39.08 -9.61 -9.44
C ASP D 617 -38.08 -9.38 -10.56
N THR D 618 -36.80 -9.65 -10.29
CA THR D 618 -35.77 -9.45 -11.30
C THR D 618 -35.98 -10.36 -12.50
N PHE D 619 -36.64 -11.50 -12.28
CA PHE D 619 -37.05 -12.34 -13.40
C PHE D 619 -38.00 -11.57 -14.31
N ASN D 620 -38.89 -10.78 -13.72
CA ASN D 620 -39.89 -10.05 -14.50
C ASN D 620 -39.28 -8.87 -15.25
N LYS D 621 -38.40 -8.11 -14.59
CA LYS D 621 -37.98 -6.82 -15.09
C LYS D 621 -37.13 -6.94 -16.34
N THR D 622 -37.28 -5.97 -17.25
CA THR D 622 -36.55 -5.96 -18.52
C THR D 622 -36.61 -4.57 -19.12
N LYS D 623 -35.43 -4.04 -19.49
CA LYS D 623 -35.33 -2.72 -20.10
C LYS D 623 -33.94 -2.55 -20.67
N SER D 624 -33.86 -1.84 -21.80
CA SER D 624 -32.60 -1.51 -22.46
C SER D 624 -31.82 -0.46 -21.68
N SER D 625 -30.51 -0.45 -21.86
CA SER D 625 -29.64 0.49 -21.17
C SER D 625 -28.27 0.51 -21.84
N ILE D 626 -27.45 1.49 -21.45
CA ILE D 626 -26.10 1.60 -21.98
C ILE D 626 -25.24 0.44 -21.51
N LEU D 627 -25.22 0.19 -20.20
CA LEU D 627 -24.40 -0.88 -19.67
C LEU D 627 -24.85 -2.23 -20.22
N ASP D 628 -26.08 -2.31 -20.71
CA ASP D 628 -26.56 -3.55 -21.31
C ASP D 628 -25.66 -3.97 -22.45
N LYS D 629 -25.12 -3.01 -23.20
CA LYS D 629 -24.14 -3.35 -24.21
C LYS D 629 -22.85 -3.85 -23.58
N LEU D 630 -22.51 -3.33 -22.40
CA LEU D 630 -21.26 -3.73 -21.74
C LEU D 630 -21.26 -5.21 -21.40
N LEU D 631 -22.39 -5.74 -20.95
CA LEU D 631 -22.48 -7.14 -20.57
C LEU D 631 -22.02 -8.04 -21.69
N MET E 1 -7.92 18.10 31.12
CA MET E 1 -8.16 17.21 32.25
C MET E 1 -7.42 17.71 33.48
N ASP E 2 -7.76 17.17 34.64
CA ASP E 2 -7.03 17.54 35.85
C ASP E 2 -5.55 17.16 35.72
N ASP E 3 -5.28 16.04 35.05
CA ASP E 3 -3.89 15.69 34.73
C ASP E 3 -3.23 16.78 33.91
N ILE E 4 -3.99 17.38 32.98
CA ILE E 4 -3.47 18.52 32.24
C ILE E 4 -3.17 19.67 33.18
N SER E 5 -3.99 19.85 34.21
CA SER E 5 -3.66 20.82 35.25
C SER E 5 -2.52 20.32 36.12
N VAL E 6 -2.35 19.00 36.22
CA VAL E 6 -1.34 18.44 37.10
C VAL E 6 0.06 18.81 36.63
N ILE E 7 0.31 18.66 35.33
CA ILE E 7 1.66 18.87 34.81
C ILE E 7 2.05 20.32 34.96
N LYS E 8 3.25 20.54 35.50
CA LYS E 8 3.76 21.88 35.76
C LYS E 8 5.12 22.04 35.09
N ASN E 9 5.37 23.23 34.57
CA ASN E 9 6.68 23.50 33.96
C ASN E 9 7.79 23.38 34.98
N GLU E 10 7.51 23.70 36.24
CA GLU E 10 8.53 23.60 37.29
C GLU E 10 8.97 22.16 37.48
N ASP E 11 8.05 21.21 37.29
CA ASP E 11 8.39 19.80 37.44
C ASP E 11 9.47 19.40 36.44
N TYR E 12 9.34 19.87 35.20
CA TYR E 12 10.23 19.49 34.12
C TYR E 12 11.24 20.57 33.77
N GLU E 13 11.34 21.62 34.58
CA GLU E 13 12.22 22.74 34.26
C GLU E 13 13.68 22.29 34.26
N GLY E 14 14.42 22.71 33.24
CA GLY E 14 15.82 22.39 33.13
C GLY E 14 16.10 20.92 32.95
N SER E 15 15.21 20.23 32.24
CA SER E 15 15.36 18.81 31.94
C SER E 15 14.55 18.49 30.70
N HIS E 16 15.04 17.55 29.90
CA HIS E 16 14.37 17.15 28.66
C HIS E 16 13.87 15.73 28.69
N ARG E 17 13.40 15.24 29.85
CA ARG E 17 12.94 13.87 29.93
C ARG E 17 11.66 13.66 29.15
N PHE E 18 10.91 14.72 28.87
CA PHE E 18 9.65 14.55 28.18
C PHE E 18 9.86 14.30 26.68
N LEU E 19 10.90 14.90 26.11
CA LEU E 19 11.03 14.92 24.66
C LEU E 19 12.01 13.84 24.21
N ALA E 20 11.60 13.05 23.21
CA ALA E 20 12.37 11.88 22.84
C ALA E 20 12.99 12.08 21.47
N GLU E 21 12.20 12.22 20.41
CA GLU E 21 12.76 12.30 19.07
C GLU E 21 13.38 13.64 18.75
N GLU E 22 12.67 14.72 19.02
CA GLU E 22 13.18 16.05 18.72
C GLU E 22 14.45 16.37 19.49
N LEU E 23 14.97 15.42 20.26
CA LEU E 23 16.32 15.55 20.79
C LEU E 23 17.34 15.71 19.68
N LEU E 24 17.06 15.22 18.47
CA LEU E 24 17.98 15.38 17.37
C LEU E 24 17.70 16.61 16.53
N MET E 25 16.62 17.34 16.80
CA MET E 25 16.32 18.50 15.98
C MET E 25 16.37 19.77 16.82
N PRO E 26 17.19 20.75 16.46
CA PRO E 26 17.29 21.97 17.27
C PRO E 26 16.00 22.77 17.25
N ASN E 27 15.77 23.47 18.35
CA ASN E 27 14.76 24.51 18.46
C ASN E 27 13.35 23.97 18.18
N ALA E 28 12.97 22.94 18.93
CA ALA E 28 11.62 22.41 18.88
C ALA E 28 10.59 23.33 19.54
N ASN E 29 11.05 24.35 20.25
CA ASN E 29 10.18 25.25 20.99
C ASN E 29 9.30 26.11 20.10
N LYS E 30 9.59 26.18 18.80
CA LYS E 30 8.83 27.03 17.89
C LYS E 30 8.06 26.27 16.83
N THR E 31 8.17 24.94 16.77
CA THR E 31 7.59 24.19 15.68
C THR E 31 6.23 23.60 16.06
N ASP E 32 5.50 23.16 15.05
CA ASP E 32 4.18 22.58 15.23
C ASP E 32 4.27 21.06 15.35
N GLY E 33 3.18 20.46 15.82
CA GLY E 33 3.16 19.02 16.03
C GLY E 33 3.24 18.21 14.75
N ASN E 34 2.50 18.65 13.72
CA ASN E 34 2.52 17.91 12.45
C ASN E 34 3.91 17.87 11.87
N ARG E 35 4.61 19.00 11.88
CA ARG E 35 5.96 19.03 11.34
C ARG E 35 6.90 18.15 12.15
N SER E 36 6.76 18.16 13.48
CA SER E 36 7.59 17.29 14.30
C SER E 36 7.34 15.83 13.96
N THR E 37 6.07 15.46 13.78
CA THR E 37 5.76 14.08 13.40
C THR E 37 6.39 13.73 12.08
N MET E 38 6.31 14.64 11.11
CA MET E 38 6.93 14.40 9.81
C MET E 38 8.42 14.19 9.98
N PHE E 39 9.06 14.99 10.83
CA PHE E 39 10.50 14.85 11.01
C PHE E 39 10.86 13.52 11.66
N CYS E 40 10.05 13.08 12.63
CA CYS E 40 10.32 11.80 13.25
C CYS E 40 10.23 10.67 12.23
N SER E 41 9.21 10.74 11.37
CA SER E 41 9.10 9.73 10.32
C SER E 41 10.30 9.79 9.38
N HIS E 42 10.74 10.99 9.01
CA HIS E 42 11.91 11.08 8.13
C HIS E 42 13.14 10.48 8.78
N LEU E 43 13.35 10.76 10.07
CA LEU E 43 14.50 10.20 10.76
C LEU E 43 14.38 8.68 10.84
N ALA E 44 13.16 8.17 10.82
CA ALA E 44 13.00 6.75 10.58
C ALA E 44 13.33 6.38 9.14
N GLN E 45 13.32 7.34 8.22
CA GLN E 45 13.55 7.07 6.81
C GLN E 45 14.89 7.57 6.28
N ALA E 46 15.82 7.97 7.13
CA ALA E 46 17.08 8.49 6.62
C ALA E 46 17.93 7.38 6.00
N VAL E 47 18.83 7.77 5.09
CA VAL E 47 19.68 6.83 4.37
C VAL E 47 21.14 7.23 4.53
N THR E 48 22.02 6.26 4.31
CA THR E 48 23.45 6.48 4.47
C THR E 48 23.96 7.46 3.42
N LEU E 49 24.90 8.31 3.82
CA LEU E 49 25.51 9.27 2.91
C LEU E 49 27.00 9.00 2.79
N GLN E 50 27.50 8.96 1.55
CA GLN E 50 28.91 8.68 1.32
C GLN E 50 29.79 9.82 1.83
N LYS E 51 29.33 11.06 1.71
CA LYS E 51 30.10 12.21 2.15
C LYS E 51 29.54 12.78 3.44
N ALA E 52 29.12 11.91 4.36
CA ALA E 52 28.46 12.35 5.58
C ALA E 52 29.33 13.32 6.37
N GLU E 53 28.70 14.37 6.89
CA GLU E 53 29.36 15.35 7.73
C GLU E 53 28.52 15.60 8.99
N PRO E 54 29.13 16.07 10.08
CA PRO E 54 28.36 16.44 11.24
C PRO E 54 27.77 17.83 11.07
N PRO E 55 26.52 18.03 11.49
CA PRO E 55 25.87 19.32 11.26
C PRO E 55 26.52 20.44 12.04
N LEU E 56 26.39 21.65 11.51
CA LEU E 56 26.97 22.82 12.18
C LEU E 56 26.26 23.11 13.49
N VAL E 57 24.93 23.14 13.47
CA VAL E 57 24.16 23.41 14.67
C VAL E 57 23.78 22.07 15.29
N TYR E 58 24.27 21.84 16.52
CA TYR E 58 24.17 20.53 17.15
C TYR E 58 23.52 20.67 18.52
N THR E 59 22.92 19.58 18.99
CA THR E 59 22.18 19.58 20.24
C THR E 59 22.75 18.61 21.26
N ASN E 60 24.05 18.35 21.23
CA ASN E 60 24.76 17.55 22.23
C ASN E 60 24.28 16.13 22.35
N PHE E 61 23.31 15.71 21.55
CA PHE E 61 22.75 14.37 21.69
C PHE E 61 23.07 13.46 20.52
N GLU E 62 23.56 14.01 19.41
CA GLU E 62 23.95 13.19 18.28
C GLU E 62 25.05 12.22 18.69
N ASN E 63 26.05 12.71 19.43
CA ASN E 63 27.11 11.84 19.90
C ASN E 63 26.54 10.74 20.79
N GLN E 64 25.58 11.08 21.64
CA GLN E 64 25.01 10.09 22.53
C GLN E 64 24.33 8.97 21.76
N VAL E 65 23.42 9.33 20.85
CA VAL E 65 22.67 8.30 20.12
C VAL E 65 23.62 7.48 19.27
N GLY E 66 24.64 8.12 18.70
CA GLY E 66 25.63 7.37 17.96
C GLY E 66 26.38 6.37 18.81
N LYS E 67 26.82 6.80 20.00
CA LYS E 67 27.61 5.93 20.84
C LYS E 67 26.77 4.76 21.32
N TYR E 68 25.51 5.01 21.69
CA TYR E 68 24.68 3.95 22.25
C TYR E 68 24.22 2.98 21.16
N SER E 69 23.87 3.48 19.98
CA SER E 69 23.46 2.61 18.88
C SER E 69 24.61 1.68 18.50
N THR E 70 24.30 0.42 18.25
CA THR E 70 25.33 -0.60 18.07
C THR E 70 25.18 -1.38 16.76
N ALA E 71 24.50 -0.79 15.78
CA ALA E 71 24.40 -1.40 14.46
C ALA E 71 25.32 -0.74 13.45
N GLY E 72 26.29 0.05 13.90
CA GLY E 72 27.14 0.77 12.98
C GLY E 72 28.62 0.64 13.25
N TYR E 73 29.01 -0.24 14.17
CA TYR E 73 30.41 -0.45 14.47
C TYR E 73 30.55 -1.72 15.29
N ARG E 74 31.77 -2.00 15.73
CA ARG E 74 32.06 -3.18 16.54
C ARG E 74 33.19 -2.83 17.50
N LYS E 75 32.84 -2.57 18.75
CA LYS E 75 33.81 -2.26 19.78
C LYS E 75 34.22 -3.53 20.51
N ALA E 76 35.53 -3.76 20.59
CA ALA E 76 36.04 -4.92 21.31
C ALA E 76 35.61 -4.85 22.77
N ASN E 77 35.03 -5.94 23.26
CA ASN E 77 34.43 -5.91 24.59
C ASN E 77 35.49 -5.78 25.66
N SER E 78 36.69 -6.33 25.43
CA SER E 78 37.79 -6.22 26.37
C SER E 78 39.11 -6.31 25.60
N ASN E 79 40.20 -6.07 26.30
CA ASN E 79 41.52 -6.14 25.68
C ASN E 79 41.85 -7.57 25.30
N TYR E 80 42.17 -7.79 24.03
CA TYR E 80 42.44 -9.10 23.50
C TYR E 80 43.79 -9.11 22.80
N LYS E 81 44.25 -10.31 22.46
CA LYS E 81 45.46 -10.51 21.70
C LYS E 81 45.15 -11.36 20.48
N VAL E 82 45.53 -10.88 19.31
CA VAL E 82 45.28 -11.61 18.07
C VAL E 82 46.31 -12.72 17.96
N ILE E 83 45.86 -13.94 17.65
CA ILE E 83 46.79 -15.03 17.48
C ILE E 83 47.02 -15.31 16.00
N GLU E 84 45.99 -15.13 15.17
CA GLU E 84 46.18 -15.49 13.77
C GLU E 84 45.21 -14.74 12.89
N LYS E 85 45.50 -14.73 11.60
CA LYS E 85 44.63 -14.12 10.60
C LYS E 85 44.56 -15.01 9.38
N ILE E 86 43.37 -15.11 8.80
CA ILE E 86 43.14 -15.87 7.58
C ILE E 86 42.35 -14.98 6.64
N TYR E 87 42.45 -15.23 5.34
CA TYR E 87 41.65 -14.53 4.35
C TYR E 87 40.90 -15.54 3.49
N LYS E 88 39.60 -15.33 3.35
CA LYS E 88 38.78 -16.13 2.45
C LYS E 88 39.02 -15.73 1.00
N ASN E 89 38.70 -14.49 0.68
CA ASN E 89 38.82 -13.93 -0.66
C ASN E 89 39.69 -12.68 -0.61
N ASP E 90 39.74 -11.97 -1.73
CA ASP E 90 40.55 -10.77 -1.80
C ASP E 90 40.05 -9.69 -0.86
N TYR E 91 38.74 -9.49 -0.78
CA TYR E 91 38.18 -8.35 -0.06
C TYR E 91 37.72 -8.67 1.35
N ASN E 92 37.78 -9.92 1.78
CA ASN E 92 37.31 -10.25 3.12
C ASN E 92 38.30 -11.20 3.81
N TYR E 93 38.38 -11.09 5.13
CA TYR E 93 39.24 -11.96 5.93
C TYR E 93 38.69 -12.06 7.33
N VAL E 94 39.27 -12.97 8.11
CA VAL E 94 38.84 -13.25 9.48
C VAL E 94 40.05 -13.24 10.39
N LEU E 95 39.81 -12.93 11.66
CA LEU E 95 40.85 -12.78 12.68
C LEU E 95 40.51 -13.69 13.84
N ILE E 96 41.47 -14.52 14.24
CA ILE E 96 41.35 -15.35 15.42
C ILE E 96 42.14 -14.68 16.53
N VAL E 97 41.45 -14.29 17.61
CA VAL E 97 42.06 -13.56 18.70
C VAL E 97 41.77 -14.28 20.00
N GLN E 98 42.55 -13.96 21.02
CA GLN E 98 42.39 -14.57 22.34
C GLN E 98 42.25 -13.49 23.39
N ASP E 99 41.38 -13.74 24.37
CA ASP E 99 41.21 -12.81 25.47
C ASP E 99 42.48 -12.76 26.30
N GLN E 100 42.87 -11.55 26.70
CA GLN E 100 44.10 -11.40 27.47
C GLN E 100 43.97 -11.95 28.87
N GLU E 101 42.84 -11.68 29.54
CA GLU E 101 42.66 -12.07 30.92
C GLU E 101 41.86 -13.36 31.08
N THR E 102 40.71 -13.46 30.43
CA THR E 102 39.84 -14.62 30.56
C THR E 102 40.42 -15.87 29.90
N GLY E 103 41.28 -15.71 28.90
CA GLY E 103 41.81 -16.86 28.20
C GLY E 103 40.77 -17.56 27.34
N GLU E 104 39.99 -16.79 26.58
CA GLU E 104 38.96 -17.33 25.71
C GLU E 104 39.17 -16.76 24.31
N TYR E 105 38.82 -17.54 23.29
CA TYR E 105 39.13 -17.17 21.92
C TYR E 105 37.88 -16.65 21.21
N THR E 106 38.07 -15.82 20.19
CA THR E 106 36.99 -15.10 19.55
C THR E 106 37.36 -14.78 18.10
N LEU E 107 36.33 -14.64 17.27
CA LEU E 107 36.49 -14.35 15.85
C LEU E 107 36.10 -12.93 15.52
N PHE E 108 36.74 -12.38 14.49
CA PHE E 108 36.30 -11.17 13.83
C PHE E 108 36.37 -11.38 12.32
N GLU E 109 35.71 -10.51 11.58
CA GLU E 109 35.73 -10.63 10.13
C GLU E 109 35.56 -9.25 9.51
N ARG E 110 35.93 -9.15 8.24
CA ARG E 110 35.80 -7.93 7.47
C ARG E 110 35.08 -8.19 6.16
N ALA E 111 34.47 -7.15 5.62
CA ALA E 111 33.80 -7.20 4.33
C ALA E 111 33.66 -5.78 3.82
N GLU E 112 33.59 -5.63 2.49
CA GLU E 112 33.59 -4.31 1.90
C GLU E 112 32.30 -3.57 2.22
N CYS E 113 31.18 -4.29 2.29
CA CYS E 113 29.92 -3.64 2.64
C CYS E 113 29.05 -4.63 3.38
N GLU E 114 28.05 -4.09 4.07
CA GLU E 114 27.12 -4.85 4.86
C GLU E 114 25.74 -4.73 4.24
N PHE E 115 25.07 -5.88 4.08
CA PHE E 115 23.74 -6.00 3.49
C PHE E 115 22.70 -5.82 4.59
N LEU E 116 21.93 -4.74 4.49
CA LEU E 116 20.94 -4.45 5.51
C LEU E 116 19.60 -5.07 5.15
N THR E 117 19.05 -4.71 3.99
CA THR E 117 17.80 -5.30 3.51
C THR E 117 17.59 -4.94 2.05
N GLU E 118 17.35 -5.94 1.21
CA GLU E 118 17.08 -5.75 -0.21
C GLU E 118 18.05 -4.76 -0.82
N HIS E 119 17.54 -3.62 -1.30
CA HIS E 119 18.41 -2.59 -1.85
C HIS E 119 19.31 -1.98 -0.78
N TYR E 120 18.76 -1.70 0.39
CA TYR E 120 19.45 -0.86 1.35
C TYR E 120 20.64 -1.58 1.96
N GLY E 121 21.68 -0.82 2.30
CA GLY E 121 22.89 -1.37 2.88
C GLY E 121 23.89 -0.24 3.06
N PHE E 122 25.14 -0.62 3.35
CA PHE E 122 26.17 0.42 3.42
C PHE E 122 27.57 -0.15 3.31
N GLN E 123 28.47 0.66 2.77
CA GLN E 123 29.89 0.31 2.65
C GLN E 123 30.60 0.54 3.98
N TRP E 124 31.61 -0.28 4.24
CA TRP E 124 32.28 -0.34 5.53
C TRP E 124 33.70 0.18 5.41
N ASP E 125 34.05 1.13 6.29
CA ASP E 125 35.37 1.75 6.33
C ASP E 125 36.27 0.91 7.22
N ASN E 126 36.92 -0.09 6.63
CA ASN E 126 37.68 -1.08 7.39
C ASN E 126 39.15 -0.69 7.55
N ASP E 127 39.46 0.60 7.58
CA ASP E 127 40.85 1.02 7.67
C ASP E 127 41.49 0.58 8.97
N LYS E 128 40.77 0.75 10.08
CA LYS E 128 41.34 0.46 11.39
C LYS E 128 41.70 -1.01 11.53
N ILE E 129 40.78 -1.90 11.15
CA ILE E 129 41.05 -3.33 11.29
C ILE E 129 42.16 -3.76 10.34
N ASP E 130 42.16 -3.25 9.11
CA ASP E 130 43.17 -3.67 8.16
C ASP E 130 44.55 -3.17 8.58
N SER E 131 44.60 -2.06 9.31
CA SER E 131 45.88 -1.58 9.79
C SER E 131 46.51 -2.55 10.79
N LEU E 132 45.69 -3.35 11.47
CA LEU E 132 46.23 -4.31 12.43
C LEU E 132 46.99 -5.42 11.72
N LYS E 133 48.01 -5.95 12.40
CA LYS E 133 48.83 -7.04 11.91
C LYS E 133 48.84 -8.17 12.93
N LYS E 134 49.70 -9.15 12.69
CA LYS E 134 49.76 -10.30 13.58
C LYS E 134 50.52 -9.98 14.87
N ASP E 135 50.10 -10.66 15.93
CA ASP E 135 50.76 -10.59 17.25
C ASP E 135 50.81 -9.16 17.78
N ASP E 136 49.67 -8.49 17.76
CA ASP E 136 49.54 -7.12 18.25
C ASP E 136 48.38 -7.03 19.22
N THR E 137 48.59 -6.34 20.34
CA THR E 137 47.55 -6.23 21.35
C THR E 137 46.49 -5.21 20.92
N ILE E 138 45.23 -5.58 21.07
CA ILE E 138 44.10 -4.71 20.77
C ILE E 138 43.60 -4.12 22.08
N GLU E 139 42.96 -2.96 22.01
CA GLU E 139 42.54 -2.29 23.23
C GLU E 139 41.02 -2.26 23.32
N LYS E 140 40.52 -2.02 24.54
CA LYS E 140 39.09 -2.18 24.79
C LYS E 140 38.27 -1.17 24.00
N ASP E 141 38.71 0.09 23.93
CA ASP E 141 37.95 1.09 23.21
C ASP E 141 38.28 1.16 21.72
N THR E 142 39.22 0.36 21.24
CA THR E 142 39.53 0.35 19.83
C THR E 142 38.35 -0.22 19.05
N VAL E 143 38.00 0.45 17.95
CA VAL E 143 36.90 0.03 17.09
C VAL E 143 37.49 -0.50 15.81
N LEU E 144 37.17 -1.74 15.46
CA LEU E 144 37.81 -2.35 14.31
C LEU E 144 37.35 -1.67 13.01
N TYR E 145 36.12 -1.20 12.96
CA TYR E 145 35.60 -0.56 11.77
C TYR E 145 34.41 0.31 12.12
N LYS E 146 33.93 1.07 11.14
CA LYS E 146 32.77 1.92 11.34
C LYS E 146 32.16 2.30 10.00
N ASN E 147 30.88 2.67 10.04
CA ASN E 147 30.20 3.19 8.86
C ASN E 147 30.64 4.63 8.60
N THR E 148 30.29 5.11 7.41
CA THR E 148 30.68 6.47 7.04
C THR E 148 29.94 7.50 7.88
N CYS E 149 28.85 7.09 8.54
CA CYS E 149 28.13 8.02 9.39
C CYS E 149 29.01 8.51 10.54
N TYR E 150 30.03 7.73 10.90
CA TYR E 150 30.88 8.11 12.02
C TYR E 150 32.17 8.75 11.54
N ASP E 151 32.52 9.89 12.11
CA ASP E 151 33.70 10.64 11.75
C ASP E 151 34.93 10.04 12.43
N GLU E 152 36.04 10.78 12.42
CA GLU E 152 37.27 10.25 12.99
C GLU E 152 37.13 9.98 14.48
N ASN E 153 36.45 10.87 15.20
CA ASN E 153 36.28 10.76 16.65
C ASN E 153 34.86 10.38 17.05
N MET E 154 34.21 9.48 16.33
CA MET E 154 32.85 9.04 16.63
C MET E 154 31.85 10.18 16.63
N ASN E 155 32.10 11.21 15.83
CA ASN E 155 31.09 12.25 15.66
C ASN E 155 29.99 11.74 14.75
N PHE E 156 28.75 11.95 15.16
CA PHE E 156 27.63 11.40 14.42
C PHE E 156 27.36 12.23 13.18
N GLY E 157 27.19 11.54 12.05
CA GLY E 157 26.80 12.21 10.83
C GLY E 157 25.71 11.48 10.07
N TYR E 158 24.53 12.08 9.99
CA TYR E 158 23.41 11.50 9.27
C TYR E 158 22.95 12.39 8.14
N GLY E 159 23.60 13.52 7.92
CA GLY E 159 23.28 14.41 6.82
C GLY E 159 24.47 15.26 6.45
N VAL E 160 24.27 16.30 5.64
CA VAL E 160 25.34 17.22 5.28
C VAL E 160 24.77 18.62 5.18
N ASN E 161 25.59 19.63 5.49
CA ASN E 161 25.13 21.01 5.47
C ASN E 161 25.36 21.59 4.08
N LEU E 162 24.35 22.26 3.54
CA LEU E 162 24.42 22.83 2.21
C LEU E 162 24.04 24.30 2.24
N ASN E 163 24.65 25.08 1.34
CA ASN E 163 24.23 26.45 1.14
C ASN E 163 22.87 26.50 0.49
N ALA E 164 21.97 27.29 1.06
CA ALA E 164 20.61 27.37 0.56
C ALA E 164 20.14 28.81 0.62
N ALA E 165 19.22 29.13 -0.30
CA ALA E 165 18.61 30.44 -0.33
C ALA E 165 17.15 30.27 -0.75
N TYR E 166 16.31 31.17 -0.30
CA TYR E 166 14.89 31.12 -0.61
C TYR E 166 14.65 31.87 -1.91
N PHE E 167 14.18 31.17 -2.94
CA PHE E 167 14.09 31.79 -4.25
C PHE E 167 13.19 30.97 -5.15
N SER E 168 12.36 31.66 -5.93
CA SER E 168 11.48 31.02 -6.90
C SER E 168 12.16 31.05 -8.26
N TYR E 169 12.16 29.92 -8.95
CA TYR E 169 12.96 29.74 -10.15
C TYR E 169 12.05 29.36 -11.31
N LYS E 170 11.71 30.33 -12.16
CA LYS E 170 11.02 30.09 -13.42
C LYS E 170 9.68 29.40 -13.21
N ASN E 171 8.97 29.78 -12.14
CA ASN E 171 7.72 29.12 -11.78
C ASN E 171 7.93 27.62 -11.67
N GLU E 172 9.18 27.20 -11.43
CA GLU E 172 9.48 25.77 -11.42
C GLU E 172 9.59 25.24 -9.99
N THR E 173 9.70 26.13 -9.01
CA THR E 173 9.66 25.73 -7.61
C THR E 173 8.25 25.73 -7.04
N LEU E 174 7.24 25.68 -7.89
CA LEU E 174 5.85 25.63 -7.44
C LEU E 174 5.58 24.30 -6.74
N GLU E 175 4.77 24.34 -5.69
CA GLU E 175 4.60 23.26 -4.70
C GLU E 175 5.94 23.07 -3.98
N ASP E 176 6.45 21.85 -3.84
CA ASP E 176 7.63 21.59 -3.04
C ASP E 176 8.86 21.32 -3.89
N ALA E 177 8.94 21.89 -5.08
CA ALA E 177 10.06 21.60 -5.97
C ALA E 177 11.35 22.19 -5.42
N ILE E 178 12.43 21.44 -5.59
CA ILE E 178 13.76 21.84 -5.11
C ILE E 178 14.74 21.67 -6.25
N VAL E 179 15.57 22.69 -6.46
CA VAL E 179 16.58 22.68 -7.52
C VAL E 179 17.96 22.68 -6.88
N ILE E 180 18.86 21.84 -7.38
CA ILE E 180 20.17 21.64 -6.77
C ILE E 180 21.25 21.72 -7.84
N SER E 181 22.43 22.18 -7.45
CA SER E 181 23.58 22.21 -8.34
C SER E 181 24.18 20.81 -8.53
N GLU E 182 25.06 20.70 -9.52
CA GLU E 182 25.64 19.41 -9.85
C GLU E 182 26.63 18.94 -8.78
N SER E 183 27.43 19.87 -8.24
CA SER E 183 28.42 19.46 -7.25
C SER E 183 27.75 18.93 -5.99
N ALA E 184 26.73 19.62 -5.51
CA ALA E 184 26.03 19.16 -4.32
C ALA E 184 25.39 17.81 -4.54
N ALA E 185 24.76 17.62 -5.70
CA ALA E 185 24.17 16.32 -6.01
C ALA E 185 25.24 15.25 -6.06
N LYS E 186 26.41 15.59 -6.60
CA LYS E 186 27.52 14.64 -6.57
C LYS E 186 27.91 14.33 -5.14
N LYS E 187 27.68 15.25 -4.21
CA LYS E 187 27.96 14.96 -2.82
C LYS E 187 27.00 13.92 -2.24
N LEU E 188 25.70 14.05 -2.51
CA LEU E 188 24.69 13.20 -1.85
C LEU E 188 24.74 11.79 -2.43
N GLY E 189 25.93 11.20 -2.38
CA GLY E 189 26.15 9.87 -2.90
C GLY E 189 25.74 8.83 -1.87
N THR E 190 25.00 7.82 -2.32
CA THR E 190 24.50 6.81 -1.41
C THR E 190 24.82 5.42 -1.95
N PHE E 191 25.23 4.52 -1.06
CA PHE E 191 25.53 3.17 -1.49
C PHE E 191 24.24 2.39 -1.70
N SER E 192 24.40 1.21 -2.30
CA SER E 192 23.30 0.26 -2.42
C SER E 192 23.90 -1.13 -2.68
N VAL E 193 23.38 -2.13 -1.98
CA VAL E 193 23.87 -3.49 -2.08
C VAL E 193 22.71 -4.40 -2.42
N ASN E 194 22.93 -5.34 -3.32
CA ASN E 194 21.93 -6.33 -3.70
C ASN E 194 22.52 -7.73 -3.56
N LYS E 195 21.68 -8.66 -3.12
CA LYS E 195 22.06 -10.07 -3.11
C LYS E 195 21.14 -10.81 -4.07
N VAL E 196 21.74 -11.57 -4.99
CA VAL E 196 20.96 -12.31 -5.99
C VAL E 196 21.57 -13.69 -6.19
N LYS E 197 20.72 -14.70 -6.25
CA LYS E 197 21.15 -16.08 -6.39
C LYS E 197 20.62 -16.66 -7.69
N VAL E 198 21.43 -17.51 -8.31
CA VAL E 198 21.07 -18.18 -9.56
C VAL E 198 21.23 -19.68 -9.37
N SER E 199 20.32 -20.44 -9.96
CA SER E 199 20.34 -21.89 -9.89
C SER E 199 20.70 -22.45 -11.26
N VAL E 200 21.58 -23.45 -11.27
CA VAL E 200 21.97 -24.15 -12.48
C VAL E 200 21.69 -25.62 -12.24
N ASN E 201 20.77 -26.18 -13.02
CA ASN E 201 20.45 -27.60 -12.94
C ASN E 201 21.27 -28.36 -13.97
N THR E 202 20.98 -29.66 -14.12
CA THR E 202 21.66 -30.45 -15.14
C THR E 202 21.26 -30.02 -16.54
N ASN E 203 20.04 -29.48 -16.68
CA ASN E 203 19.53 -29.10 -18.00
C ASN E 203 20.14 -27.78 -18.46
N ASP E 204 19.84 -26.70 -17.74
CA ASP E 204 20.29 -25.38 -18.16
C ASP E 204 21.81 -25.31 -18.12
N ILE E 205 22.38 -24.58 -19.06
CA ILE E 205 23.82 -24.37 -19.09
C ILE E 205 24.10 -22.88 -19.16
N LEU E 206 25.30 -22.49 -18.74
CA LEU E 206 25.69 -21.09 -18.78
C LEU E 206 26.23 -20.73 -20.15
N LEU E 207 26.56 -19.46 -20.32
CA LEU E 207 27.15 -18.96 -21.55
C LEU E 207 28.42 -18.19 -21.25
N ASN E 208 29.36 -18.22 -22.19
CA ASN E 208 30.60 -17.47 -22.05
C ASN E 208 30.37 -16.00 -22.40
N LEU E 209 29.62 -15.32 -21.52
CA LEU E 209 29.32 -13.91 -21.74
C LEU E 209 30.58 -13.06 -21.66
N TYR E 210 31.46 -13.35 -20.71
CA TYR E 210 32.62 -12.52 -20.44
C TYR E 210 33.89 -13.24 -20.90
N GLY E 211 34.64 -12.58 -21.78
CA GLY E 211 35.96 -13.05 -22.15
C GLY E 211 35.97 -13.94 -23.39
N ASP E 212 37.18 -14.32 -23.78
CA ASP E 212 37.41 -15.08 -25.00
C ASP E 212 37.10 -16.56 -24.76
N ASN E 213 37.49 -17.40 -25.73
CA ASN E 213 37.30 -18.84 -25.59
C ASN E 213 38.07 -19.38 -24.39
N GLU E 214 39.32 -18.95 -24.24
CA GLU E 214 40.15 -19.48 -23.15
C GLU E 214 39.60 -19.07 -21.79
N ASN E 215 39.11 -17.84 -21.67
CA ASN E 215 38.63 -17.35 -20.39
C ASN E 215 37.09 -17.41 -20.35
N TYR E 216 36.59 -18.61 -20.10
CA TYR E 216 35.15 -18.84 -20.01
C TYR E 216 34.68 -18.38 -18.63
N LYS E 217 34.02 -17.23 -18.57
CA LYS E 217 33.41 -16.72 -17.35
C LYS E 217 32.02 -16.18 -17.64
N GLY E 218 30.99 -16.92 -17.23
CA GLY E 218 29.63 -16.48 -17.43
C GLY E 218 29.22 -15.35 -16.52
N PHE E 219 29.95 -15.14 -15.44
CA PHE E 219 29.68 -14.06 -14.51
C PHE E 219 30.98 -13.32 -14.24
N PRO E 220 30.91 -12.01 -14.04
CA PRO E 220 32.14 -11.24 -13.83
C PRO E 220 32.86 -11.69 -12.58
N ASP E 221 34.18 -11.62 -12.62
CA ASP E 221 34.97 -11.97 -11.44
C ASP E 221 34.87 -10.86 -10.40
N ILE E 222 35.64 -11.03 -9.33
CA ILE E 222 35.52 -10.16 -8.16
C ILE E 222 35.90 -8.73 -8.53
N GLY E 223 37.00 -8.57 -9.25
CA GLY E 223 37.42 -7.23 -9.66
C GLY E 223 36.55 -6.65 -10.75
N GLU E 224 36.02 -7.50 -11.63
CA GLU E 224 35.28 -7.04 -12.79
C GLU E 224 34.01 -6.31 -12.36
N HIS E 225 33.55 -5.41 -13.22
CA HIS E 225 32.26 -4.78 -13.06
C HIS E 225 31.26 -5.44 -13.99
N ILE E 226 30.04 -5.62 -13.50
CA ILE E 226 28.99 -6.18 -14.34
C ILE E 226 28.75 -5.25 -15.52
N LYS E 227 28.73 -5.82 -16.72
CA LYS E 227 28.57 -5.04 -17.94
C LYS E 227 27.18 -5.27 -18.52
N ASN E 228 26.64 -4.22 -19.15
CA ASN E 228 25.35 -4.29 -19.84
C ASN E 228 24.23 -4.72 -18.90
N GLN E 229 24.40 -4.46 -17.61
CA GLN E 229 23.35 -4.72 -16.62
C GLN E 229 22.91 -6.18 -16.64
N ILE E 230 23.83 -7.08 -16.94
CA ILE E 230 23.52 -8.51 -16.99
C ILE E 230 24.64 -9.28 -16.32
N ILE E 231 24.29 -10.12 -15.34
CA ILE E 231 25.29 -10.88 -14.60
C ILE E 231 25.63 -12.17 -15.32
N ALA E 232 24.62 -12.94 -15.67
CA ALA E 232 24.81 -14.22 -16.34
C ALA E 232 23.50 -14.56 -17.06
N SER E 233 23.53 -15.66 -17.80
CA SER E 233 22.36 -16.14 -18.51
C SER E 233 22.47 -17.65 -18.62
N ARG E 234 21.32 -18.29 -18.86
CA ARG E 234 21.29 -19.72 -19.03
C ARG E 234 20.44 -20.09 -20.23
N ARG E 235 20.93 -21.07 -20.97
CA ARG E 235 20.22 -21.69 -22.08
C ARG E 235 19.59 -22.98 -21.60
N ARG E 236 18.32 -23.19 -21.94
CA ARG E 236 17.63 -24.42 -21.61
C ARG E 236 18.00 -25.47 -22.65
N PHE E 237 18.96 -26.32 -22.30
CA PHE E 237 19.39 -27.37 -23.22
C PHE E 237 18.26 -28.37 -23.45
N ASP E 238 18.18 -28.88 -24.67
CA ASP E 238 17.34 -30.03 -24.98
C ASP E 238 18.14 -30.98 -25.87
N TYR E 239 17.92 -32.27 -25.66
CA TYR E 239 18.61 -33.28 -26.47
C TYR E 239 18.27 -33.12 -27.95
N ASN E 240 16.99 -32.88 -28.25
CA ASN E 240 16.60 -32.71 -29.65
C ASN E 240 17.16 -31.42 -30.23
N THR E 241 17.07 -30.32 -29.49
CA THR E 241 17.51 -29.03 -29.97
C THR E 241 19.01 -28.83 -29.85
N ALA E 242 19.78 -29.93 -29.80
CA ALA E 242 21.23 -29.81 -29.67
C ALA E 242 21.91 -29.46 -30.98
N LEU E 243 21.17 -29.43 -32.08
CA LEU E 243 21.77 -29.19 -33.38
C LEU E 243 21.62 -27.76 -33.87
N TYR E 244 20.64 -27.00 -33.36
CA TYR E 244 20.50 -25.63 -33.80
C TYR E 244 20.62 -24.64 -32.65
N GLU E 245 19.85 -24.86 -31.59
CA GLU E 245 19.78 -23.89 -30.50
C GLU E 245 21.08 -23.83 -29.72
N LEU E 246 21.65 -24.99 -29.38
CA LEU E 246 22.86 -24.99 -28.56
C LEU E 246 24.05 -24.40 -29.33
N LYS E 247 23.91 -24.26 -30.65
CA LYS E 247 24.99 -23.76 -31.46
C LYS E 247 25.22 -22.27 -31.19
N ASN E 248 26.42 -21.80 -31.53
CA ASN E 248 26.86 -20.44 -31.24
C ASN E 248 26.70 -20.12 -29.76
N LEU E 249 27.44 -20.88 -28.95
CA LEU E 249 27.31 -20.75 -27.50
C LEU E 249 27.72 -19.37 -27.03
N ASN E 250 28.68 -18.74 -27.71
CA ASN E 250 29.16 -17.43 -27.28
C ASN E 250 28.06 -16.38 -27.35
N GLU E 251 27.23 -16.44 -28.38
CA GLU E 251 26.12 -15.50 -28.50
C GLU E 251 24.87 -16.06 -27.85
N MET E 252 24.14 -15.19 -27.13
CA MET E 252 22.93 -15.59 -26.45
C MET E 252 21.82 -15.82 -27.49
N ARG E 253 20.92 -16.75 -27.18
CA ARG E 253 19.75 -16.96 -28.02
C ARG E 253 18.60 -16.09 -27.53
N ASP E 254 17.56 -15.99 -28.36
CA ASP E 254 16.41 -15.16 -28.01
C ASP E 254 15.66 -15.71 -26.80
N SER E 255 15.48 -17.04 -26.76
CA SER E 255 14.67 -17.67 -25.71
C SER E 255 15.59 -18.27 -24.63
N ASP E 256 16.09 -17.38 -23.77
CA ASP E 256 16.98 -17.79 -22.69
C ASP E 256 16.55 -17.10 -21.40
N THR E 257 17.31 -17.32 -20.34
CA THR E 257 17.02 -16.69 -19.05
C THR E 257 18.23 -15.91 -18.55
N PRO E 258 18.21 -14.59 -18.63
CA PRO E 258 19.29 -13.78 -18.09
C PRO E 258 18.98 -13.31 -16.67
N PHE E 259 19.97 -12.64 -16.06
CA PHE E 259 19.79 -11.99 -14.77
C PHE E 259 20.28 -10.56 -14.85
N PHE E 260 19.65 -9.66 -14.10
CA PHE E 260 19.89 -8.23 -14.28
C PHE E 260 20.27 -7.55 -12.97
N ALA E 261 21.33 -6.76 -13.01
CA ALA E 261 21.78 -6.01 -11.84
C ALA E 261 22.74 -4.92 -12.28
N ASP E 262 23.46 -4.36 -11.30
CA ASP E 262 24.44 -3.31 -11.55
C ASP E 262 25.40 -3.24 -10.36
N GLY E 263 26.61 -2.73 -10.61
CA GLY E 263 27.58 -2.51 -9.56
C GLY E 263 28.90 -3.22 -9.82
N LYS E 264 29.52 -3.68 -8.73
CA LYS E 264 30.71 -4.51 -8.80
C LYS E 264 30.60 -5.69 -7.84
N ILE E 265 31.09 -6.84 -8.29
CA ILE E 265 31.03 -8.04 -7.48
C ILE E 265 31.80 -7.82 -6.19
N VAL E 266 31.13 -8.01 -5.06
CA VAL E 266 31.76 -7.91 -3.76
C VAL E 266 32.05 -9.28 -3.16
N ASP E 267 31.08 -10.19 -3.19
CA ASP E 267 31.43 -11.54 -2.76
C ASP E 267 30.58 -12.60 -3.45
N ILE E 268 31.10 -13.83 -3.46
CA ILE E 268 30.53 -14.96 -4.19
C ILE E 268 30.44 -16.13 -3.23
N GLU E 269 29.31 -16.82 -3.22
CA GLU E 269 29.13 -18.02 -2.40
C GLU E 269 28.41 -19.08 -3.22
N ILE E 270 29.01 -20.26 -3.34
CA ILE E 270 28.46 -21.32 -4.17
C ILE E 270 28.15 -22.54 -3.30
N PHE E 271 26.97 -23.13 -3.52
CA PHE E 271 26.61 -24.40 -2.95
C PHE E 271 26.38 -25.39 -4.09
N SER E 272 27.13 -26.49 -4.08
CA SER E 272 27.06 -27.50 -5.14
C SER E 272 26.66 -28.84 -4.54
N ASN E 273 25.72 -29.52 -5.20
CA ASN E 273 25.29 -30.85 -4.79
C ASN E 273 25.76 -31.94 -5.74
N VAL E 274 26.64 -31.62 -6.68
CA VAL E 274 27.05 -32.58 -7.71
C VAL E 274 28.49 -33.03 -7.47
N PRO E 275 28.85 -34.25 -7.85
CA PRO E 275 30.23 -34.69 -7.69
C PRO E 275 31.16 -33.86 -8.57
N GLU E 276 32.41 -33.72 -8.11
CA GLU E 276 33.33 -32.81 -8.77
C GLU E 276 33.85 -33.39 -10.09
N GLU E 277 33.66 -34.68 -10.32
CA GLU E 277 34.12 -35.27 -11.57
C GLU E 277 33.44 -34.63 -12.77
N GLU E 278 32.12 -34.46 -12.68
CA GLU E 278 31.38 -33.82 -13.76
C GLU E 278 31.93 -32.42 -14.00
N LEU E 279 32.14 -31.67 -12.92
CA LEU E 279 32.72 -30.33 -13.05
C LEU E 279 34.08 -30.40 -13.74
N LYS E 280 34.86 -31.44 -13.45
CA LYS E 280 36.15 -31.59 -14.09
C LYS E 280 36.01 -31.78 -15.59
N VAL E 281 35.03 -32.57 -16.02
CA VAL E 281 34.80 -32.76 -17.45
C VAL E 281 33.88 -31.71 -18.05
N GLN E 282 33.51 -30.67 -17.28
CA GLN E 282 32.68 -29.59 -17.79
C GLN E 282 33.58 -28.40 -18.12
N LYS E 283 33.62 -28.03 -19.41
CA LYS E 283 34.31 -26.81 -19.78
C LYS E 283 33.49 -25.57 -19.47
N TYR E 284 32.17 -25.64 -19.63
CA TYR E 284 31.37 -24.45 -19.33
C TYR E 284 31.15 -24.28 -17.84
N ASN E 285 31.77 -25.12 -17.01
CA ASN E 285 31.76 -24.95 -15.55
C ASN E 285 33.18 -24.83 -14.99
N GLU E 286 34.11 -24.23 -15.72
CA GLU E 286 35.46 -24.07 -15.19
C GLU E 286 35.51 -22.96 -14.15
N GLN E 287 34.78 -21.87 -14.35
CA GLN E 287 34.80 -20.77 -13.40
C GLN E 287 34.22 -21.20 -12.05
N VAL E 288 33.08 -21.88 -12.08
CA VAL E 288 32.47 -22.33 -10.83
C VAL E 288 33.38 -23.35 -10.15
N LEU E 289 34.04 -24.20 -10.93
CA LEU E 289 34.96 -25.16 -10.34
C LEU E 289 36.12 -24.45 -9.66
N TYR E 290 36.66 -23.41 -10.31
CA TYR E 290 37.77 -22.67 -9.73
C TYR E 290 37.36 -22.01 -8.43
N TYR E 291 36.17 -21.41 -8.40
CA TYR E 291 35.69 -20.78 -7.18
C TYR E 291 35.48 -21.80 -6.08
N ILE E 292 34.94 -22.98 -6.44
CA ILE E 292 34.72 -24.03 -5.45
C ILE E 292 36.04 -24.49 -4.87
N ASN E 293 37.05 -24.64 -5.72
CA ASN E 293 38.37 -25.05 -5.22
C ASN E 293 38.93 -23.99 -4.28
N LYS E 294 38.77 -22.72 -4.62
CA LYS E 294 39.26 -21.65 -3.75
C LYS E 294 38.58 -21.71 -2.38
N GLN E 295 37.26 -21.83 -2.38
CA GLN E 295 36.50 -21.88 -1.14
C GLN E 295 36.90 -23.10 -0.31
N LYS E 296 37.04 -24.25 -0.96
CA LYS E 296 37.42 -25.47 -0.26
C LYS E 296 38.80 -25.32 0.35
N GLU E 297 39.73 -24.71 -0.37
CA GLU E 297 41.06 -24.48 0.18
C GLU E 297 41.00 -23.59 1.41
N PHE E 298 40.18 -22.54 1.35
CA PHE E 298 40.00 -21.66 2.50
C PHE E 298 39.51 -22.46 3.71
N SER E 299 38.49 -23.28 3.50
CA SER E 299 37.94 -24.05 4.60
C SER E 299 38.97 -25.02 5.17
N ASN E 300 39.75 -25.65 4.29
CA ASN E 300 40.80 -26.55 4.77
C ASN E 300 41.80 -25.81 5.64
N ASN E 301 42.22 -24.62 5.20
CA ASN E 301 43.22 -23.88 5.96
C ASN E 301 42.66 -23.47 7.32
N VAL E 302 41.42 -23.00 7.35
CA VAL E 302 40.84 -22.57 8.62
C VAL E 302 40.71 -23.76 9.56
N TYR E 303 40.24 -24.90 9.04
CA TYR E 303 40.13 -26.08 9.89
C TYR E 303 41.48 -26.48 10.44
N GLN E 304 42.50 -26.47 9.59
CA GLN E 304 43.82 -26.87 10.05
C GLN E 304 44.34 -25.91 11.11
N LYS E 305 44.08 -24.61 10.95
CA LYS E 305 44.57 -23.63 11.91
C LYS E 305 43.85 -23.75 13.25
N LEU E 306 42.55 -24.01 13.22
CA LEU E 306 41.75 -23.99 14.44
C LEU E 306 41.57 -25.37 15.07
N LYS E 307 42.10 -26.43 14.45
CA LYS E 307 41.95 -27.76 15.04
C LYS E 307 42.60 -27.82 16.42
N LYS E 308 43.80 -27.27 16.54
CA LYS E 308 44.50 -27.33 17.82
C LYS E 308 43.71 -26.63 18.91
N ILE E 309 42.97 -25.59 18.56
CA ILE E 309 42.14 -24.91 19.54
C ILE E 309 40.93 -25.76 19.89
N VAL E 310 40.23 -26.28 18.86
CA VAL E 310 38.92 -26.90 19.11
C VAL E 310 39.08 -28.22 19.84
N GLU E 311 40.09 -29.02 19.49
CA GLU E 311 40.21 -30.31 20.15
C GLU E 311 40.73 -30.18 21.58
N GLY E 312 41.25 -29.02 21.95
CA GLY E 312 41.70 -28.81 23.31
C GLY E 312 40.57 -28.49 24.26
N LYS E 313 40.14 -29.47 25.05
CA LYS E 313 39.00 -29.28 25.93
C LYS E 313 39.29 -28.19 26.96
N ASP E 314 40.55 -28.06 27.37
CA ASP E 314 40.91 -27.07 28.37
C ASP E 314 40.63 -25.66 27.89
N ASN E 315 40.71 -25.45 26.57
CA ASN E 315 40.51 -24.12 26.01
C ASN E 315 39.05 -23.70 26.11
N ASN E 316 38.84 -22.42 26.32
CA ASN E 316 37.50 -21.82 26.35
C ASN E 316 37.30 -21.05 25.06
N VAL E 317 36.16 -21.31 24.39
CA VAL E 317 35.85 -20.67 23.13
C VAL E 317 34.44 -20.10 23.21
N SER E 318 34.16 -19.13 22.34
CA SER E 318 32.80 -18.65 22.19
C SER E 318 31.98 -19.66 21.40
N ASP E 319 30.67 -19.62 21.62
CA ASP E 319 29.76 -20.43 20.82
C ASP E 319 29.87 -20.06 19.35
N LYS E 320 30.20 -18.79 19.07
CA LYS E 320 30.41 -18.37 17.70
C LYS E 320 31.58 -19.10 17.06
N LEU E 321 32.67 -19.24 17.82
CA LEU E 321 33.83 -19.96 17.30
C LEU E 321 33.48 -21.39 16.95
N LEU E 322 32.79 -22.07 17.87
CA LEU E 322 32.41 -23.46 17.62
C LEU E 322 31.47 -23.56 16.44
N HIS E 323 30.51 -22.64 16.35
CA HIS E 323 29.56 -22.68 15.24
C HIS E 323 30.28 -22.51 13.91
N PHE E 324 31.19 -21.55 13.84
CA PHE E 324 31.93 -21.33 12.60
C PHE E 324 32.77 -22.55 12.25
N TYR E 325 33.48 -23.10 13.23
CA TYR E 325 34.35 -24.23 12.93
C TYR E 325 33.54 -25.44 12.50
N ASN E 326 32.40 -25.66 13.14
CA ASN E 326 31.53 -26.75 12.73
C ASN E 326 31.00 -26.52 11.31
N ASN E 327 30.73 -25.27 10.96
CA ASN E 327 30.28 -24.98 9.60
C ASN E 327 31.36 -25.35 8.59
N CYS E 328 32.60 -24.93 8.84
CA CYS E 328 33.67 -25.28 7.90
C CYS E 328 33.89 -26.79 7.87
N LYS E 329 33.82 -27.45 9.03
CA LYS E 329 33.99 -28.90 9.05
C LYS E 329 32.88 -29.57 8.27
N MET E 330 31.67 -29.00 8.30
CA MET E 330 30.60 -29.46 7.43
C MET E 330 31.01 -29.33 5.98
N ARG E 331 31.59 -28.18 5.64
CA ARG E 331 31.88 -27.90 4.23
C ARG E 331 32.93 -28.86 3.68
N ILE E 332 33.98 -29.12 4.44
CA ILE E 332 35.08 -29.94 3.92
C ILE E 332 34.63 -31.38 3.73
N ASP E 333 33.85 -31.90 4.66
CA ASP E 333 33.51 -33.32 4.64
C ASP E 333 32.69 -33.67 3.41
N GLU E 334 32.78 -34.94 2.99
CA GLU E 334 32.08 -35.41 1.81
C GLU E 334 30.68 -35.88 2.18
N ASN E 335 29.88 -36.18 1.15
CA ASN E 335 28.51 -36.69 1.31
C ASN E 335 27.63 -35.66 2.02
N ILE E 336 27.89 -34.38 1.79
CA ILE E 336 27.12 -33.31 2.40
C ILE E 336 26.17 -32.71 1.38
N SER E 337 24.92 -33.15 1.41
CA SER E 337 23.94 -32.65 0.46
C SER E 337 23.22 -31.43 1.04
N TYR E 338 22.93 -30.47 0.16
CA TYR E 338 22.24 -29.25 0.55
C TYR E 338 20.82 -29.30 0.01
N THR E 339 19.86 -28.88 0.83
CA THR E 339 18.44 -28.96 0.49
C THR E 339 17.78 -27.60 0.71
N TYR E 340 17.86 -26.73 -0.30
CA TYR E 340 17.32 -25.38 -0.18
C TYR E 340 15.80 -25.42 -0.10
N GLN E 341 15.25 -24.60 0.80
CA GLN E 341 13.80 -24.48 1.00
C GLN E 341 13.16 -25.85 1.23
N ASN E 342 13.79 -26.64 2.09
CA ASN E 342 13.30 -27.96 2.47
C ASN E 342 13.09 -28.86 1.25
N SER E 343 14.04 -28.84 0.33
CA SER E 343 13.94 -29.66 -0.87
C SER E 343 15.32 -29.74 -1.51
N LYS E 344 15.74 -30.95 -1.89
CA LYS E 344 17.01 -31.11 -2.58
C LYS E 344 16.91 -30.53 -3.99
N PHE E 345 18.00 -29.93 -4.45
CA PHE E 345 18.10 -29.40 -5.79
C PHE E 345 19.15 -30.16 -6.57
N SER E 346 19.19 -29.92 -7.87
CA SER E 346 20.19 -30.56 -8.72
C SER E 346 21.09 -29.52 -9.37
N GLY E 347 22.38 -29.85 -9.46
CA GLY E 347 23.34 -28.92 -10.01
C GLY E 347 23.99 -28.12 -8.90
N PHE E 348 23.76 -26.81 -8.91
CA PHE E 348 24.27 -25.95 -7.85
C PHE E 348 23.49 -24.65 -7.83
N ILE E 349 23.64 -23.91 -6.73
CA ILE E 349 23.09 -22.57 -6.60
C ILE E 349 24.19 -21.64 -6.10
N MET E 350 24.35 -20.50 -6.75
CA MET E 350 25.40 -19.57 -6.38
C MET E 350 24.82 -18.18 -6.18
N GLU E 351 25.34 -17.49 -5.17
CA GLU E 351 24.83 -16.21 -4.70
C GLU E 351 25.91 -15.14 -4.82
N PHE E 352 25.54 -14.02 -5.45
CA PHE E 352 26.43 -12.88 -5.62
C PHE E 352 25.92 -11.74 -4.75
N THR E 353 26.83 -11.10 -4.02
CA THR E 353 26.51 -9.86 -3.32
C THR E 353 27.29 -8.72 -3.98
N ILE E 354 26.56 -7.67 -4.38
CA ILE E 354 27.05 -6.61 -5.25
C ILE E 354 26.81 -5.27 -4.59
N LEU E 355 27.74 -4.34 -4.78
CA LEU E 355 27.69 -3.00 -4.20
C LEU E 355 27.87 -1.97 -5.32
N GLU E 356 27.12 -0.86 -5.23
CA GLU E 356 27.24 0.21 -6.21
C GLU E 356 26.82 1.53 -5.59
N GLU E 357 27.40 2.62 -6.09
CA GLU E 357 27.06 3.96 -5.61
C GLU E 357 26.08 4.61 -6.55
N GLU E 358 25.19 5.45 -6.01
CA GLU E 358 24.30 6.24 -6.83
C GLU E 358 24.48 7.71 -6.46
N PRO E 359 24.50 8.59 -7.44
CA PRO E 359 24.30 10.01 -7.19
C PRO E 359 22.81 10.32 -7.12
N LEU E 360 22.50 11.60 -7.06
CA LEU E 360 21.11 12.01 -6.95
C LEU E 360 20.41 11.91 -8.30
N ASN E 361 19.28 11.21 -8.32
CA ASN E 361 18.46 11.08 -9.52
C ASN E 361 17.39 12.16 -9.51
N LYS E 362 17.17 12.78 -10.67
CA LYS E 362 16.11 13.77 -10.78
C LYS E 362 14.80 13.15 -10.37
N GLY E 363 14.21 13.66 -9.30
CA GLY E 363 12.98 13.14 -8.77
C GLY E 363 13.09 12.51 -7.39
N SER E 364 14.28 12.48 -6.81
CA SER E 364 14.41 12.01 -5.43
C SER E 364 13.90 13.07 -4.47
N LYS E 365 14.00 12.77 -3.18
CA LYS E 365 13.49 13.65 -2.14
C LYS E 365 14.59 14.04 -1.16
N ILE E 366 14.56 15.28 -0.72
CA ILE E 366 15.44 15.78 0.33
C ILE E 366 14.61 16.59 1.31
N THR E 367 14.89 16.41 2.60
CA THR E 367 14.21 17.12 3.66
C THR E 367 15.23 17.64 4.66
N GLY E 368 14.93 18.77 5.28
CA GLY E 368 15.76 19.33 6.33
C GLY E 368 15.58 18.57 7.62
N ARG E 369 15.66 19.31 8.73
CA ARG E 369 15.48 18.75 10.05
C ARG E 369 14.14 19.12 10.67
N TYR E 370 13.19 19.59 9.88
CA TYR E 370 11.91 20.02 10.40
C TYR E 370 10.78 19.61 9.46
N GLY E 371 11.01 18.55 8.69
CA GLY E 371 9.99 18.03 7.81
C GLY E 371 9.74 18.82 6.56
N ASN E 372 10.64 19.72 6.16
CA ASN E 372 10.43 20.52 4.96
C ASN E 372 10.78 19.66 3.75
N LYS E 373 9.94 18.67 3.48
CA LYS E 373 10.19 17.72 2.41
C LYS E 373 10.16 18.40 1.05
N GLY E 374 10.49 17.64 0.02
CA GLY E 374 10.47 18.15 -1.34
C GLY E 374 10.88 17.07 -2.32
N VAL E 375 10.90 17.45 -3.59
CA VAL E 375 11.32 16.57 -4.67
C VAL E 375 12.31 17.31 -5.55
N ILE E 376 13.42 16.63 -5.89
CA ILE E 376 14.44 17.22 -6.74
C ILE E 376 13.89 17.37 -8.14
N SER E 377 13.55 18.60 -8.51
CA SER E 377 12.84 18.84 -9.76
C SER E 377 13.80 18.85 -10.94
N LYS E 378 14.76 19.76 -10.94
CA LYS E 378 15.75 19.80 -12.02
C LYS E 378 17.08 20.23 -11.44
N ILE E 379 18.17 19.78 -12.07
CA ILE E 379 19.52 20.08 -11.62
C ILE E 379 20.26 20.80 -12.73
N LEU E 380 21.08 21.77 -12.35
CA LEU E 380 21.68 22.74 -13.25
C LEU E 380 23.19 22.79 -13.08
N PRO E 381 23.92 23.25 -14.10
CA PRO E 381 25.30 23.67 -13.88
C PRO E 381 25.34 24.89 -12.98
N ASP E 382 26.27 24.86 -12.03
CA ASP E 382 26.25 25.82 -10.92
C ASP E 382 26.42 27.26 -11.40
N ASP E 383 27.00 27.45 -12.59
CA ASP E 383 27.13 28.80 -13.12
C ASP E 383 25.77 29.39 -13.44
N GLN E 384 24.78 28.55 -13.75
CA GLN E 384 23.44 29.02 -14.07
C GLN E 384 22.58 29.06 -12.81
N MET E 385 23.09 29.73 -11.78
CA MET E 385 22.43 29.75 -10.48
C MET E 385 22.76 31.05 -9.79
N PRO E 386 21.83 31.63 -9.03
CA PRO E 386 22.08 32.93 -8.40
C PRO E 386 23.32 32.91 -7.52
N THR E 387 24.13 33.94 -7.69
CA THR E 387 25.40 34.09 -6.96
C THR E 387 25.53 35.54 -6.52
N VAL E 388 26.22 35.76 -5.41
CA VAL E 388 26.53 37.11 -4.96
C VAL E 388 27.95 37.44 -5.39
N ALA E 389 28.13 38.68 -5.87
CA ALA E 389 29.41 39.08 -6.45
C ALA E 389 29.76 40.49 -5.98
N GLU E 390 29.60 40.74 -4.68
CA GLU E 390 29.88 42.05 -4.12
C GLU E 390 30.66 41.90 -2.81
N GLY E 391 31.43 42.93 -2.48
CA GLY E 391 32.13 43.04 -1.21
C GLY E 391 33.18 41.96 -1.00
N ARG E 392 33.38 41.62 0.27
CA ARG E 392 34.37 40.61 0.63
C ARG E 392 33.98 39.25 0.06
N PHE E 393 32.71 38.91 0.10
CA PHE E 393 32.24 37.60 -0.31
C PHE E 393 31.87 37.54 -1.78
N LYS E 394 32.52 38.34 -2.61
CA LYS E 394 32.25 38.32 -4.04
C LYS E 394 32.50 36.93 -4.62
N GLY E 395 31.53 36.45 -5.40
CA GLY E 395 31.65 35.16 -6.04
C GLY E 395 31.06 33.98 -5.30
N LEU E 396 30.29 34.23 -4.24
CA LEU E 396 29.68 33.12 -3.51
C LEU E 396 28.51 32.54 -4.30
N LYS E 397 28.38 31.23 -4.25
CA LYS E 397 27.34 30.51 -4.99
C LYS E 397 26.50 29.67 -4.03
N ALA E 398 25.20 29.63 -4.30
CA ALA E 398 24.25 28.86 -3.51
C ALA E 398 23.91 27.58 -4.26
N ASP E 399 24.09 26.43 -3.60
CA ASP E 399 23.87 25.16 -4.29
C ASP E 399 22.40 24.91 -4.55
N ILE E 400 21.55 25.04 -3.54
CA ILE E 400 20.14 24.69 -3.64
C ILE E 400 19.30 25.92 -3.32
N CYS E 401 18.12 25.99 -3.93
CA CYS E 401 17.19 27.09 -3.69
C CYS E 401 15.84 26.50 -3.30
N LEU E 402 15.46 26.69 -2.05
CA LEU E 402 14.20 26.14 -1.56
C LEU E 402 13.03 26.91 -2.13
N ASN E 403 11.82 26.49 -1.74
CA ASN E 403 10.61 27.12 -2.26
C ASN E 403 10.18 28.23 -1.32
N PRO E 404 10.20 29.48 -1.73
CA PRO E 404 9.81 30.57 -0.84
C PRO E 404 8.33 30.87 -0.92
N LEU E 405 7.53 29.94 -1.46
CA LEU E 405 6.09 30.16 -1.55
C LEU E 405 5.50 30.55 -0.21
N GLY E 406 5.77 29.76 0.82
CA GLY E 406 5.33 30.10 2.15
C GLY E 406 5.93 29.14 3.15
N VAL E 407 6.50 29.67 4.22
CA VAL E 407 6.93 28.84 5.32
C VAL E 407 5.92 29.01 6.44
N PHE E 408 5.20 30.13 6.41
CA PHE E 408 4.23 30.41 7.47
C PHE E 408 3.06 29.43 7.41
N ASN E 409 2.77 28.90 6.23
CA ASN E 409 1.72 27.89 6.15
C ASN E 409 2.20 26.54 6.66
N ARG E 410 3.50 26.25 6.52
CA ARG E 410 3.99 24.96 7.00
C ARG E 410 4.25 24.96 8.49
N LEU E 411 4.19 26.13 9.15
CA LEU E 411 4.31 26.23 10.60
C LEU E 411 5.64 25.67 11.10
N ASN E 412 6.73 26.37 10.79
CA ASN E 412 8.05 26.01 11.31
C ASN E 412 9.04 27.14 11.05
N PRO E 413 8.98 28.21 11.84
CA PRO E 413 9.96 29.29 11.67
C PRO E 413 11.37 28.88 12.06
N SER E 414 11.58 27.64 12.47
CA SER E 414 12.90 27.22 12.93
C SER E 414 13.92 27.18 11.80
N GLN E 415 13.49 26.83 10.59
CA GLN E 415 14.42 26.80 9.47
C GLN E 415 15.04 28.16 9.25
N LEU E 416 14.23 29.21 9.33
CA LEU E 416 14.75 30.56 9.18
C LEU E 416 15.74 30.88 10.28
N ILE E 417 15.46 30.42 11.50
CA ILE E 417 16.39 30.65 12.61
C ILE E 417 17.74 30.03 12.29
N GLU E 418 17.74 28.77 11.84
CA GLU E 418 19.00 28.13 11.52
C GLU E 418 19.72 28.87 10.40
N GLN E 419 18.97 29.28 9.38
CA GLN E 419 19.58 29.93 8.23
C GLN E 419 20.26 31.23 8.65
N GLU E 420 19.55 32.08 9.39
CA GLU E 420 20.13 33.37 9.76
C GLU E 420 21.26 33.19 10.76
N LEU E 421 21.17 32.19 11.64
CA LEU E 421 22.30 31.90 12.51
C LEU E 421 23.53 31.56 11.69
N ASN E 422 23.39 30.72 10.68
CA ASN E 422 24.58 30.31 9.93
C ASN E 422 25.11 31.45 9.08
N TRP E 423 24.22 32.30 8.55
CA TRP E 423 24.67 33.45 7.78
C TRP E 423 25.44 34.42 8.67
N ILE E 424 24.94 34.66 9.88
CA ILE E 424 25.66 35.50 10.83
C ILE E 424 27.00 34.88 11.16
N ALA E 425 27.04 33.55 11.27
CA ALA E 425 28.30 32.85 11.53
C ALA E 425 29.28 33.07 10.38
N LYS E 426 28.79 33.06 9.14
CA LYS E 426 29.63 33.37 8.00
C LYS E 426 30.25 34.75 8.15
N PHE E 427 29.43 35.73 8.51
CA PHE E 427 29.93 37.09 8.64
C PHE E 427 30.97 37.17 9.76
N ILE E 428 30.72 36.49 10.88
CA ILE E 428 31.69 36.47 11.98
C ILE E 428 32.98 35.81 11.54
N ARG E 429 32.88 34.75 10.75
CA ARG E 429 34.08 34.12 10.23
C ARG E 429 34.90 35.10 9.41
N LYS E 430 34.22 35.88 8.57
CA LYS E 430 34.93 36.91 7.81
C LYS E 430 35.60 37.91 8.73
N ASP E 431 34.87 38.36 9.76
CA ASP E 431 35.42 39.37 10.66
C ASP E 431 36.66 38.85 11.38
N MET E 432 36.61 37.59 11.84
CA MET E 432 37.75 37.04 12.57
C MET E 432 38.90 36.74 11.62
N GLU E 433 38.60 36.47 10.35
CA GLU E 433 39.66 36.42 9.35
C GLU E 433 40.35 37.77 9.25
N GLU E 434 39.57 38.85 9.25
CA GLU E 434 40.15 40.19 9.16
C GLU E 434 41.06 40.47 10.34
N ALA E 435 40.85 39.76 11.45
CA ALA E 435 41.66 39.97 12.64
C ALA E 435 43.10 39.52 12.41
N GLY E 436 44.03 40.22 13.05
CA GLY E 436 45.44 39.94 12.88
C GLY E 436 46.08 39.15 14.00
N SER E 437 45.79 39.51 15.25
CA SER E 437 46.42 38.85 16.39
C SER E 437 45.51 37.77 16.94
N ASN E 438 46.11 36.69 17.45
CA ASN E 438 45.33 35.55 17.93
C ASN E 438 44.46 35.93 19.12
N GLU E 439 45.00 36.71 20.05
CA GLU E 439 44.26 37.03 21.27
C GLU E 439 42.97 37.78 20.95
N GLU E 440 43.04 38.78 20.08
CA GLU E 440 41.85 39.57 19.81
C GLU E 440 40.83 38.77 18.98
N LYS E 441 41.31 37.90 18.08
CA LYS E 441 40.37 37.12 17.28
C LYS E 441 39.66 36.08 18.14
N VAL E 442 40.38 35.42 19.05
CA VAL E 442 39.68 34.50 19.95
C VAL E 442 38.75 35.29 20.87
N SER E 443 39.13 36.52 21.21
CA SER E 443 38.25 37.36 22.02
C SER E 443 36.93 37.61 21.31
N ILE E 444 36.98 38.01 20.04
CA ILE E 444 35.75 38.31 19.32
C ILE E 444 34.94 37.02 19.08
N LEU E 445 35.64 35.91 18.83
CA LEU E 445 34.95 34.64 18.65
C LEU E 445 34.15 34.28 19.88
N LEU E 446 34.80 34.29 21.05
CA LEU E 446 34.07 33.95 22.27
C LEU E 446 33.06 35.02 22.62
N ASP E 447 33.28 36.26 22.21
CA ASP E 447 32.28 37.30 22.40
C ASP E 447 30.99 36.92 21.71
N PHE E 448 31.08 36.59 20.42
CA PHE E 448 29.89 36.19 19.69
C PHE E 448 29.25 34.95 20.31
N LEU E 449 30.06 33.94 20.62
CA LEU E 449 29.51 32.72 21.19
C LEU E 449 28.78 33.01 22.50
N ASN E 450 29.29 33.95 23.28
CA ASN E 450 28.59 34.38 24.49
C ASN E 450 27.29 35.07 24.17
N ARG E 451 27.28 35.89 23.11
CA ARG E 451 26.02 36.50 22.68
C ARG E 451 24.99 35.44 22.36
N VAL E 452 25.43 34.27 21.90
CA VAL E 452 24.47 33.24 21.50
C VAL E 452 24.32 32.14 22.54
N ASN E 453 25.41 31.73 23.18
CA ASN E 453 25.41 30.61 24.11
C ASN E 453 26.56 30.78 25.09
N LYS E 454 26.23 31.19 26.32
CA LYS E 454 27.26 31.58 27.28
C LYS E 454 28.00 30.36 27.85
N GLU E 455 27.27 29.31 28.23
CA GLU E 455 27.91 28.16 28.88
C GLU E 455 28.83 27.42 27.91
N GLU E 456 28.36 27.20 26.69
CA GLU E 456 29.22 26.62 25.67
C GLU E 456 30.42 27.52 25.40
N THR E 457 30.23 28.83 25.55
CA THR E 457 31.37 29.75 25.48
C THR E 457 32.37 29.47 26.59
N GLU E 458 31.87 29.20 27.80
CA GLU E 458 32.78 28.86 28.89
C GLU E 458 33.55 27.61 28.58
N LEU E 459 32.89 26.62 27.98
CA LEU E 459 33.60 25.41 27.61
C LEU E 459 34.67 25.71 26.56
N MET E 460 34.35 26.54 25.56
CA MET E 460 35.37 26.94 24.59
C MET E 460 36.54 27.63 25.26
N GLU E 461 36.27 28.52 26.22
CA GLU E 461 37.37 29.24 26.83
C GLU E 461 38.25 28.29 27.63
N GLU E 462 37.64 27.31 28.29
CA GLU E 462 38.42 26.29 28.97
C GLU E 462 39.29 25.53 27.97
N PHE E 463 38.70 25.16 26.83
CA PHE E 463 39.47 24.41 25.83
C PHE E 463 40.65 25.24 25.31
N ILE E 464 40.39 26.49 24.95
CA ILE E 464 41.45 27.30 24.35
C ILE E 464 42.54 27.58 25.37
N ASN E 465 42.17 27.76 26.64
CA ASN E 465 43.18 27.84 27.68
C ASN E 465 43.98 26.55 27.75
N SER E 466 43.30 25.43 27.52
CA SER E 466 43.98 24.14 27.55
C SER E 466 44.95 24.00 26.39
N LEU E 467 44.59 24.55 25.24
CA LEU E 467 45.37 24.31 24.03
C LEU E 467 46.70 25.05 24.06
N ASN E 468 47.71 24.44 23.44
CA ASN E 468 49.02 25.05 23.25
C ASN E 468 49.00 25.98 22.04
N LYS E 469 49.94 26.94 22.04
CA LYS E 469 49.92 28.03 21.07
C LYS E 469 49.83 27.57 19.63
N THR E 470 50.74 26.69 19.21
CA THR E 470 50.73 26.24 17.81
C THR E 470 49.45 25.47 17.51
N GLU E 471 49.06 24.57 18.41
CA GLU E 471 47.79 23.87 18.27
C GLU E 471 46.64 24.87 18.24
N LEU E 472 46.73 25.93 19.03
CA LEU E 472 45.68 26.94 19.06
C LEU E 472 45.56 27.61 17.70
N GLU E 473 46.70 27.94 17.08
CA GLU E 473 46.70 28.53 15.76
C GLU E 473 46.10 27.59 14.72
N GLU E 474 46.48 26.31 14.78
CA GLU E 474 45.89 25.32 13.88
C GLU E 474 44.38 25.27 14.09
N PHE E 475 43.94 25.45 15.32
CA PHE E 475 42.51 25.48 15.60
C PHE E 475 41.83 26.65 14.92
N LEU E 476 42.37 27.87 15.07
CA LEU E 476 41.75 29.00 14.38
C LEU E 476 41.75 28.81 12.88
N ASN E 477 42.79 28.17 12.35
CA ASN E 477 42.81 27.85 10.93
C ASN E 477 41.63 26.95 10.57
N ASP E 478 41.38 25.94 11.40
CA ASP E 478 40.24 25.06 11.16
C ASP E 478 38.92 25.83 11.23
N ILE E 479 38.80 26.77 12.17
CA ILE E 479 37.60 27.58 12.26
C ILE E 479 37.41 28.40 11.01
N ILE E 480 38.46 29.10 10.57
CA ILE E 480 38.29 29.97 9.41
C ILE E 480 38.01 29.16 8.16
N GLU E 481 38.46 27.91 8.10
CA GLU E 481 38.29 27.23 6.83
C GLU E 481 37.01 26.39 6.85
N ASN E 482 36.69 25.78 8.00
CA ASN E 482 35.40 25.10 8.13
C ASN E 482 34.30 26.08 8.52
N GLY E 483 34.39 26.67 9.70
CA GLY E 483 33.35 27.47 10.31
C GLY E 483 33.40 27.34 11.81
N ILE E 484 32.37 27.87 12.48
CA ILE E 484 32.24 27.75 13.93
C ILE E 484 31.01 26.91 14.21
N PRO E 485 31.09 25.93 15.11
CA PRO E 485 29.88 25.20 15.51
C PRO E 485 29.08 26.01 16.50
N ILE E 486 27.76 25.81 16.49
CA ILE E 486 26.86 26.44 17.44
C ILE E 486 26.07 25.35 18.15
N CYS E 487 26.04 25.41 19.47
CA CYS E 487 25.23 24.50 20.27
C CYS E 487 23.83 25.09 20.39
N GLN E 488 22.81 24.26 20.21
CA GLN E 488 21.43 24.69 20.31
C GLN E 488 20.59 23.61 20.99
N LYS E 489 20.08 23.92 22.16
CA LYS E 489 19.32 22.95 22.91
C LYS E 489 17.94 22.74 22.29
N PRO E 490 17.42 21.52 22.33
CA PRO E 490 16.10 21.27 21.73
C PRO E 490 14.99 22.12 22.29
N PHE E 491 14.82 22.17 23.61
CA PHE E 491 13.67 22.87 24.15
C PHE E 491 14.02 23.84 25.28
N PHE E 492 15.09 23.56 26.00
CA PHE E 492 15.45 24.38 27.16
C PHE E 492 16.84 24.97 26.96
N GLY E 493 16.89 26.26 26.63
CA GLY E 493 18.14 26.94 26.40
C GLY E 493 18.37 27.41 24.99
N ASN E 494 17.39 27.26 24.10
CA ASN E 494 17.57 27.67 22.71
C ASN E 494 17.36 29.17 22.55
N ILE E 495 17.57 29.65 21.33
CA ILE E 495 17.43 31.07 21.06
C ILE E 495 15.97 31.41 20.80
N GLY E 496 15.62 32.67 21.05
CA GLY E 496 14.31 33.19 20.70
C GLY E 496 14.45 34.42 19.82
N LEU E 497 13.33 35.12 19.66
CA LEU E 497 13.32 36.29 18.79
C LEU E 497 14.16 37.43 19.38
N ASP E 498 14.10 37.59 20.71
CA ASP E 498 14.72 38.77 21.33
C ASP E 498 16.23 38.77 21.19
N GLU E 499 16.86 37.60 21.31
CA GLU E 499 18.31 37.55 21.17
C GLU E 499 18.74 37.87 19.75
N LEU E 500 17.98 37.39 18.76
CA LEU E 500 18.25 37.76 17.38
C LEU E 500 18.07 39.25 17.17
N TRP E 501 17.03 39.82 17.80
CA TRP E 501 16.81 41.26 17.77
C TRP E 501 18.05 42.00 18.28
N GLU E 502 18.54 41.58 19.44
CA GLU E 502 19.72 42.22 20.02
C GLU E 502 20.93 42.06 19.11
N LEU E 503 21.10 40.87 18.53
CA LEU E 503 22.23 40.62 17.65
C LEU E 503 22.21 41.57 16.46
N TYR E 504 21.05 41.70 15.81
CA TYR E 504 20.98 42.58 14.64
C TYR E 504 21.16 44.03 15.05
N ASN E 505 20.68 44.39 16.24
CA ASN E 505 20.88 45.76 16.71
C ASN E 505 22.35 46.07 16.90
N HIS E 506 23.09 45.17 17.54
CA HIS E 506 24.50 45.43 17.79
C HIS E 506 25.32 45.23 16.51
N TYR E 507 24.92 44.26 15.69
CA TYR E 507 25.66 43.94 14.47
C TYR E 507 25.17 44.79 13.30
N ASP E 508 25.41 46.10 13.41
CA ASP E 508 25.02 47.03 12.35
C ASP E 508 25.81 46.79 11.07
N HIS E 509 26.90 46.02 11.13
CA HIS E 509 27.65 45.73 9.92
C HIS E 509 27.00 44.64 9.09
N ILE E 510 26.02 43.93 9.64
CA ILE E 510 25.29 42.93 8.88
C ILE E 510 24.53 43.62 7.75
N ASP E 511 24.50 42.98 6.58
CA ASP E 511 23.88 43.57 5.41
C ASP E 511 23.38 42.48 4.49
N TYR E 512 22.30 42.77 3.77
CA TYR E 512 21.75 41.83 2.81
C TYR E 512 22.76 41.53 1.71
N PHE E 513 22.79 40.29 1.26
CA PHE E 513 23.67 39.90 0.17
C PHE E 513 23.11 40.37 -1.16
N LYS E 514 23.90 41.15 -1.89
CA LYS E 514 23.46 41.75 -3.15
C LYS E 514 23.86 40.84 -4.30
N CYS E 515 22.96 39.93 -4.68
CA CYS E 515 23.23 39.04 -5.78
C CYS E 515 23.23 39.81 -7.10
N GLU E 516 24.03 39.32 -8.05
CA GLU E 516 24.18 39.98 -9.33
C GLU E 516 22.91 39.83 -10.16
N GLY E 517 22.50 40.91 -10.82
CA GLY E 517 21.36 40.86 -11.72
C GLY E 517 20.03 40.56 -11.06
N ILE E 518 20.02 40.17 -9.80
CA ILE E 518 18.78 39.84 -9.10
C ILE E 518 18.29 41.10 -8.40
N SER E 519 17.00 41.38 -8.55
CA SER E 519 16.44 42.63 -8.04
C SER E 519 16.51 42.72 -6.52
N THR E 520 16.25 41.63 -5.79
CA THR E 520 16.21 41.71 -4.34
C THR E 520 17.51 41.17 -3.76
N PRO E 521 17.96 41.70 -2.64
CA PRO E 521 19.17 41.16 -2.01
C PRO E 521 18.87 39.94 -1.16
N LEU E 522 18.78 38.78 -1.79
CA LEU E 522 18.42 37.54 -1.10
C LEU E 522 19.49 37.18 -0.06
N ILE E 523 19.20 36.12 0.69
CA ILE E 523 20.02 35.70 1.82
C ILE E 523 20.42 34.24 1.63
N ILE E 524 21.69 33.95 1.86
CA ILE E 524 22.25 32.61 1.70
C ILE E 524 22.71 32.12 3.07
N GLY E 525 22.37 30.88 3.41
CA GLY E 525 22.81 30.31 4.67
C GLY E 525 22.96 28.80 4.64
N GLU E 526 23.68 28.26 5.61
CA GLU E 526 23.84 26.81 5.69
C GLU E 526 22.59 26.19 6.31
N ILE E 527 22.15 25.06 5.75
CA ILE E 527 21.07 24.28 6.34
C ILE E 527 21.43 22.80 6.22
N TYR E 528 21.13 22.03 7.27
CA TYR E 528 21.35 20.59 7.22
C TYR E 528 20.36 19.93 6.27
N MET E 529 20.83 18.90 5.57
CA MET E 529 20.03 18.15 4.61
C MET E 529 20.23 16.67 4.84
N VAL E 530 19.16 15.91 4.62
CA VAL E 530 19.19 14.45 4.64
C VAL E 530 18.32 13.94 3.50
N ARG E 531 18.78 12.89 2.83
CA ARG E 531 18.09 12.35 1.68
C ARG E 531 17.26 11.13 2.08
N LEU E 532 16.01 11.09 1.61
CA LEU E 532 15.11 10.00 1.94
C LEU E 532 15.34 8.81 1.03
N LYS E 533 14.38 7.87 1.06
CA LYS E 533 14.55 6.65 0.26
C LYS E 533 13.58 6.62 -0.91
N HIS E 534 12.41 7.22 -0.77
CA HIS E 534 11.40 7.14 -1.82
C HIS E 534 11.96 7.68 -3.12
N GLU E 535 12.22 6.78 -4.06
CA GLU E 535 12.83 7.15 -5.32
C GLU E 535 11.84 6.86 -6.45
N PRO E 536 11.93 7.60 -7.55
CA PRO E 536 11.01 7.34 -8.67
C PRO E 536 11.16 5.95 -9.24
N HIS E 537 12.31 5.33 -9.03
CA HIS E 537 12.53 4.00 -9.59
C HIS E 537 11.70 2.95 -8.86
N SER E 538 11.17 3.28 -7.68
CA SER E 538 10.46 2.28 -6.89
C SER E 538 9.05 1.98 -7.42
N LYS E 539 8.47 2.86 -8.23
CA LYS E 539 7.17 2.62 -8.86
C LYS E 539 7.33 2.96 -10.34
N PHE E 540 7.66 1.94 -11.14
CA PHE E 540 7.92 2.12 -12.55
C PHE E 540 7.38 0.94 -13.35
N SER E 541 6.17 0.50 -13.06
CA SER E 541 5.62 -0.65 -13.78
C SER E 541 5.15 -0.22 -15.15
N ALA E 542 5.55 -0.97 -16.17
CA ALA E 542 5.18 -0.71 -17.55
C ALA E 542 5.22 -2.04 -18.30
N ARG E 543 4.12 -2.40 -18.92
CA ARG E 543 3.98 -3.70 -19.56
C ARG E 543 3.49 -3.56 -21.00
N SER E 544 4.07 -4.35 -21.90
CA SER E 544 3.57 -4.46 -23.26
C SER E 544 2.82 -5.76 -23.49
N THR E 545 3.46 -6.91 -23.25
CA THR E 545 2.81 -8.20 -23.41
C THR E 545 3.55 -9.24 -22.57
N SER E 546 2.98 -9.56 -21.42
CA SER E 546 3.57 -10.54 -20.52
C SER E 546 2.62 -11.72 -20.29
N PHE E 547 3.00 -12.59 -19.37
CA PHE E 547 2.29 -13.84 -19.17
C PHE E 547 0.85 -13.59 -18.76
N MET E 548 -0.07 -14.31 -19.39
CA MET E 548 -1.47 -14.25 -19.05
C MET E 548 -1.84 -15.36 -18.07
N ASN E 549 -2.92 -15.15 -17.34
CA ASN E 549 -3.33 -16.10 -16.32
C ASN E 549 -4.17 -17.21 -16.93
N LEU E 550 -4.72 -18.07 -16.07
CA LEU E 550 -5.54 -19.18 -16.55
C LEU E 550 -6.78 -18.68 -17.28
N ARG E 551 -7.28 -17.51 -16.91
CA ARG E 551 -8.43 -16.95 -17.59
C ARG E 551 -8.08 -16.23 -18.88
N GLY E 552 -6.86 -16.41 -19.39
CA GLY E 552 -6.47 -15.71 -20.60
C GLY E 552 -6.48 -14.21 -20.44
N LEU E 553 -6.10 -13.72 -19.27
CA LEU E 553 -6.11 -12.31 -18.94
C LEU E 553 -4.76 -11.90 -18.38
N PRO E 554 -4.41 -10.62 -18.45
CA PRO E 554 -3.13 -10.18 -17.90
C PRO E 554 -3.05 -10.44 -16.42
N ALA E 555 -1.85 -10.76 -15.95
CA ALA E 555 -1.61 -11.01 -14.53
C ALA E 555 -0.14 -10.77 -14.22
N LYS E 556 0.14 -10.30 -13.01
CA LYS E 556 1.52 -10.06 -12.63
C LYS E 556 2.27 -11.38 -12.46
N SER E 557 3.58 -11.29 -12.32
CA SER E 557 4.43 -12.46 -12.31
C SER E 557 5.56 -12.29 -11.30
N LYS E 558 6.32 -13.37 -11.12
CA LYS E 558 7.39 -13.39 -10.14
C LYS E 558 8.77 -13.21 -10.76
N ASN E 559 8.85 -12.82 -12.04
CA ASN E 559 10.16 -12.63 -12.65
C ASN E 559 10.91 -11.47 -12.02
N PHE E 560 10.20 -10.41 -11.64
CA PHE E 560 10.87 -9.22 -11.12
C PHE E 560 11.64 -9.51 -9.85
N LYS E 561 11.05 -10.27 -8.94
CA LYS E 561 11.74 -10.60 -7.71
C LYS E 561 12.99 -11.41 -7.98
N GLU E 562 12.92 -12.36 -8.90
CA GLU E 562 14.07 -13.17 -9.26
C GLU E 562 15.02 -12.44 -10.21
N HIS E 563 14.84 -11.14 -10.39
CA HIS E 563 15.71 -10.29 -11.21
C HIS E 563 15.72 -10.72 -12.67
N LYS E 564 14.63 -11.25 -13.19
CA LYS E 564 14.52 -11.61 -14.59
C LYS E 564 13.97 -10.49 -15.46
N ASP E 565 13.50 -9.40 -14.86
CA ASP E 565 12.90 -8.29 -15.60
C ASP E 565 13.59 -7.00 -15.19
N LEU E 566 13.99 -6.20 -16.18
CA LEU E 566 14.64 -4.93 -15.86
C LEU E 566 13.70 -4.00 -15.14
N TYR E 567 12.48 -3.85 -15.63
CA TYR E 567 11.46 -3.01 -15.01
C TYR E 567 10.40 -3.89 -14.36
N SER E 568 9.62 -3.29 -13.46
CA SER E 568 8.69 -4.05 -12.65
C SER E 568 7.59 -4.68 -13.50
N LYS E 569 7.06 -3.93 -14.46
CA LYS E 569 6.07 -4.42 -15.44
C LYS E 569 4.90 -5.16 -14.78
N THR E 570 4.13 -4.42 -14.01
CA THR E 570 2.87 -4.95 -13.50
C THR E 570 1.70 -4.13 -14.01
N PRO E 571 0.74 -4.75 -14.67
CA PRO E 571 -0.28 -3.98 -15.40
C PRO E 571 -1.18 -3.19 -14.49
N VAL E 572 -1.86 -2.20 -15.06
CA VAL E 572 -2.86 -1.39 -14.38
C VAL E 572 -4.23 -1.95 -14.69
N ARG E 573 -5.14 -1.87 -13.71
CA ARG E 573 -6.51 -2.29 -13.92
C ARG E 573 -7.44 -1.09 -13.93
N ILE E 574 -8.48 -1.18 -14.75
CA ILE E 574 -9.48 -0.12 -14.83
C ILE E 574 -10.60 -0.42 -13.85
N GLY E 575 -10.98 0.58 -13.06
CA GLY E 575 -11.96 0.36 -12.01
C GLY E 575 -13.27 1.09 -12.26
N ASN E 576 -14.02 1.28 -11.17
CA ASN E 576 -15.37 1.83 -11.27
C ASN E 576 -15.37 3.18 -11.95
N MET E 577 -14.76 4.18 -11.30
CA MET E 577 -14.81 5.52 -11.84
C MET E 577 -14.03 5.63 -13.13
N GLU E 578 -13.13 4.67 -13.40
CA GLU E 578 -12.44 4.68 -14.68
C GLU E 578 -13.42 4.47 -15.83
N ILE E 579 -14.22 3.40 -15.75
CA ILE E 579 -15.22 3.15 -16.78
C ILE E 579 -16.25 4.27 -16.78
N SER E 580 -16.57 4.77 -15.60
CA SER E 580 -17.53 5.87 -15.50
C SER E 580 -17.06 7.09 -16.28
N ASN E 581 -15.85 7.56 -16.01
CA ASN E 581 -15.34 8.77 -16.65
C ASN E 581 -15.09 8.53 -18.12
N LEU E 582 -14.64 7.34 -18.49
CA LEU E 582 -14.51 7.05 -19.91
C LEU E 582 -15.86 7.09 -20.60
N SER E 583 -16.92 6.73 -19.88
CA SER E 583 -18.26 6.84 -20.42
C SER E 583 -18.83 8.24 -20.26
N LEU E 584 -18.08 9.18 -19.68
CA LEU E 584 -18.51 10.58 -19.75
C LEU E 584 -18.66 11.02 -21.19
N THR E 585 -17.79 10.53 -22.07
CA THR E 585 -18.01 10.74 -23.50
C THR E 585 -19.01 9.73 -24.03
N ASN E 586 -19.79 10.17 -25.01
CA ASN E 586 -20.92 9.38 -25.51
C ASN E 586 -20.45 8.36 -26.54
N GLU E 587 -19.49 7.54 -26.13
CA GLU E 587 -18.82 6.61 -27.02
C GLU E 587 -18.71 5.24 -26.38
N MET E 588 -19.81 4.75 -25.82
CA MET E 588 -19.79 3.46 -25.12
C MET E 588 -19.26 2.35 -26.02
N GLY E 589 -19.66 2.37 -27.30
CA GLY E 589 -19.10 1.42 -28.24
C GLY E 589 -17.59 1.51 -28.32
N SER E 590 -17.06 2.74 -28.31
CA SER E 590 -15.62 2.92 -28.36
C SER E 590 -14.93 2.33 -27.13
N ILE E 591 -15.50 2.57 -25.95
CA ILE E 591 -14.90 2.05 -24.73
C ILE E 591 -14.90 0.52 -24.75
N MET E 592 -16.02 -0.06 -25.17
CA MET E 592 -16.10 -1.51 -25.27
C MET E 592 -15.08 -2.03 -26.28
N ASP E 593 -14.92 -1.32 -27.40
CA ASP E 593 -13.93 -1.72 -28.38
C ASP E 593 -12.54 -1.72 -27.78
N MET E 594 -12.21 -0.68 -27.02
CA MET E 594 -10.88 -0.63 -26.42
C MET E 594 -10.69 -1.78 -25.44
N LEU E 595 -11.67 -2.03 -24.58
CA LEU E 595 -11.51 -3.09 -23.60
C LEU E 595 -11.37 -4.45 -24.29
N ASN E 596 -12.15 -4.68 -25.34
CA ASN E 596 -12.05 -5.93 -26.07
C ASN E 596 -10.71 -6.07 -26.77
N SER E 597 -10.20 -4.96 -27.32
CA SER E 597 -8.96 -5.04 -28.08
C SER E 597 -7.76 -5.25 -27.17
N TYR E 598 -7.78 -4.66 -25.97
CA TYR E 598 -6.60 -4.74 -25.12
C TYR E 598 -6.49 -6.11 -24.47
N SER E 599 -7.45 -6.47 -23.63
CA SER E 599 -7.26 -7.67 -22.82
C SER E 599 -8.37 -8.69 -22.93
N ASN E 600 -9.62 -8.23 -23.00
CA ASN E 600 -10.74 -9.16 -22.84
C ASN E 600 -10.75 -10.23 -23.93
N ASN E 601 -10.79 -9.82 -25.18
CA ASN E 601 -10.97 -10.75 -26.29
C ASN E 601 -9.60 -11.20 -26.78
N GLU E 602 -9.38 -12.51 -26.81
CA GLU E 602 -8.12 -13.02 -27.34
C GLU E 602 -7.99 -12.75 -28.82
N THR E 603 -9.04 -13.06 -29.59
CA THR E 603 -8.96 -12.87 -31.03
C THR E 603 -8.78 -11.40 -31.37
N ASN E 604 -9.48 -10.52 -30.68
CA ASN E 604 -9.37 -9.09 -30.99
C ASN E 604 -7.98 -8.56 -30.68
N ARG E 605 -7.40 -8.96 -29.54
CA ARG E 605 -6.05 -8.50 -29.23
C ARG E 605 -5.06 -9.05 -30.24
N ARG E 606 -5.24 -10.31 -30.66
CA ARG E 606 -4.33 -10.89 -31.63
C ARG E 606 -4.40 -10.11 -32.94
N GLU E 607 -5.62 -9.80 -33.41
CA GLU E 607 -5.72 -9.08 -34.67
C GLU E 607 -5.19 -7.66 -34.52
N LEU E 608 -5.28 -7.09 -33.32
CA LEU E 608 -4.66 -5.78 -33.09
C LEU E 608 -3.15 -5.87 -33.28
N ILE E 609 -2.50 -6.86 -32.67
CA ILE E 609 -1.05 -6.99 -32.86
C ILE E 609 -0.70 -7.23 -34.31
N MET E 610 -1.47 -8.10 -34.99
CA MET E 610 -1.24 -8.36 -36.40
C MET E 610 -1.29 -7.09 -37.23
N GLN E 611 -2.37 -6.32 -37.09
CA GLN E 611 -2.52 -5.13 -37.90
C GLN E 611 -1.43 -4.13 -37.54
N LEU E 612 -1.14 -4.02 -36.24
CA LEU E 612 -0.27 -2.94 -35.76
C LEU E 612 1.19 -3.19 -36.10
N LEU E 613 1.61 -4.44 -36.13
CA LEU E 613 3.02 -4.73 -36.39
C LEU E 613 3.43 -4.26 -37.77
N THR E 614 2.70 -4.67 -38.79
CA THR E 614 2.96 -4.26 -40.15
C THR E 614 2.15 -3.01 -40.45
N GLY E 615 2.04 -2.65 -41.73
CA GLY E 615 1.35 -1.43 -42.08
C GLY E 615 2.22 -0.22 -41.79
N ASN E 616 1.64 0.95 -42.06
CA ASN E 616 2.38 2.19 -41.87
C ASN E 616 2.64 2.40 -40.38
N PRO E 617 3.90 2.55 -39.96
CA PRO E 617 4.14 2.88 -38.54
C PRO E 617 3.53 4.19 -38.12
N PHE E 618 3.48 5.18 -39.02
CA PHE E 618 2.96 6.49 -38.64
C PHE E 618 1.44 6.50 -38.54
N ASP E 619 0.76 5.75 -39.42
CA ASP E 619 -0.70 5.70 -39.45
C ASP E 619 -1.18 4.29 -39.13
N THR E 620 -1.98 4.15 -38.09
CA THR E 620 -2.52 2.85 -37.66
C THR E 620 -4.02 2.86 -37.92
N ASN E 621 -4.45 2.02 -38.87
CA ASN E 621 -5.86 1.89 -39.22
C ASN E 621 -6.31 0.51 -38.76
N ILE E 622 -6.74 0.42 -37.50
CA ILE E 622 -7.14 -0.86 -36.93
C ILE E 622 -8.48 -1.29 -37.50
N ASP E 623 -8.70 -2.61 -37.50
CA ASP E 623 -9.97 -3.20 -37.92
C ASP E 623 -10.35 -4.23 -36.86
N LEU E 624 -11.59 -4.16 -36.37
CA LEU E 624 -12.02 -5.02 -35.28
C LEU E 624 -13.13 -5.96 -35.74
N SER E 625 -13.10 -7.18 -35.24
CA SER E 625 -14.12 -8.17 -35.51
C SER E 625 -15.28 -8.02 -34.54
N ASP E 626 -16.18 -9.01 -34.53
CA ASP E 626 -17.29 -9.04 -33.60
C ASP E 626 -17.35 -10.33 -32.79
N VAL E 627 -16.23 -11.06 -32.70
CA VAL E 627 -16.23 -12.31 -31.93
C VAL E 627 -16.57 -12.01 -30.49
N GLU E 628 -17.33 -12.90 -29.86
CA GLU E 628 -17.70 -12.71 -28.47
C GLU E 628 -16.47 -12.76 -27.57
N SER E 629 -16.42 -11.82 -26.62
CA SER E 629 -15.26 -11.71 -25.74
C SER E 629 -15.20 -12.91 -24.80
N GLY E 630 -14.01 -13.15 -24.25
CA GLY E 630 -13.86 -14.23 -23.29
C GLY E 630 -14.65 -14.01 -22.01
N THR E 631 -14.74 -12.76 -21.57
CA THR E 631 -15.48 -12.46 -20.35
C THR E 631 -16.95 -12.83 -20.51
N SER E 632 -17.55 -12.47 -21.64
CA SER E 632 -18.95 -12.79 -21.87
C SER E 632 -19.16 -14.30 -21.91
N LYS E 633 -18.24 -15.03 -22.56
CA LYS E 633 -18.41 -16.47 -22.65
C LYS E 633 -18.29 -17.14 -21.29
N ILE E 634 -17.33 -16.70 -20.47
CA ILE E 634 -17.19 -17.32 -19.16
C ILE E 634 -18.37 -16.95 -18.26
N LEU E 635 -18.92 -15.75 -18.42
CA LEU E 635 -20.14 -15.41 -17.69
C LEU E 635 -21.29 -16.29 -18.14
N LYS E 636 -21.35 -16.58 -19.44
CA LYS E 636 -22.36 -17.51 -19.95
C LYS E 636 -22.21 -18.87 -19.29
N SER E 637 -20.97 -19.34 -19.16
CA SER E 637 -20.75 -20.61 -18.47
C SER E 637 -21.22 -20.54 -17.03
N LEU E 638 -20.91 -19.43 -16.34
CA LEU E 638 -21.38 -19.21 -14.97
C LEU E 638 -22.89 -19.38 -14.88
N PHE E 639 -23.62 -18.67 -15.74
CA PHE E 639 -25.07 -18.70 -15.68
C PHE E 639 -25.64 -20.06 -16.03
N THR E 640 -25.19 -20.64 -17.14
CA THR E 640 -25.73 -21.93 -17.57
C THR E 640 -25.48 -22.99 -16.53
N CYS E 641 -24.30 -22.99 -15.91
CA CYS E 641 -24.02 -24.00 -14.90
C CYS E 641 -24.73 -23.72 -13.58
N LEU E 642 -25.10 -22.46 -13.33
CA LEU E 642 -25.93 -22.16 -12.17
C LEU E 642 -27.35 -22.68 -12.34
N GLY E 643 -27.76 -23.00 -13.57
CA GLY E 643 -29.15 -23.18 -13.92
C GLY E 643 -29.76 -21.98 -14.60
N LEU E 644 -29.10 -20.83 -14.55
CA LEU E 644 -29.47 -19.65 -15.30
C LEU E 644 -29.23 -19.89 -16.79
N SER E 645 -29.60 -18.93 -17.63
CA SER E 645 -29.44 -19.08 -19.07
C SER E 645 -29.11 -17.71 -19.66
N ILE E 646 -29.03 -17.65 -20.99
CA ILE E 646 -28.76 -16.43 -21.72
C ILE E 646 -29.85 -16.23 -22.76
N ASP E 647 -30.39 -15.02 -22.83
CA ASP E 647 -31.40 -14.73 -23.85
C ASP E 647 -31.44 -13.21 -24.06
N ASP E 648 -30.81 -12.76 -25.14
CA ASP E 648 -30.87 -11.34 -25.48
C ASP E 648 -32.28 -10.97 -25.92
N VAL E 649 -32.67 -9.72 -25.63
CA VAL E 649 -34.00 -9.16 -25.89
C VAL E 649 -35.11 -10.18 -25.63
ZN ZN F . -38.97 19.03 -21.65
#